data_8VVN
#
_entry.id   8VVN
#
_cell.length_a   1.00
_cell.length_b   1.00
_cell.length_c   1.00
_cell.angle_alpha   90.00
_cell.angle_beta   90.00
_cell.angle_gamma   90.00
#
_symmetry.space_group_name_H-M   'P 1'
#
loop_
_entity.id
_entity.type
_entity.pdbx_description
1 polymer 'Chemotaxis protein MotB-related protein'
2 polymer 'MotA/TolQ/ExbB proton channel domain-containing protein'
3 non-polymer 'SODIUM ION'
4 water water
#
loop_
_entity_poly.entity_id
_entity_poly.type
_entity_poly.pdbx_seq_one_letter_code
_entity_poly.pdbx_strand_id
1 'polypeptide(L)'
;MDRLFTRGSTKVDEENPYWMSFSDLMSGLLVIFILAAVALIIELTQKSEQIDASIEELKKAEEARRNILIDIKEELAKQN
IHVEIVENDTVLRIPESTLSFESGKDTLPENTTVKNEVRLIGIALHKAITTNERWKYLDTVFVEGHTDSNGIWYRGKGNW
GLSTDRAVSIWKLWQTEINVAPKLSVLTNYNGQLLFSVSGYADTRRVDLQETTEEQRARNRRIDIRFTVKKPKIEDYEKA
KNVENLYFQGQFGSWSHPQFEKGGGSGGGSGGGSWSHPQFEK
;
B,A
2 'polypeptide(L)'
;MATERQIELSWLLPDFSHLSFHPQTGTALSSLFVAITLTVTLLFIAYLLYKSIDVVLKINWLQKALEPLERKDVAQKKEV
LYQLAKSKSKGKSKGIGFLWMEFDETLVEVRKGDQIEIRNTLDAGHFFNTYTLANSVTENRLIAAVPGFLTALGVIGTFM
GLQLGLADLKLGAGVDVTTMQDGVAGVVNGAKIAFLTSVWGVALSVFFNFFEKLCEQFIRSKIRELEDKVDFLFPRVRPE
EQLQIISENSSESRNVLQGLAEKIGEKMQEAMVTATQGIQSSLESSLSKIMAPAINKLVDETSQGNQKALEGLLESFMDR
FGQAGNLQRSALDDVSNKVNQSVEAMQLTMSNFVEQLQKSQAESGDREKALIADISHQVSKLSSQSEDIHQKLTSYVENQ
IGKISSQMQIREEASAKRDSELVNVIGQQVNELVNNSRRQGELLTSFVETQLNNLTKSFDERDKRSTELETTRNNKIEKQ
TEAIVKISNELISTVEKSVSEQLAAVKHLVSQGETLQNSVNASVEAAAQATQAMKESSIELRVSADHMRVLSSHVNDAGN
KLSGAIKSAVDSTADLANQNQISAQRIENARESLMKDVSRFSELSDQIKALITSASSTFTELKSTQRDFIGNLKEEVESL
SRKMTDMLEEYSQQANGQTAEHLKIWSQSVTDYSTQMNSAVKALSSVVDEMQVKLG
;
C,D,E,F,G
#
loop_
_chem_comp.id
_chem_comp.type
_chem_comp.name
_chem_comp.formula
NA non-polymer 'SODIUM ION' 'Na 1'
#
# COMPACT_ATOMS: atom_id res chain seq x y z
N TRP A 19 -6.69 -8.94 3.52
CA TRP A 19 -5.82 -8.07 2.75
C TRP A 19 -6.55 -7.42 1.58
N MET A 20 -7.60 -8.08 1.08
CA MET A 20 -8.38 -7.49 0.00
C MET A 20 -9.01 -6.17 0.44
N SER A 21 -9.59 -6.15 1.63
CA SER A 21 -10.16 -4.92 2.16
C SER A 21 -9.07 -3.97 2.67
N PHE A 22 -7.96 -4.52 3.16
CA PHE A 22 -6.86 -3.68 3.61
C PHE A 22 -6.25 -2.91 2.45
N SER A 23 -6.07 -3.57 1.31
CA SER A 23 -5.52 -2.89 0.13
C SER A 23 -6.50 -1.86 -0.41
N ASP A 24 -7.80 -2.15 -0.36
CA ASP A 24 -8.80 -1.16 -0.77
C ASP A 24 -8.78 0.05 0.16
N LEU A 25 -8.62 -0.18 1.46
CA LEU A 25 -8.53 0.93 2.40
C LEU A 25 -7.26 1.74 2.16
N MET A 26 -6.13 1.06 1.93
CA MET A 26 -4.88 1.78 1.67
C MET A 26 -4.96 2.57 0.37
N SER A 27 -5.70 2.06 -0.62
CA SER A 27 -5.93 2.82 -1.84
C SER A 27 -6.69 4.10 -1.55
N GLY A 28 -7.67 4.04 -0.65
CA GLY A 28 -8.38 5.24 -0.26
C GLY A 28 -7.48 6.25 0.43
N LEU A 29 -6.56 5.78 1.27
CA LEU A 29 -5.58 6.68 1.87
C LEU A 29 -4.68 7.30 0.82
N LEU A 30 -4.25 6.51 -0.16
CA LEU A 30 -3.40 7.04 -1.22
C LEU A 30 -4.08 8.19 -1.94
N VAL A 31 -5.37 8.03 -2.27
CA VAL A 31 -6.09 9.06 -2.99
C VAL A 31 -6.17 10.34 -2.17
N ILE A 32 -6.45 10.20 -0.87
CA ILE A 32 -6.53 11.37 -0.01
C ILE A 32 -5.18 12.08 0.08
N PHE A 33 -4.11 11.31 0.24
CA PHE A 33 -2.78 11.91 0.26
C PHE A 33 -2.39 12.50 -1.10
N ILE A 34 -2.86 11.91 -2.19
CA ILE A 34 -2.61 12.49 -3.51
C ILE A 34 -3.30 13.85 -3.62
N LEU A 35 -4.55 13.95 -3.14
CA LEU A 35 -5.24 15.22 -3.15
C LEU A 35 -4.50 16.25 -2.30
N ALA A 36 -4.01 15.84 -1.14
CA ALA A 36 -3.27 16.75 -0.28
C ALA A 36 -1.94 17.16 -0.91
N ALA A 37 -1.24 16.22 -1.54
CA ALA A 37 0.05 16.53 -2.14
C ALA A 37 -0.10 17.51 -3.29
N VAL A 38 -1.09 17.29 -4.15
CA VAL A 38 -1.29 18.19 -5.28
C VAL A 38 -1.81 19.55 -4.82
N ALA A 39 -2.69 19.55 -3.82
CA ALA A 39 -3.14 20.82 -3.23
C ALA A 39 -1.98 21.56 -2.58
N LEU A 40 -1.10 20.84 -1.88
CA LEU A 40 0.10 21.45 -1.34
C LEU A 40 0.98 22.03 -2.45
N ILE A 41 1.16 21.27 -3.53
CA ILE A 41 1.99 21.73 -4.64
C ILE A 41 1.38 22.97 -5.28
N ILE A 42 0.06 23.03 -5.36
CA ILE A 42 -0.61 24.17 -5.98
C ILE A 42 -0.32 25.44 -5.18
N GLU A 43 -0.42 25.36 -3.85
CA GLU A 43 -0.13 26.53 -3.01
C GLU A 43 1.36 26.87 -3.05
N LEU A 44 2.22 25.87 -2.99
CA LEU A 44 3.66 26.11 -3.04
C LEU A 44 4.07 26.70 -4.39
N THR A 45 3.46 26.22 -5.47
CA THR A 45 3.72 26.78 -6.78
C THR A 45 3.37 28.26 -6.81
N GLN A 46 2.15 28.61 -6.37
CA GLN A 46 1.75 30.01 -6.35
C GLN A 46 2.67 30.85 -5.46
N LYS A 47 3.05 30.30 -4.30
CA LYS A 47 4.01 31.01 -3.47
C LYS A 47 5.34 31.23 -4.18
N SER A 48 5.70 30.35 -5.10
CA SER A 48 6.93 30.55 -5.87
C SER A 48 6.82 31.74 -6.81
N GLU A 49 5.74 31.85 -7.59
CA GLU A 49 5.64 33.03 -8.45
C GLU A 49 5.47 34.30 -7.64
N GLN A 50 4.88 34.21 -6.44
CA GLN A 50 4.88 35.37 -5.56
C GLN A 50 6.30 35.79 -5.22
N ILE A 51 7.13 34.84 -4.79
CA ILE A 51 8.53 35.16 -4.51
C ILE A 51 9.26 35.55 -5.79
N ASP A 52 9.01 34.84 -6.89
CA ASP A 52 9.65 35.20 -8.15
C ASP A 52 9.26 36.61 -8.60
N ALA A 53 7.98 36.96 -8.50
CA ALA A 53 7.56 38.31 -8.84
C ALA A 53 8.26 39.32 -7.95
N SER A 54 8.40 39.03 -6.65
CA SER A 54 9.07 39.94 -5.73
C SER A 54 10.54 40.10 -6.05
N ILE A 55 11.20 39.06 -6.57
CA ILE A 55 12.59 39.20 -6.95
C ILE A 55 12.72 40.10 -8.18
N GLU A 56 11.76 40.02 -9.10
CA GLU A 56 11.77 40.91 -10.25
C GLU A 56 11.49 42.35 -9.84
N GLU A 57 10.72 42.57 -8.78
CA GLU A 57 10.48 43.94 -8.32
C GLU A 57 11.75 44.58 -7.78
N LEU A 58 12.70 43.78 -7.31
CA LEU A 58 13.95 44.33 -6.79
C LEU A 58 14.87 44.83 -7.89
N LYS A 59 14.66 44.38 -9.12
CA LYS A 59 15.42 44.85 -10.27
C LYS A 59 14.68 45.91 -11.07
N LYS A 60 13.58 46.44 -10.55
CA LYS A 60 12.77 47.36 -11.32
C LYS A 60 13.42 48.74 -11.44
N ALA A 61 14.23 49.15 -10.47
CA ALA A 61 14.89 50.45 -10.55
C ALA A 61 15.88 50.48 -11.71
N GLU A 62 16.68 49.43 -11.84
CA GLU A 62 17.58 49.32 -13.00
C GLU A 62 16.80 49.16 -14.30
N GLU A 63 15.63 48.52 -14.25
CA GLU A 63 14.78 48.46 -15.42
C GLU A 63 14.25 49.83 -15.79
N ALA A 64 13.87 50.64 -14.80
CA ALA A 64 13.38 51.99 -15.07
C ALA A 64 14.47 52.87 -15.65
N ARG A 65 15.70 52.75 -15.14
CA ARG A 65 16.81 53.52 -15.69
C ARG A 65 17.05 53.18 -17.15
N ARG A 66 17.07 51.88 -17.49
CA ARG A 66 17.32 51.49 -18.87
C ARG A 66 16.21 51.99 -19.78
N ASN A 67 14.97 51.98 -19.29
CA ASN A 67 13.84 52.46 -20.10
C ASN A 67 13.87 53.96 -20.30
N ILE A 68 14.40 54.71 -19.33
CA ILE A 68 14.56 56.15 -19.51
C ILE A 68 15.53 56.44 -20.66
N LEU A 69 16.69 55.78 -20.65
CA LEU A 69 17.71 56.07 -21.65
C LEU A 69 17.27 55.66 -23.05
N ILE A 70 16.58 54.51 -23.18
CA ILE A 70 16.07 54.11 -24.48
C ILE A 70 14.99 55.09 -24.94
N ASP A 71 14.20 55.62 -24.01
CA ASP A 71 13.20 56.61 -24.35
C ASP A 71 13.83 57.88 -24.90
N ILE A 72 14.87 58.39 -24.25
CA ILE A 72 15.51 59.61 -24.70
C ILE A 72 16.17 59.40 -26.06
N LYS A 73 16.91 58.29 -26.21
CA LYS A 73 17.59 58.03 -27.46
C LYS A 73 16.61 57.86 -28.60
N GLU A 74 15.55 57.08 -28.39
CA GLU A 74 14.56 56.88 -29.43
C GLU A 74 13.81 58.16 -29.76
N GLU A 75 13.42 58.93 -28.73
CA GLU A 75 12.60 60.11 -28.97
C GLU A 75 13.39 61.16 -29.74
N LEU A 76 14.66 61.33 -29.41
CA LEU A 76 15.54 62.24 -30.12
C LEU A 76 15.98 61.70 -31.48
N ALA A 77 16.08 60.38 -31.62
CA ALA A 77 16.44 59.80 -32.92
C ALA A 77 15.37 60.10 -33.95
N LYS A 78 14.10 60.09 -33.55
CA LYS A 78 13.05 60.49 -34.46
C LYS A 78 13.14 61.96 -34.85
N GLN A 79 13.97 62.75 -34.16
CA GLN A 79 14.14 64.16 -34.46
C GLN A 79 15.55 64.47 -34.97
N ASN A 80 16.26 63.46 -35.46
CA ASN A 80 17.60 63.61 -36.03
C ASN A 80 18.58 64.18 -35.01
N ILE A 81 18.50 63.70 -33.78
CA ILE A 81 19.36 64.13 -32.69
C ILE A 81 20.05 62.89 -32.15
N HIS A 82 21.37 62.84 -32.27
CA HIS A 82 22.12 61.65 -31.90
C HIS A 82 22.63 61.78 -30.48
N VAL A 83 22.18 60.87 -29.61
CA VAL A 83 22.74 60.68 -28.27
C VAL A 83 23.07 59.21 -28.12
N GLU A 84 23.88 58.91 -27.13
CA GLU A 84 24.41 57.57 -26.96
C GLU A 84 24.16 57.08 -25.54
N ILE A 85 23.73 55.84 -25.42
CA ILE A 85 23.60 55.18 -24.13
C ILE A 85 24.89 54.41 -23.88
N VAL A 86 25.60 54.76 -22.80
CA VAL A 86 26.94 54.27 -22.55
C VAL A 86 27.06 53.88 -21.09
N GLU A 87 28.20 53.24 -20.77
CA GLU A 87 28.57 52.88 -19.40
C GLU A 87 27.50 52.01 -18.74
N ASN A 88 27.28 50.83 -19.33
CA ASN A 88 26.37 49.82 -18.79
C ASN A 88 24.95 50.36 -18.66
N ASP A 89 24.50 51.08 -19.69
CA ASP A 89 23.13 51.59 -19.76
C ASP A 89 22.79 52.44 -18.54
N THR A 90 23.71 53.35 -18.19
CA THR A 90 23.52 54.24 -17.06
C THR A 90 23.68 55.71 -17.42
N VAL A 91 24.36 56.03 -18.51
CA VAL A 91 24.74 57.40 -18.83
C VAL A 91 24.23 57.73 -20.22
N LEU A 92 23.58 58.88 -20.36
CA LEU A 92 23.19 59.41 -21.65
C LEU A 92 24.30 60.35 -22.11
N ARG A 93 25.13 59.88 -23.04
CA ARG A 93 26.21 60.71 -23.56
C ARG A 93 25.68 61.64 -24.63
N ILE A 94 26.03 62.92 -24.53
CA ILE A 94 25.68 63.89 -25.56
C ILE A 94 26.97 64.30 -26.24
N PRO A 95 27.27 63.76 -27.43
CA PRO A 95 28.57 64.02 -28.06
C PRO A 95 28.67 65.44 -28.59
N GLU A 96 29.90 65.84 -28.87
CA GLU A 96 30.15 67.17 -29.42
C GLU A 96 29.58 67.32 -30.82
N SER A 97 29.43 66.21 -31.54
CA SER A 97 28.76 66.24 -32.84
C SER A 97 27.31 66.67 -32.70
N THR A 98 26.69 66.38 -31.56
CA THR A 98 25.33 66.78 -31.27
C THR A 98 25.28 68.16 -30.61
N LEU A 99 26.07 68.34 -29.55
CA LEU A 99 26.08 69.57 -28.76
C LEU A 99 27.52 70.04 -28.62
N SER A 100 27.85 71.14 -29.27
CA SER A 100 29.21 71.67 -29.28
C SER A 100 29.21 73.06 -28.66
N PHE A 101 30.05 73.26 -27.65
CA PHE A 101 30.29 74.59 -27.11
C PHE A 101 31.38 75.28 -27.91
N GLU A 102 31.41 76.61 -27.83
CA GLU A 102 32.50 77.35 -28.41
C GLU A 102 33.81 76.97 -27.71
N SER A 103 34.90 76.96 -28.48
CA SER A 103 36.18 76.51 -27.95
C SER A 103 36.63 77.37 -26.79
N GLY A 104 36.91 76.73 -25.66
CA GLY A 104 37.34 77.45 -24.47
C GLY A 104 36.27 78.24 -23.77
N LYS A 105 35.00 78.00 -24.10
CA LYS A 105 33.90 78.76 -23.54
C LYS A 105 32.81 77.82 -23.07
N ASP A 106 32.02 78.28 -22.10
CA ASP A 106 30.93 77.51 -21.55
C ASP A 106 29.59 77.83 -22.19
N THR A 107 29.57 78.69 -23.21
CA THR A 107 28.34 79.11 -23.86
C THR A 107 28.23 78.42 -25.22
N LEU A 108 27.02 77.96 -25.54
CA LEU A 108 26.77 77.40 -26.85
C LEU A 108 26.73 78.53 -27.89
N PRO A 109 27.15 78.25 -29.13
CA PRO A 109 27.22 79.32 -30.13
C PRO A 109 25.83 79.80 -30.55
N GLU A 110 25.78 81.05 -31.02
CA GLU A 110 24.54 81.69 -31.42
C GLU A 110 24.24 81.40 -32.90
N ASN A 111 24.06 80.11 -33.19
CA ASN A 111 23.68 79.66 -34.53
C ASN A 111 22.23 79.23 -34.60
N THR A 112 21.40 79.65 -33.65
CA THR A 112 19.95 79.48 -33.60
C THR A 112 19.49 78.06 -33.90
N THR A 113 20.40 77.10 -33.79
CA THR A 113 20.08 75.70 -33.98
C THR A 113 20.45 74.84 -32.79
N VAL A 114 21.63 75.07 -32.20
CA VAL A 114 22.00 74.32 -31.01
C VAL A 114 21.10 74.69 -29.85
N LYS A 115 20.68 75.95 -29.76
CA LYS A 115 19.70 76.33 -28.75
C LYS A 115 18.40 75.56 -28.93
N ASN A 116 17.94 75.43 -30.17
CA ASN A 116 16.83 74.54 -30.46
C ASN A 116 17.21 73.08 -30.20
N GLU A 117 18.47 72.73 -30.48
CA GLU A 117 18.91 71.36 -30.31
C GLU A 117 18.86 70.93 -28.84
N VAL A 118 19.25 71.83 -27.94
CA VAL A 118 19.37 71.49 -26.53
C VAL A 118 18.03 71.50 -25.81
N ARG A 119 17.05 72.27 -26.30
CA ARG A 119 15.72 72.23 -25.73
C ARG A 119 15.07 70.87 -25.90
N LEU A 120 15.23 70.26 -27.08
CA LEU A 120 14.62 68.96 -27.33
C LEU A 120 15.26 67.85 -26.49
N ILE A 121 16.52 68.00 -26.10
CA ILE A 121 17.12 67.03 -25.20
C ILE A 121 16.52 67.17 -23.81
N GLY A 122 16.32 68.40 -23.35
CA GLY A 122 15.65 68.61 -22.08
C GLY A 122 14.22 68.11 -22.09
N ILE A 123 13.50 68.36 -23.19
CA ILE A 123 12.13 67.84 -23.33
C ILE A 123 12.13 66.33 -23.34
N ALA A 124 13.07 65.72 -24.07
CA ALA A 124 13.20 64.27 -24.07
C ALA A 124 13.57 63.75 -22.68
N LEU A 125 14.49 64.45 -22.01
CA LEU A 125 14.88 64.05 -20.66
C LEU A 125 13.70 64.15 -19.71
N HIS A 126 12.91 65.21 -19.81
CA HIS A 126 11.72 65.35 -18.98
C HIS A 126 10.72 64.26 -19.27
N LYS A 127 10.41 64.02 -20.54
CA LYS A 127 9.34 63.09 -20.89
C LYS A 127 9.70 61.67 -20.50
N ALA A 128 10.98 61.30 -20.60
CA ALA A 128 11.40 59.96 -20.24
C ALA A 128 11.37 59.73 -18.74
N ILE A 129 11.73 60.75 -17.96
CA ILE A 129 11.68 60.61 -16.51
C ILE A 129 10.25 60.55 -16.00
N THR A 130 9.38 61.41 -16.53
CA THR A 130 8.02 61.49 -16.03
C THR A 130 7.10 60.40 -16.58
N THR A 131 7.51 59.71 -17.64
CA THR A 131 6.70 58.60 -18.15
C THR A 131 6.75 57.44 -17.18
N ASN A 132 5.57 56.93 -16.80
CA ASN A 132 5.40 55.87 -15.81
C ASN A 132 5.93 56.26 -14.44
N GLU A 133 6.17 57.55 -14.21
CA GLU A 133 6.73 58.06 -12.96
C GLU A 133 7.99 57.28 -12.55
N ARG A 134 8.94 57.20 -13.48
CA ARG A 134 10.19 56.48 -13.23
C ARG A 134 11.11 57.23 -12.27
N TRP A 135 10.83 58.48 -11.94
CA TRP A 135 11.62 59.18 -10.97
C TRP A 135 11.49 58.57 -9.58
N LYS A 136 10.46 57.77 -9.35
CA LYS A 136 10.31 57.02 -8.10
C LYS A 136 11.38 55.96 -7.93
N TYR A 137 12.14 55.66 -8.98
CA TYR A 137 13.26 54.73 -8.90
C TYR A 137 14.60 55.43 -9.00
N LEU A 138 14.62 56.72 -9.26
CA LEU A 138 15.86 57.48 -9.44
C LEU A 138 16.31 58.06 -8.11
N ASP A 139 17.63 58.05 -7.90
CA ASP A 139 18.23 58.72 -6.76
C ASP A 139 18.71 60.12 -7.14
N THR A 140 19.62 60.21 -8.10
CA THR A 140 20.11 61.49 -8.58
C THR A 140 20.38 61.38 -10.08
N VAL A 141 20.11 62.45 -10.79
CA VAL A 141 20.52 62.59 -12.19
C VAL A 141 21.58 63.67 -12.25
N PHE A 142 22.77 63.30 -12.72
CA PHE A 142 23.90 64.20 -12.79
C PHE A 142 24.10 64.71 -14.21
N VAL A 143 24.16 66.03 -14.36
CA VAL A 143 24.59 66.66 -15.60
C VAL A 143 26.09 66.86 -15.49
N GLU A 144 26.85 66.08 -16.27
CA GLU A 144 28.30 66.01 -16.13
C GLU A 144 28.97 66.73 -17.30
N GLY A 145 29.90 67.63 -16.98
CA GLY A 145 30.70 68.30 -17.98
C GLY A 145 32.06 67.64 -18.08
N HIS A 146 32.49 67.41 -19.32
CA HIS A 146 33.75 66.74 -19.59
C HIS A 146 34.49 67.50 -20.68
N THR A 147 35.80 67.57 -20.55
CA THR A 147 36.64 68.27 -21.52
C THR A 147 37.75 67.35 -22.00
N ASP A 148 38.54 67.85 -22.94
CA ASP A 148 39.72 67.15 -23.40
C ASP A 148 40.95 67.59 -22.59
N SER A 149 42.07 66.93 -22.86
CA SER A 149 43.29 67.19 -22.09
C SER A 149 43.93 68.53 -22.41
N ASN A 150 43.44 69.25 -23.41
CA ASN A 150 44.03 70.53 -23.77
C ASN A 150 43.92 71.53 -22.64
N GLY A 151 45.03 71.81 -21.97
CA GLY A 151 45.01 72.75 -20.86
C GLY A 151 44.76 74.16 -21.34
N ILE A 152 43.77 74.82 -20.75
CA ILE A 152 43.49 76.22 -20.99
C ILE A 152 43.44 76.93 -19.64
N TRP A 153 43.37 78.25 -19.69
CA TRP A 153 43.45 79.05 -18.47
C TRP A 153 42.06 79.33 -17.89
N TYR A 154 41.16 79.90 -18.69
CA TYR A 154 39.75 80.07 -18.33
C TYR A 154 39.58 80.71 -16.95
N ARG A 155 40.08 81.94 -16.85
CA ARG A 155 39.99 82.75 -15.62
C ARG A 155 40.69 82.05 -14.45
N GLY A 156 41.68 81.22 -14.74
CA GLY A 156 42.41 80.50 -13.72
C GLY A 156 41.77 79.21 -13.27
N LYS A 157 40.51 78.97 -13.62
CA LYS A 157 39.83 77.76 -13.20
C LYS A 157 40.21 76.54 -14.04
N GLY A 158 40.78 76.75 -15.23
CA GLY A 158 41.20 75.63 -16.05
C GLY A 158 40.04 74.84 -16.61
N ASN A 159 40.36 73.64 -17.07
CA ASN A 159 39.34 72.72 -17.57
C ASN A 159 38.41 72.26 -16.46
N TRP A 160 38.85 72.33 -15.21
CA TRP A 160 38.00 71.97 -14.09
C TRP A 160 36.83 72.94 -13.97
N GLY A 161 37.10 74.23 -14.12
CA GLY A 161 36.02 75.21 -14.12
C GLY A 161 35.27 75.27 -15.43
N LEU A 162 35.93 74.94 -16.53
CA LEU A 162 35.25 74.92 -17.82
C LEU A 162 34.20 73.81 -17.88
N SER A 163 34.58 72.59 -17.50
CA SER A 163 33.65 71.47 -17.57
C SER A 163 32.48 71.67 -16.61
N THR A 164 32.76 72.23 -15.43
CA THR A 164 31.68 72.52 -14.48
C THR A 164 30.74 73.57 -15.03
N ASP A 165 31.29 74.66 -15.60
CA ASP A 165 30.47 75.74 -16.11
C ASP A 165 29.60 75.31 -17.29
N ARG A 166 30.08 74.34 -18.08
CA ARG A 166 29.29 73.85 -19.20
C ARG A 166 28.10 73.02 -18.72
N ALA A 167 28.29 72.23 -17.66
CA ALA A 167 27.18 71.48 -17.10
C ALA A 167 26.14 72.42 -16.50
N VAL A 168 26.58 73.48 -15.83
CA VAL A 168 25.65 74.49 -15.32
C VAL A 168 24.96 75.20 -16.47
N SER A 169 25.70 75.50 -17.54
CA SER A 169 25.10 76.16 -18.69
C SER A 169 23.99 75.32 -19.31
N ILE A 170 24.23 74.02 -19.46
CA ILE A 170 23.20 73.13 -19.98
C ILE A 170 22.01 73.06 -19.02
N TRP A 171 22.30 72.96 -17.73
CA TRP A 171 21.23 72.79 -16.74
C TRP A 171 20.39 74.06 -16.61
N LYS A 172 21.00 75.23 -16.77
CA LYS A 172 20.23 76.47 -16.76
C LYS A 172 19.28 76.56 -17.95
N LEU A 173 19.73 76.15 -19.13
CA LEU A 173 18.87 76.19 -20.31
C LEU A 173 17.68 75.24 -20.16
N TRP A 174 17.90 74.07 -19.55
CA TRP A 174 16.81 73.14 -19.35
C TRP A 174 15.81 73.61 -18.31
N GLN A 175 16.12 74.69 -17.59
CA GLN A 175 15.20 75.25 -16.60
C GLN A 175 14.36 76.40 -17.17
N THR A 176 14.96 77.27 -17.99
CA THR A 176 14.32 78.52 -18.37
C THR A 176 14.01 78.63 -19.86
N GLU A 177 14.17 77.56 -20.64
CA GLU A 177 13.81 77.58 -22.06
C GLU A 177 13.08 76.35 -22.56
N ILE A 178 12.61 75.47 -21.68
CA ILE A 178 11.69 74.41 -22.08
C ILE A 178 10.43 74.54 -21.22
N ASN A 179 9.27 74.43 -21.87
CA ASN A 179 7.99 74.63 -21.21
C ASN A 179 7.35 73.28 -20.86
N VAL A 180 7.98 72.60 -19.90
CA VAL A 180 7.49 71.32 -19.40
C VAL A 180 6.69 71.58 -18.14
N ALA A 181 5.46 71.04 -18.08
CA ALA A 181 4.55 71.41 -17.02
C ALA A 181 5.05 71.02 -15.63
N PRO A 182 5.52 69.79 -15.37
CA PRO A 182 6.36 69.57 -14.19
C PRO A 182 7.79 69.93 -14.53
N LYS A 183 8.26 71.06 -13.98
CA LYS A 183 9.58 71.56 -14.32
C LYS A 183 10.65 70.53 -13.96
N LEU A 184 11.77 70.59 -14.68
CA LEU A 184 12.89 69.72 -14.37
C LEU A 184 13.45 70.02 -13.00
N SER A 185 13.49 71.30 -12.62
CA SER A 185 13.99 71.74 -11.33
C SER A 185 13.05 71.40 -10.18
N VAL A 186 11.83 70.95 -10.47
CA VAL A 186 10.87 70.61 -9.43
C VAL A 186 10.80 69.11 -9.18
N LEU A 187 11.22 68.29 -10.14
CA LEU A 187 11.11 66.84 -9.98
C LEU A 187 11.89 66.35 -8.76
N THR A 188 11.28 65.45 -8.02
CA THR A 188 11.89 64.83 -6.87
C THR A 188 12.36 63.43 -7.24
N ASN A 189 12.81 62.67 -6.25
CA ASN A 189 13.34 61.33 -6.47
C ASN A 189 12.58 60.34 -5.60
N TYR A 190 13.10 59.11 -5.49
CA TYR A 190 12.45 58.11 -4.67
C TYR A 190 12.28 58.56 -3.22
N ASN A 191 13.19 59.36 -2.71
CA ASN A 191 13.18 59.80 -1.32
C ASN A 191 12.48 61.12 -1.11
N GLY A 192 11.99 61.76 -2.17
CA GLY A 192 11.32 63.03 -2.05
C GLY A 192 12.21 64.25 -2.16
N GLN A 193 13.52 64.09 -2.28
CA GLN A 193 14.39 65.23 -2.47
C GLN A 193 14.54 65.53 -3.96
N LEU A 194 15.06 66.71 -4.27
CA LEU A 194 15.15 67.15 -5.65
C LEU A 194 16.13 66.29 -6.44
N LEU A 195 15.84 66.11 -7.72
CA LEU A 195 16.40 65.00 -8.50
C LEU A 195 17.81 65.30 -9.03
N PHE A 196 18.08 66.54 -9.41
CA PHE A 196 19.21 66.84 -10.28
C PHE A 196 20.43 67.34 -9.52
N SER A 197 21.60 67.02 -10.07
CA SER A 197 22.88 67.52 -9.58
C SER A 197 23.77 67.85 -10.76
N VAL A 198 24.76 68.71 -10.53
CA VAL A 198 25.65 69.20 -11.56
C VAL A 198 27.06 68.76 -11.24
N SER A 199 27.75 68.19 -12.22
CA SER A 199 29.11 67.69 -12.05
C SER A 199 30.01 68.24 -13.14
N GLY A 200 31.29 68.37 -12.81
CA GLY A 200 32.32 68.66 -13.79
C GLY A 200 33.55 67.83 -13.45
N TYR A 201 34.17 67.21 -14.45
CA TYR A 201 35.30 66.32 -14.21
C TYR A 201 36.55 66.69 -15.00
N ALA A 202 36.53 67.81 -15.71
CA ALA A 202 37.65 68.27 -16.54
C ALA A 202 38.01 67.14 -17.50
N ASP A 203 39.29 66.80 -17.66
CA ASP A 203 39.72 65.72 -18.53
C ASP A 203 40.12 64.47 -17.75
N THR A 204 39.62 64.30 -16.54
CA THR A 204 40.01 63.18 -15.69
C THR A 204 39.15 61.95 -15.89
N ARG A 205 38.08 62.05 -16.66
CA ARG A 205 37.19 60.92 -16.97
C ARG A 205 37.10 60.71 -18.48
N ARG A 206 38.24 60.76 -19.15
CA ARG A 206 38.25 60.72 -20.61
C ARG A 206 37.76 59.36 -21.13
N VAL A 207 37.01 59.42 -22.24
CA VAL A 207 36.61 58.20 -22.93
C VAL A 207 37.72 57.74 -23.87
N ASP A 208 38.46 58.68 -24.45
CA ASP A 208 39.56 58.37 -25.34
C ASP A 208 40.88 58.69 -24.65
N LEU A 209 41.72 57.68 -24.46
CA LEU A 209 42.97 57.84 -23.72
C LEU A 209 44.11 58.28 -24.63
N GLN A 210 44.20 57.71 -25.83
CA GLN A 210 45.24 58.12 -26.77
C GLN A 210 45.09 59.58 -27.15
N GLU A 211 43.89 59.96 -27.61
CA GLU A 211 43.50 61.36 -27.72
C GLU A 211 44.49 62.16 -28.58
N THR A 212 44.88 61.59 -29.72
CA THR A 212 45.85 62.23 -30.60
C THR A 212 45.19 63.18 -31.59
N THR A 213 44.31 62.65 -32.43
CA THR A 213 43.69 63.45 -33.48
C THR A 213 42.52 64.27 -32.92
N GLU A 214 42.14 65.30 -33.67
CA GLU A 214 41.02 66.15 -33.24
C GLU A 214 39.73 65.35 -33.14
N GLU A 215 39.60 64.29 -33.92
CA GLU A 215 38.44 63.42 -33.81
C GLU A 215 38.47 62.56 -32.56
N GLN A 216 39.61 62.47 -31.88
CA GLN A 216 39.73 61.74 -30.62
C GLN A 216 39.65 62.67 -29.41
N ARG A 217 40.20 63.88 -29.52
CA ARG A 217 39.97 64.88 -28.49
C ARG A 217 38.50 65.26 -28.41
N ALA A 218 37.79 65.23 -29.53
CA ALA A 218 36.38 65.62 -29.53
C ALA A 218 35.51 64.62 -28.79
N ARG A 219 35.92 63.35 -28.73
CA ARG A 219 35.16 62.36 -27.99
C ARG A 219 35.24 62.56 -26.48
N ASN A 220 36.16 63.38 -26.00
CA ASN A 220 36.22 63.72 -24.59
C ASN A 220 35.40 64.94 -24.24
N ARG A 221 35.20 65.85 -25.19
CA ARG A 221 34.33 67.01 -25.00
C ARG A 221 32.89 66.56 -25.15
N ARG A 222 32.22 66.33 -24.02
CA ARG A 222 30.88 65.76 -24.04
C ARG A 222 30.12 66.26 -22.83
N ILE A 223 28.80 66.11 -22.89
CA ILE A 223 27.92 66.31 -21.74
C ILE A 223 27.33 64.95 -21.42
N ASP A 224 27.54 64.48 -20.19
CA ASP A 224 27.09 63.18 -19.75
C ASP A 224 25.95 63.35 -18.76
N ILE A 225 24.85 62.63 -18.98
CA ILE A 225 23.73 62.62 -18.06
C ILE A 225 23.76 61.27 -17.37
N ARG A 226 24.19 61.25 -16.11
CA ARG A 226 24.31 60.02 -15.34
C ARG A 226 23.06 59.82 -14.50
N PHE A 227 22.50 58.63 -14.56
CA PHE A 227 21.30 58.28 -13.80
C PHE A 227 21.68 57.29 -12.71
N THR A 228 21.38 57.65 -11.46
CA THR A 228 21.57 56.76 -10.33
C THR A 228 20.21 56.37 -9.78
N VAL A 229 20.06 55.09 -9.45
CA VAL A 229 18.78 54.56 -9.03
C VAL A 229 18.81 54.28 -7.54
N LYS A 230 17.61 54.17 -6.97
CA LYS A 230 17.47 53.76 -5.58
C LYS A 230 17.82 52.28 -5.44
N LYS A 231 18.31 51.93 -4.26
CA LYS A 231 18.68 50.56 -3.99
C LYS A 231 17.75 49.96 -2.95
N PRO A 232 17.33 48.70 -3.13
CA PRO A 232 16.42 48.08 -2.15
C PRO A 232 17.03 48.04 -0.76
N LYS A 233 16.18 48.26 0.23
CA LYS A 233 16.58 48.22 1.63
C LYS A 233 16.57 46.78 2.14
N ILE A 234 16.92 46.61 3.43
CA ILE A 234 16.81 45.29 4.06
C ILE A 234 15.37 44.81 4.03
N GLU A 235 14.43 45.70 4.38
CA GLU A 235 13.03 45.31 4.45
C GLU A 235 12.48 44.91 3.09
N ASP A 236 13.04 45.45 2.01
CA ASP A 236 12.61 45.06 0.68
C ASP A 236 12.94 43.60 0.41
N TYR A 237 14.11 43.15 0.86
CA TYR A 237 14.47 41.74 0.71
C TYR A 237 13.69 40.87 1.68
N GLU A 238 13.47 41.34 2.91
CA GLU A 238 12.70 40.57 3.88
C GLU A 238 11.26 40.39 3.41
N LYS A 239 10.68 41.43 2.81
CA LYS A 239 9.32 41.30 2.31
C LYS A 239 9.26 40.40 1.08
N ALA A 240 10.33 40.33 0.29
CA ALA A 240 10.34 39.48 -0.89
C ALA A 240 10.22 38.01 -0.55
N LYS A 241 10.50 37.62 0.70
CA LYS A 241 10.26 36.26 1.12
C LYS A 241 8.79 35.90 1.10
N ASN A 242 7.91 36.89 1.15
CA ASN A 242 6.45 36.70 1.03
C ASN A 242 5.92 35.81 2.14
N VAL A 243 6.12 36.27 3.37
CA VAL A 243 5.64 35.54 4.53
C VAL A 243 4.47 36.27 5.18
N LYS B 11 -8.64 -30.16 -0.69
CA LYS B 11 -8.30 -28.74 -0.62
C LYS B 11 -7.94 -28.22 -2.01
N VAL B 12 -8.74 -27.28 -2.52
CA VAL B 12 -8.60 -26.75 -3.87
C VAL B 12 -8.22 -25.28 -3.85
N ASP B 13 -8.95 -24.48 -3.08
CA ASP B 13 -8.79 -23.02 -3.07
C ASP B 13 -7.70 -22.64 -2.08
N GLU B 14 -6.66 -21.98 -2.57
CA GLU B 14 -5.65 -21.36 -1.73
C GLU B 14 -5.95 -19.88 -1.59
N GLU B 15 -5.52 -19.31 -0.47
CA GLU B 15 -5.64 -17.86 -0.31
C GLU B 15 -4.78 -17.16 -1.36
N ASN B 16 -5.28 -16.03 -1.87
CA ASN B 16 -4.54 -15.23 -2.83
C ASN B 16 -3.52 -14.40 -2.07
N PRO B 17 -2.24 -14.76 -2.10
CA PRO B 17 -1.26 -14.05 -1.26
C PRO B 17 -0.83 -12.70 -1.81
N TYR B 18 -1.23 -12.33 -3.02
CA TYR B 18 -0.74 -11.13 -3.66
C TYR B 18 -1.61 -9.90 -3.39
N TRP B 19 -2.71 -10.06 -2.65
CA TRP B 19 -3.47 -8.89 -2.23
C TRP B 19 -2.66 -8.02 -1.29
N MET B 20 -1.82 -8.64 -0.45
CA MET B 20 -0.97 -7.88 0.46
C MET B 20 0.03 -7.02 -0.29
N SER B 21 0.47 -7.46 -1.49
CA SER B 21 1.40 -6.68 -2.29
C SER B 21 0.81 -5.34 -2.72
N PHE B 22 -0.52 -5.21 -2.77
CA PHE B 22 -1.12 -3.95 -3.16
C PHE B 22 -1.08 -2.92 -2.05
N SER B 23 -1.19 -3.35 -0.79
CA SER B 23 -0.91 -2.46 0.32
C SER B 23 0.57 -2.05 0.31
N ASP B 24 1.45 -3.01 0.00
CA ASP B 24 2.83 -2.71 -0.30
C ASP B 24 2.94 -1.65 -1.39
N LEU B 25 2.23 -1.85 -2.51
CA LEU B 25 2.28 -0.90 -3.61
C LEU B 25 1.77 0.47 -3.19
N MET B 26 0.65 0.50 -2.44
CA MET B 26 0.05 1.77 -2.07
C MET B 26 0.98 2.58 -1.15
N SER B 27 1.69 1.90 -0.25
CA SER B 27 2.64 2.59 0.63
C SER B 27 3.76 3.24 -0.17
N GLY B 28 4.30 2.51 -1.17
CA GLY B 28 5.34 3.09 -2.00
C GLY B 28 4.84 4.26 -2.83
N LEU B 29 3.62 4.15 -3.35
CA LEU B 29 3.04 5.26 -4.11
C LEU B 29 2.79 6.47 -3.22
N LEU B 30 2.45 6.24 -1.95
CA LEU B 30 2.30 7.33 -1.00
C LEU B 30 3.60 8.10 -0.84
N VAL B 31 4.72 7.40 -0.71
CA VAL B 31 6.01 8.05 -0.50
C VAL B 31 6.41 8.84 -1.73
N ILE B 32 6.09 8.34 -2.92
CA ILE B 32 6.40 9.06 -4.16
C ILE B 32 5.70 10.42 -4.18
N PHE B 33 4.42 10.46 -3.79
CA PHE B 33 3.70 11.73 -3.78
C PHE B 33 4.16 12.64 -2.66
N ILE B 34 4.74 12.08 -1.59
CA ILE B 34 5.36 12.92 -0.56
C ILE B 34 6.55 13.67 -1.15
N LEU B 35 7.37 12.98 -1.96
CA LEU B 35 8.49 13.66 -2.60
C LEU B 35 8.03 14.71 -3.60
N ALA B 36 6.85 14.54 -4.20
CA ALA B 36 6.35 15.56 -5.11
C ALA B 36 6.13 16.88 -4.36
N ALA B 37 5.58 16.82 -3.16
CA ALA B 37 5.41 18.02 -2.35
C ALA B 37 6.72 18.47 -1.73
N VAL B 38 7.58 17.52 -1.34
CA VAL B 38 8.86 17.88 -0.74
C VAL B 38 9.76 18.59 -1.75
N ALA B 39 9.66 18.23 -3.03
CA ALA B 39 10.46 18.88 -4.05
C ALA B 39 10.16 20.38 -4.13
N LEU B 40 8.88 20.75 -4.03
CA LEU B 40 8.52 22.16 -3.97
C LEU B 40 9.03 22.82 -2.69
N ILE B 41 9.01 22.09 -1.57
CA ILE B 41 9.58 22.63 -0.33
C ILE B 41 11.02 23.06 -0.54
N ILE B 42 11.80 22.24 -1.24
CA ILE B 42 13.19 22.57 -1.50
C ILE B 42 13.29 23.77 -2.44
N GLU B 43 12.44 23.84 -3.44
CA GLU B 43 12.38 25.02 -4.30
C GLU B 43 12.12 26.28 -3.49
N LEU B 44 11.12 26.23 -2.61
CA LEU B 44 10.81 27.39 -1.78
C LEU B 44 11.91 27.66 -0.76
N THR B 45 12.51 26.60 -0.22
CA THR B 45 13.60 26.78 0.71
C THR B 45 14.80 27.42 0.03
N GLN B 46 15.11 26.99 -1.20
CA GLN B 46 16.23 27.59 -1.92
C GLN B 46 16.00 29.06 -2.21
N LYS B 47 14.75 29.43 -2.55
CA LYS B 47 14.45 30.85 -2.74
C LYS B 47 14.67 31.64 -1.46
N SER B 48 14.32 31.05 -0.31
CA SER B 48 14.51 31.75 0.96
C SER B 48 15.98 31.90 1.30
N GLU B 49 16.79 30.87 1.01
CA GLU B 49 18.24 30.98 1.24
C GLU B 49 18.89 31.99 0.30
N GLN B 50 18.41 32.07 -0.94
CA GLN B 50 18.95 33.03 -1.88
C GLN B 50 18.69 34.45 -1.42
N ILE B 51 17.49 34.71 -0.89
CA ILE B 51 17.20 36.03 -0.34
C ILE B 51 17.98 36.26 0.95
N ASP B 52 18.08 35.24 1.80
CA ASP B 52 18.88 35.35 3.01
C ASP B 52 20.35 35.62 2.70
N ALA B 53 20.85 35.08 1.59
CA ALA B 53 22.23 35.35 1.20
C ALA B 53 22.41 36.81 0.81
N SER B 54 21.39 37.42 0.20
CA SER B 54 21.48 38.82 -0.17
C SER B 54 21.33 39.74 1.03
N ILE B 55 20.48 39.36 1.99
CA ILE B 55 20.36 40.16 3.21
C ILE B 55 21.66 40.17 4.00
N GLU B 56 22.31 39.01 4.12
CA GLU B 56 23.58 38.97 4.84
C GLU B 56 24.69 39.66 4.06
N GLU B 57 24.68 39.53 2.72
CA GLU B 57 25.66 40.23 1.91
C GLU B 57 25.46 41.73 1.98
N LEU B 58 24.20 42.17 1.99
CA LEU B 58 23.93 43.60 2.14
C LEU B 58 24.18 44.07 3.56
N LYS B 59 23.89 43.23 4.55
CA LYS B 59 24.17 43.58 5.93
C LYS B 59 25.67 43.74 6.16
N LYS B 60 26.48 42.91 5.51
CA LYS B 60 27.92 43.05 5.58
C LYS B 60 28.38 44.35 4.93
N ALA B 61 27.77 44.72 3.79
CA ALA B 61 28.14 45.95 3.12
C ALA B 61 27.77 47.18 3.94
N GLU B 62 26.63 47.13 4.64
CA GLU B 62 26.22 48.26 5.46
C GLU B 62 27.04 48.38 6.75
N GLU B 63 27.53 47.25 7.28
CA GLU B 63 28.46 47.34 8.40
C GLU B 63 29.80 47.89 7.95
N ALA B 64 30.22 47.56 6.73
CA ALA B 64 31.43 48.17 6.17
C ALA B 64 31.26 49.67 5.98
N ARG B 65 30.07 50.10 5.56
CA ARG B 65 29.78 51.53 5.46
C ARG B 65 30.03 52.24 6.78
N ARG B 66 29.39 51.77 7.86
CA ARG B 66 29.44 52.54 9.09
C ARG B 66 30.80 52.41 9.78
N ASN B 67 31.51 51.31 9.55
CA ASN B 67 32.88 51.24 10.06
C ASN B 67 33.77 52.26 9.38
N ILE B 68 33.56 52.47 8.07
CA ILE B 68 34.27 53.56 7.38
C ILE B 68 33.99 54.89 8.06
N LEU B 69 32.72 55.17 8.35
CA LEU B 69 32.34 56.46 8.91
C LEU B 69 32.82 56.62 10.34
N ILE B 70 32.76 55.56 11.16
CA ILE B 70 33.22 55.64 12.53
C ILE B 70 34.72 55.92 12.58
N ASP B 71 35.51 55.25 11.74
CA ASP B 71 36.95 55.49 11.78
C ASP B 71 37.35 56.82 11.17
N ILE B 72 36.62 57.32 10.17
CA ILE B 72 36.91 58.68 9.69
C ILE B 72 36.66 59.68 10.81
N LYS B 73 35.53 59.55 11.50
CA LYS B 73 35.23 60.47 12.59
C LYS B 73 36.23 60.33 13.73
N GLU B 74 36.60 59.09 14.05
CA GLU B 74 37.54 58.88 15.15
C GLU B 74 38.96 59.28 14.77
N GLU B 75 39.36 59.05 13.52
CA GLU B 75 40.70 59.48 13.11
C GLU B 75 40.79 60.99 13.08
N LEU B 76 39.73 61.66 12.64
CA LEU B 76 39.71 63.11 12.61
C LEU B 76 39.48 63.71 13.99
N ALA B 77 38.77 63.00 14.87
CA ALA B 77 38.52 63.51 16.21
C ALA B 77 39.81 63.66 17.00
N LYS B 78 40.73 62.72 16.83
CA LYS B 78 42.01 62.79 17.52
C LYS B 78 42.86 63.97 17.04
N GLN B 79 42.49 64.57 15.91
CA GLN B 79 43.22 65.66 15.30
C GLN B 79 42.47 66.99 15.41
N ASN B 80 41.49 67.06 16.31
CA ASN B 80 40.69 68.26 16.56
C ASN B 80 39.89 68.69 15.33
N ILE B 81 39.51 67.74 14.48
CA ILE B 81 38.69 68.01 13.32
C ILE B 81 37.36 67.31 13.51
N HIS B 82 36.28 68.09 13.62
CA HIS B 82 34.96 67.56 13.94
C HIS B 82 34.18 67.32 12.65
N VAL B 83 33.79 66.06 12.42
CA VAL B 83 32.91 65.70 11.33
C VAL B 83 31.74 64.93 11.92
N GLU B 84 30.64 64.93 11.17
CA GLU B 84 29.38 64.38 11.64
C GLU B 84 29.02 63.15 10.82
N ILE B 85 28.46 62.14 11.48
CA ILE B 85 27.86 61.00 10.81
C ILE B 85 26.35 61.17 10.89
N VAL B 86 25.71 61.37 9.74
CA VAL B 86 24.30 61.70 9.67
C VAL B 86 23.62 60.76 8.68
N GLU B 87 22.31 60.93 8.53
CA GLU B 87 21.50 60.16 7.58
C GLU B 87 21.61 58.65 7.81
N ASN B 88 21.56 58.25 9.08
CA ASN B 88 21.57 56.84 9.48
C ASN B 88 22.81 56.13 8.96
N ASP B 89 23.97 56.58 9.46
CA ASP B 89 25.25 55.95 9.19
C ASP B 89 25.52 55.83 7.68
N THR B 90 25.19 56.89 6.96
CA THR B 90 25.37 56.90 5.51
C THR B 90 26.20 58.07 4.99
N VAL B 91 26.14 59.24 5.63
CA VAL B 91 26.73 60.46 5.10
C VAL B 91 27.77 60.97 6.10
N LEU B 92 28.94 61.32 5.59
CA LEU B 92 29.93 62.07 6.36
C LEU B 92 29.70 63.56 6.10
N ARG B 93 29.31 64.29 7.11
CA ARG B 93 29.01 65.71 6.96
C ARG B 93 30.17 66.54 7.49
N ILE B 94 30.66 67.44 6.65
CA ILE B 94 31.71 68.37 7.06
C ILE B 94 31.06 69.74 7.25
N PRO B 95 30.82 70.17 8.48
CA PRO B 95 30.09 71.42 8.70
C PRO B 95 30.93 72.63 8.36
N GLU B 96 30.26 73.78 8.32
CA GLU B 96 30.95 75.05 8.11
C GLU B 96 31.85 75.39 9.29
N SER B 97 31.52 74.92 10.50
CA SER B 97 32.38 75.16 11.64
C SER B 97 33.72 74.44 11.48
N THR B 98 33.72 73.30 10.78
CA THR B 98 34.97 72.61 10.47
C THR B 98 35.63 73.19 9.23
N LEU B 99 34.95 73.11 8.09
CA LEU B 99 35.46 73.52 6.79
C LEU B 99 34.61 74.67 6.30
N SER B 100 35.13 75.90 6.39
CA SER B 100 34.39 77.10 6.06
C SER B 100 34.97 77.72 4.80
N PHE B 101 34.12 77.90 3.79
CA PHE B 101 34.51 78.54 2.56
C PHE B 101 34.30 80.04 2.67
N GLU B 102 35.10 80.80 1.92
CA GLU B 102 34.92 82.23 1.88
C GLU B 102 33.56 82.56 1.27
N SER B 103 32.92 83.62 1.79
CA SER B 103 31.55 83.93 1.39
C SER B 103 31.48 84.23 -0.10
N GLY B 104 30.63 83.49 -0.80
CA GLY B 104 30.43 83.70 -2.22
C GLY B 104 31.54 83.19 -3.11
N LYS B 105 32.50 82.45 -2.56
CA LYS B 105 33.64 81.97 -3.32
C LYS B 105 33.93 80.53 -2.94
N ASP B 106 34.57 79.81 -3.86
CA ASP B 106 34.95 78.43 -3.66
C ASP B 106 36.39 78.26 -3.21
N THR B 107 37.08 79.35 -2.93
CA THR B 107 38.45 79.29 -2.43
C THR B 107 38.44 79.18 -0.91
N LEU B 108 39.54 78.70 -0.39
CA LEU B 108 39.70 78.54 1.04
C LEU B 108 40.70 79.56 1.60
N PRO B 109 40.57 79.91 2.87
CA PRO B 109 41.47 80.93 3.44
C PRO B 109 42.93 80.50 3.38
N GLU B 110 43.81 81.47 3.17
CA GLU B 110 45.25 81.22 3.02
C GLU B 110 45.98 81.34 4.36
N ASN B 111 45.56 80.55 5.35
CA ASN B 111 46.21 80.52 6.65
C ASN B 111 46.99 79.24 6.92
N THR B 112 47.06 78.33 5.94
CA THR B 112 47.90 77.14 5.95
C THR B 112 47.41 76.13 6.98
N THR B 113 46.41 76.51 7.78
CA THR B 113 45.82 75.61 8.76
C THR B 113 44.51 75.01 8.29
N VAL B 114 43.67 75.79 7.60
CA VAL B 114 42.43 75.27 7.05
C VAL B 114 42.70 74.22 5.99
N LYS B 115 43.68 74.49 5.10
CA LYS B 115 43.97 73.54 4.04
C LYS B 115 44.62 72.27 4.57
N ASN B 116 45.28 72.34 5.72
CA ASN B 116 45.83 71.13 6.32
C ASN B 116 44.72 70.22 6.83
N GLU B 117 43.65 70.80 7.36
CA GLU B 117 42.51 70.00 7.79
C GLU B 117 41.85 69.30 6.60
N VAL B 118 41.72 70.01 5.48
CA VAL B 118 41.15 69.40 4.28
C VAL B 118 42.02 68.24 3.82
N ARG B 119 43.35 68.40 3.91
CA ARG B 119 44.24 67.27 3.65
C ARG B 119 43.95 66.11 4.58
N LEU B 120 43.85 66.39 5.88
CA LEU B 120 43.69 65.33 6.87
C LEU B 120 42.36 64.62 6.73
N ILE B 121 41.31 65.32 6.29
CA ILE B 121 40.03 64.67 6.02
C ILE B 121 40.18 63.70 4.86
N GLY B 122 40.89 64.11 3.80
CA GLY B 122 41.11 63.22 2.67
C GLY B 122 41.99 62.03 3.02
N ILE B 123 43.02 62.25 3.83
CA ILE B 123 43.85 61.15 4.31
C ILE B 123 43.02 60.19 5.16
N ALA B 124 42.21 60.73 6.08
CA ALA B 124 41.34 59.89 6.89
C ALA B 124 40.31 59.17 6.04
N LEU B 125 39.76 59.88 5.04
CA LEU B 125 38.79 59.27 4.14
C LEU B 125 39.41 58.14 3.32
N HIS B 126 40.61 58.39 2.78
CA HIS B 126 41.29 57.35 2.01
C HIS B 126 41.63 56.14 2.88
N LYS B 127 42.13 56.39 4.09
CA LYS B 127 42.56 55.29 4.95
C LYS B 127 41.38 54.41 5.36
N ALA B 128 40.21 55.00 5.58
CA ALA B 128 39.06 54.21 5.98
C ALA B 128 38.52 53.38 4.83
N ILE B 129 38.53 53.92 3.61
CA ILE B 129 38.04 53.16 2.46
C ILE B 129 39.01 52.04 2.11
N THR B 130 40.32 52.30 2.15
CA THR B 130 41.29 51.31 1.72
C THR B 130 41.64 50.29 2.81
N THR B 131 41.24 50.54 4.06
CA THR B 131 41.48 49.57 5.12
C THR B 131 40.53 48.40 4.96
N ASN B 132 41.06 47.18 5.08
CA ASN B 132 40.29 45.94 5.04
C ASN B 132 39.48 45.78 3.75
N GLU B 133 39.92 46.41 2.67
CA GLU B 133 39.34 46.24 1.35
C GLU B 133 37.86 46.63 1.33
N ARG B 134 37.51 47.67 2.10
CA ARG B 134 36.10 48.01 2.28
C ARG B 134 35.48 48.68 1.07
N TRP B 135 36.28 49.12 0.09
CA TRP B 135 35.68 49.66 -1.13
C TRP B 135 35.00 48.59 -1.96
N LYS B 136 35.24 47.31 -1.63
CA LYS B 136 34.57 46.20 -2.30
C LYS B 136 33.10 46.12 -1.93
N TYR B 137 32.68 46.78 -0.86
CA TYR B 137 31.29 46.81 -0.44
C TYR B 137 30.57 48.08 -0.90
N LEU B 138 31.30 49.02 -1.48
CA LEU B 138 30.75 50.32 -1.83
C LEU B 138 30.35 50.36 -3.30
N ASP B 139 29.29 51.11 -3.58
CA ASP B 139 28.87 51.37 -4.95
C ASP B 139 29.46 52.68 -5.46
N THR B 140 29.25 53.77 -4.73
CA THR B 140 29.80 55.06 -5.13
C THR B 140 29.94 55.91 -3.88
N VAL B 141 30.99 56.73 -3.82
CA VAL B 141 31.17 57.69 -2.75
C VAL B 141 30.98 59.07 -3.35
N PHE B 142 30.02 59.82 -2.85
CA PHE B 142 29.61 61.11 -3.42
C PHE B 142 30.21 62.24 -2.60
N VAL B 143 31.05 63.05 -3.23
CA VAL B 143 31.54 64.29 -2.61
C VAL B 143 30.59 65.40 -3.05
N GLU B 144 29.88 65.97 -2.08
CA GLU B 144 28.64 66.69 -2.34
C GLU B 144 28.79 68.14 -1.91
N GLY B 145 28.55 69.07 -2.83
CA GLY B 145 28.61 70.48 -2.54
C GLY B 145 27.23 71.03 -2.26
N HIS B 146 27.09 71.74 -1.14
CA HIS B 146 25.80 72.23 -0.69
C HIS B 146 25.95 73.68 -0.25
N THR B 147 25.00 74.52 -0.64
CA THR B 147 24.96 75.91 -0.22
C THR B 147 23.64 76.19 0.48
N ASP B 148 23.48 77.44 0.92
CA ASP B 148 22.23 77.89 1.48
C ASP B 148 21.37 78.55 0.39
N SER B 149 20.16 78.94 0.78
CA SER B 149 19.16 79.43 -0.17
C SER B 149 19.40 80.88 -0.59
N ASN B 150 20.48 81.52 -0.16
CA ASN B 150 20.74 82.90 -0.54
C ASN B 150 21.12 82.96 -2.01
N GLY B 151 20.26 83.57 -2.83
CA GLY B 151 20.54 83.74 -4.23
C GLY B 151 21.75 84.62 -4.49
N ILE B 152 22.70 84.11 -5.27
CA ILE B 152 23.92 84.84 -5.59
C ILE B 152 24.14 84.79 -7.08
N TRP B 153 24.92 85.76 -7.57
CA TRP B 153 25.22 85.83 -9.00
C TRP B 153 26.25 84.80 -9.41
N TYR B 154 27.46 84.88 -8.82
CA TYR B 154 28.57 83.99 -9.12
C TYR B 154 28.83 83.89 -10.62
N ARG B 155 28.99 85.06 -11.24
CA ARG B 155 29.22 85.19 -12.68
C ARG B 155 28.15 84.45 -13.50
N GLY B 156 26.91 84.52 -13.03
CA GLY B 156 25.79 83.94 -13.73
C GLY B 156 25.56 82.46 -13.47
N LYS B 157 26.42 81.80 -12.70
CA LYS B 157 26.24 80.40 -12.39
C LYS B 157 25.40 80.16 -11.14
N GLY B 158 25.34 81.14 -10.25
CA GLY B 158 24.51 81.02 -9.06
C GLY B 158 25.04 80.01 -8.07
N ASN B 159 24.12 79.43 -7.29
CA ASN B 159 24.53 78.44 -6.31
C ASN B 159 24.89 77.12 -6.96
N TRP B 160 24.37 76.84 -8.16
CA TRP B 160 24.77 75.63 -8.87
C TRP B 160 26.25 75.65 -9.21
N GLY B 161 26.76 76.79 -9.66
CA GLY B 161 28.19 76.92 -9.89
C GLY B 161 28.99 76.93 -8.61
N LEU B 162 28.50 77.63 -7.57
CA LEU B 162 29.24 77.72 -6.32
C LEU B 162 29.30 76.38 -5.61
N SER B 163 28.16 75.69 -5.49
CA SER B 163 28.14 74.42 -4.77
C SER B 163 29.01 73.37 -5.46
N THR B 164 28.97 73.34 -6.79
CA THR B 164 29.81 72.38 -7.52
C THR B 164 31.27 72.76 -7.43
N ASP B 165 31.59 74.05 -7.51
CA ASP B 165 32.97 74.49 -7.43
C ASP B 165 33.59 74.17 -6.07
N ARG B 166 32.82 74.33 -5.01
CA ARG B 166 33.31 74.01 -3.68
C ARG B 166 33.64 72.53 -3.53
N ALA B 167 32.80 71.66 -4.10
CA ALA B 167 33.09 70.23 -4.08
C ALA B 167 34.31 69.90 -4.93
N VAL B 168 34.48 70.59 -6.07
CA VAL B 168 35.64 70.38 -6.91
C VAL B 168 36.91 70.82 -6.20
N SER B 169 36.89 71.98 -5.54
CA SER B 169 38.09 72.49 -4.89
C SER B 169 38.58 71.54 -3.81
N ILE B 170 37.66 70.92 -3.07
CA ILE B 170 38.04 69.87 -2.13
C ILE B 170 38.61 68.67 -2.89
N TRP B 171 37.95 68.29 -3.99
CA TRP B 171 38.40 67.15 -4.77
C TRP B 171 39.79 67.39 -5.36
N LYS B 172 40.05 68.61 -5.83
CA LYS B 172 41.36 68.93 -6.38
C LYS B 172 42.44 68.97 -5.30
N LEU B 173 42.09 69.41 -4.10
CA LEU B 173 43.06 69.42 -3.01
C LEU B 173 43.49 68.00 -2.65
N TRP B 174 42.54 67.07 -2.63
CA TRP B 174 42.86 65.67 -2.39
C TRP B 174 43.63 65.05 -3.54
N GLN B 175 43.56 65.64 -4.73
CA GLN B 175 44.25 65.08 -5.89
C GLN B 175 45.75 65.37 -5.86
N THR B 176 46.15 66.50 -5.30
CA THR B 176 47.54 66.95 -5.41
C THR B 176 48.27 67.00 -4.08
N GLU B 177 47.62 67.43 -3.00
CA GLU B 177 48.31 67.79 -1.78
C GLU B 177 48.27 66.69 -0.70
N ILE B 178 47.70 65.52 -1.00
CA ILE B 178 47.84 64.37 -0.12
C ILE B 178 48.47 63.25 -0.92
N ASN B 179 49.38 62.51 -0.29
CA ASN B 179 50.13 61.45 -0.96
C ASN B 179 49.66 60.11 -0.38
N VAL B 180 48.60 59.58 -0.97
CA VAL B 180 48.11 58.24 -0.67
C VAL B 180 48.40 57.38 -1.89
N ALA B 181 48.92 56.17 -1.66
CA ALA B 181 49.50 55.40 -2.76
C ALA B 181 48.49 55.10 -3.87
N PRO B 182 47.28 54.60 -3.60
CA PRO B 182 46.23 54.73 -4.61
C PRO B 182 45.48 56.04 -4.40
N LYS B 183 45.52 56.94 -5.38
CA LYS B 183 44.82 58.21 -5.21
C LYS B 183 43.32 58.00 -5.14
N LEU B 184 42.65 58.97 -4.49
CA LEU B 184 41.21 58.83 -4.27
C LEU B 184 40.45 58.81 -5.59
N SER B 185 40.98 59.49 -6.60
CA SER B 185 40.38 59.52 -7.93
C SER B 185 40.63 58.26 -8.74
N VAL B 186 41.54 57.39 -8.29
CA VAL B 186 41.79 56.12 -8.97
C VAL B 186 40.98 54.98 -8.36
N LEU B 187 40.52 55.14 -7.12
CA LEU B 187 39.81 54.07 -6.42
C LEU B 187 38.58 53.62 -7.20
N THR B 188 38.34 52.32 -7.19
CA THR B 188 37.20 51.73 -7.88
C THR B 188 36.24 51.09 -6.89
N ASN B 189 35.03 50.84 -7.35
CA ASN B 189 33.98 50.26 -6.51
C ASN B 189 34.07 48.73 -6.61
N TYR B 190 33.00 48.03 -6.21
CA TYR B 190 32.99 46.58 -6.28
C TYR B 190 33.16 46.08 -7.72
N ASN B 191 32.65 46.81 -8.71
CA ASN B 191 33.04 46.60 -10.10
C ASN B 191 34.34 47.32 -10.41
N GLY B 192 34.66 47.45 -11.69
CA GLY B 192 35.81 48.25 -12.06
C GLY B 192 35.54 49.73 -12.21
N GLN B 193 34.32 50.18 -11.93
CA GLN B 193 33.98 51.59 -12.12
C GLN B 193 34.60 52.45 -11.03
N LEU B 194 34.85 53.71 -11.37
CA LEU B 194 35.43 54.65 -10.40
C LEU B 194 34.50 54.82 -9.21
N LEU B 195 35.10 54.86 -8.02
CA LEU B 195 34.33 54.88 -6.79
C LEU B 195 33.72 56.23 -6.49
N PHE B 196 34.37 57.31 -6.90
CA PHE B 196 34.05 58.65 -6.42
C PHE B 196 33.26 59.46 -7.44
N SER B 197 32.26 60.17 -6.94
CA SER B 197 31.50 61.14 -7.71
C SER B 197 31.56 62.48 -6.98
N VAL B 198 31.76 63.55 -7.75
CA VAL B 198 31.85 64.90 -7.19
C VAL B 198 30.79 65.75 -7.88
N SER B 199 29.91 66.36 -7.10
CA SER B 199 28.79 67.10 -7.66
C SER B 199 28.34 68.17 -6.69
N GLY B 200 27.66 69.17 -7.22
CA GLY B 200 27.05 70.21 -6.41
C GLY B 200 25.54 70.16 -6.52
N TYR B 201 24.87 70.59 -5.45
CA TYR B 201 23.42 70.52 -5.37
C TYR B 201 22.76 71.88 -5.16
N ALA B 202 23.54 72.96 -5.10
CA ALA B 202 23.03 74.30 -4.82
C ALA B 202 22.30 74.24 -3.48
N ASP B 203 21.09 74.79 -3.37
CA ASP B 203 20.28 74.73 -2.16
C ASP B 203 19.15 73.72 -2.27
N THR B 204 19.23 72.77 -3.20
CA THR B 204 18.12 71.89 -3.50
C THR B 204 17.97 70.74 -2.51
N ARG B 205 18.95 70.50 -1.65
CA ARG B 205 18.92 69.38 -0.71
C ARG B 205 19.32 69.85 0.69
N ARG B 206 18.68 70.92 1.13
CA ARG B 206 18.99 71.54 2.41
C ARG B 206 18.70 70.59 3.58
N VAL B 207 19.52 70.71 4.63
CA VAL B 207 19.22 70.04 5.88
C VAL B 207 18.37 70.92 6.80
N ASP B 208 18.43 72.24 6.64
CA ASP B 208 17.61 73.18 7.38
C ASP B 208 16.68 73.88 6.39
N LEU B 209 15.38 73.88 6.71
CA LEU B 209 14.37 74.41 5.79
C LEU B 209 13.89 75.80 6.15
N GLN B 210 13.75 76.13 7.43
CA GLN B 210 13.12 77.40 7.78
C GLN B 210 14.04 78.59 7.51
N GLU B 211 15.36 78.37 7.46
CA GLU B 211 16.32 79.36 6.99
C GLU B 211 16.33 80.63 7.85
N THR B 212 15.80 80.56 9.07
CA THR B 212 15.48 81.78 9.81
C THR B 212 16.74 82.54 10.21
N THR B 213 17.60 81.92 11.01
CA THR B 213 18.76 82.59 11.58
C THR B 213 20.02 82.24 10.79
N GLU B 214 21.13 82.86 11.19
CA GLU B 214 22.38 82.66 10.48
C GLU B 214 22.92 81.25 10.68
N GLU B 215 22.86 80.73 11.92
CA GLU B 215 23.39 79.40 12.16
C GLU B 215 22.50 78.32 11.55
N GLN B 216 21.22 78.63 11.35
CA GLN B 216 20.35 77.71 10.62
C GLN B 216 20.69 77.67 9.14
N ARG B 217 20.97 78.85 8.56
CA ARG B 217 21.47 78.90 7.18
C ARG B 217 22.85 78.28 7.08
N ALA B 218 23.68 78.45 8.10
CA ALA B 218 25.04 77.89 8.07
C ALA B 218 25.05 76.38 8.09
N ARG B 219 23.96 75.73 8.52
CA ARG B 219 23.89 74.28 8.47
C ARG B 219 23.75 73.75 7.07
N ASN B 220 23.42 74.62 6.10
CA ASN B 220 23.23 74.18 4.72
C ASN B 220 24.52 74.28 3.92
N ARG B 221 25.35 75.28 4.20
CA ARG B 221 26.66 75.37 3.58
C ARG B 221 27.54 74.28 4.18
N ARG B 222 27.70 73.18 3.46
CA ARG B 222 28.38 72.01 3.98
C ARG B 222 28.97 71.22 2.82
N ILE B 223 29.88 70.32 3.17
CA ILE B 223 30.36 69.28 2.26
C ILE B 223 29.86 67.95 2.80
N ASP B 224 29.07 67.25 2.01
CA ASP B 224 28.59 65.93 2.37
C ASP B 224 29.38 64.87 1.62
N ILE B 225 29.74 63.80 2.31
CA ILE B 225 30.39 62.66 1.71
C ILE B 225 29.44 61.48 1.90
N ARG B 226 28.69 61.16 0.85
CA ARG B 226 27.64 60.16 0.92
C ARG B 226 28.18 58.83 0.39
N PHE B 227 27.98 57.77 1.16
CA PHE B 227 28.44 56.44 0.81
C PHE B 227 27.25 55.58 0.44
N THR B 228 27.33 54.92 -0.71
CA THR B 228 26.33 53.96 -1.13
C THR B 228 27.00 52.61 -1.27
N VAL B 229 26.30 51.56 -0.86
CA VAL B 229 26.85 50.23 -0.85
C VAL B 229 26.36 49.47 -2.07
N LYS B 230 27.05 48.38 -2.39
CA LYS B 230 26.72 47.59 -3.56
C LYS B 230 25.36 46.92 -3.41
N LYS B 231 24.72 46.69 -4.54
CA LYS B 231 23.49 45.91 -4.55
C LYS B 231 23.84 44.42 -4.39
N PRO B 232 23.21 43.71 -3.44
CA PRO B 232 23.66 42.36 -3.11
C PRO B 232 23.45 41.33 -4.20
N LYS B 233 22.89 41.69 -5.36
CA LYS B 233 22.83 40.81 -6.52
C LYS B 233 22.06 39.52 -6.18
N ILE B 234 20.75 39.72 -5.96
CA ILE B 234 19.82 38.67 -5.56
C ILE B 234 19.94 37.43 -6.45
N GLU B 235 20.43 37.62 -7.67
CA GLU B 235 20.59 36.50 -8.59
C GLU B 235 21.74 35.61 -8.14
N ASP B 236 21.43 34.56 -7.38
CA ASP B 236 22.43 33.63 -6.89
C ASP B 236 22.47 32.36 -7.73
N GLU C 4 -19.56 18.06 -14.77
CA GLU C 4 -19.31 16.63 -14.82
C GLU C 4 -18.30 16.33 -15.94
N ARG C 5 -17.04 16.16 -15.54
CA ARG C 5 -15.97 16.02 -16.52
C ARG C 5 -15.98 14.64 -17.17
N GLN C 6 -15.40 14.59 -18.37
CA GLN C 6 -15.37 13.36 -19.16
C GLN C 6 -14.19 12.48 -18.75
N ILE C 7 -14.41 11.18 -18.86
CA ILE C 7 -13.37 10.18 -18.65
C ILE C 7 -13.11 9.48 -19.97
N GLU C 8 -11.87 9.04 -20.15
CA GLU C 8 -11.43 8.35 -21.36
C GLU C 8 -11.02 6.94 -20.98
N LEU C 9 -11.93 5.98 -21.18
CA LEU C 9 -11.64 4.59 -20.86
C LEU C 9 -10.72 3.95 -21.89
N SER C 10 -10.60 4.53 -23.09
CA SER C 10 -9.71 3.97 -24.10
C SER C 10 -8.25 4.06 -23.69
N TRP C 11 -7.90 4.96 -22.77
CA TRP C 11 -6.55 5.00 -22.25
C TRP C 11 -6.22 3.75 -21.44
N LEU C 12 -7.24 3.12 -20.85
CA LEU C 12 -7.01 1.90 -20.07
C LEU C 12 -6.52 0.76 -20.94
N LEU C 13 -6.79 0.79 -22.24
CA LEU C 13 -6.37 -0.26 -23.14
C LEU C 13 -5.08 0.15 -23.82
N PRO C 14 -3.95 -0.49 -23.53
CA PRO C 14 -2.70 -0.07 -24.13
C PRO C 14 -2.52 -0.55 -25.56
N ASP C 15 -1.62 0.12 -26.28
CA ASP C 15 -1.38 -0.18 -27.68
C ASP C 15 -0.46 -1.38 -27.79
N PHE C 16 -0.91 -2.42 -28.50
CA PHE C 16 -0.13 -3.63 -28.71
C PHE C 16 0.47 -3.70 -30.10
N SER C 17 0.59 -2.56 -30.78
CA SER C 17 1.07 -2.55 -32.15
C SER C 17 2.54 -2.93 -32.25
N HIS C 18 3.34 -2.59 -31.23
CA HIS C 18 4.79 -2.78 -31.26
C HIS C 18 5.24 -3.59 -30.06
N LEU C 19 4.52 -4.69 -29.78
CA LEU C 19 4.88 -5.54 -28.66
C LEU C 19 6.22 -6.23 -28.91
N SER C 20 7.00 -6.35 -27.85
CA SER C 20 8.25 -7.09 -27.91
C SER C 20 8.61 -7.52 -26.49
N PHE C 21 9.55 -8.46 -26.39
CA PHE C 21 10.04 -8.91 -25.11
C PHE C 21 11.27 -8.15 -24.63
N HIS C 22 11.57 -7.02 -25.27
CA HIS C 22 12.67 -6.14 -24.85
C HIS C 22 12.15 -4.72 -24.74
N PRO C 23 11.37 -4.42 -23.69
CA PRO C 23 10.81 -3.07 -23.55
C PRO C 23 11.91 -2.04 -23.32
N GLN C 24 11.86 -0.96 -24.08
CA GLN C 24 12.80 0.13 -23.91
C GLN C 24 12.22 1.31 -23.14
N THR C 25 10.89 1.39 -23.02
CA THR C 25 10.23 2.45 -22.28
C THR C 25 9.28 1.84 -21.26
N GLY C 26 8.81 2.68 -20.34
CA GLY C 26 7.82 2.23 -19.37
C GLY C 26 6.49 1.88 -20.03
N THR C 27 6.11 2.62 -21.07
CA THR C 27 4.88 2.29 -21.79
C THR C 27 4.97 0.92 -22.44
N ALA C 28 6.11 0.60 -23.04
CA ALA C 28 6.28 -0.72 -23.66
C ALA C 28 6.31 -1.82 -22.60
N LEU C 29 6.92 -1.54 -21.44
CA LEU C 29 6.88 -2.50 -20.34
C LEU C 29 5.46 -2.72 -19.85
N SER C 30 4.69 -1.64 -19.72
CA SER C 30 3.31 -1.76 -19.29
C SER C 30 2.48 -2.53 -20.31
N SER C 31 2.66 -2.25 -21.60
CA SER C 31 1.90 -2.95 -22.63
C SER C 31 2.25 -4.43 -22.67
N LEU C 32 3.53 -4.76 -22.48
CA LEU C 32 3.95 -6.16 -22.50
C LEU C 32 3.30 -6.94 -21.37
N PHE C 33 3.26 -6.35 -20.18
CA PHE C 33 2.70 -7.05 -19.03
C PHE C 33 1.18 -7.18 -19.11
N VAL C 34 0.50 -6.17 -19.66
CA VAL C 34 -0.93 -6.32 -19.92
C VAL C 34 -1.17 -7.42 -20.94
N ALA C 35 -0.32 -7.49 -21.97
CA ALA C 35 -0.44 -8.54 -22.97
C ALA C 35 -0.21 -9.93 -22.39
N ILE C 36 0.80 -10.06 -21.52
CA ILE C 36 1.05 -11.34 -20.85
C ILE C 36 -0.14 -11.72 -19.98
N THR C 37 -0.66 -10.76 -19.21
CA THR C 37 -1.78 -11.06 -18.33
C THR C 37 -3.01 -11.45 -19.12
N LEU C 38 -3.27 -10.77 -20.23
CA LEU C 38 -4.36 -11.17 -21.11
C LEU C 38 -4.09 -12.53 -21.74
N THR C 39 -2.86 -12.77 -22.21
CA THR C 39 -2.53 -14.04 -22.83
C THR C 39 -2.67 -15.19 -21.83
N VAL C 40 -2.15 -15.00 -20.61
CA VAL C 40 -2.28 -16.03 -19.59
C VAL C 40 -3.75 -16.27 -19.27
N THR C 41 -4.54 -15.20 -19.22
CA THR C 41 -5.97 -15.34 -18.96
C THR C 41 -6.64 -16.15 -20.06
N LEU C 42 -6.33 -15.85 -21.33
CA LEU C 42 -6.97 -16.54 -22.44
C LEU C 42 -6.56 -18.00 -22.51
N LEU C 43 -5.29 -18.31 -22.27
CA LEU C 43 -4.85 -19.70 -22.33
C LEU C 43 -5.56 -20.55 -21.28
N PHE C 44 -5.72 -20.01 -20.07
CA PHE C 44 -6.41 -20.76 -19.03
C PHE C 44 -7.92 -20.81 -19.26
N ILE C 45 -8.49 -19.76 -19.87
CA ILE C 45 -9.89 -19.81 -20.24
C ILE C 45 -10.10 -20.79 -21.38
N ALA C 46 -9.21 -20.79 -22.37
CA ALA C 46 -9.31 -21.72 -23.48
C ALA C 46 -9.17 -23.16 -23.01
N TYR C 47 -8.23 -23.41 -22.10
CA TYR C 47 -8.06 -24.76 -21.55
C TYR C 47 -9.30 -25.17 -20.76
N LEU C 48 -9.85 -24.26 -19.95
CA LEU C 48 -11.03 -24.56 -19.17
C LEU C 48 -12.23 -24.80 -20.08
N LEU C 49 -12.39 -24.00 -21.14
CA LEU C 49 -13.48 -24.20 -22.08
C LEU C 49 -13.31 -25.49 -22.87
N TYR C 50 -12.07 -25.81 -23.26
CA TYR C 50 -11.83 -27.04 -24.00
C TYR C 50 -12.13 -28.27 -23.14
N LYS C 51 -11.69 -28.27 -21.88
CA LYS C 51 -11.92 -29.40 -20.98
C LYS C 51 -13.33 -29.41 -20.40
N SER C 52 -14.12 -28.38 -20.64
CA SER C 52 -15.53 -28.39 -20.26
C SER C 52 -16.44 -28.77 -21.39
N ILE C 53 -16.12 -28.35 -22.62
CA ILE C 53 -16.92 -28.71 -23.77
C ILE C 53 -16.88 -30.21 -24.02
N ASP C 54 -15.69 -30.81 -23.92
CA ASP C 54 -15.57 -32.25 -24.20
C ASP C 54 -16.38 -33.07 -23.21
N VAL C 55 -16.39 -32.66 -21.93
CA VAL C 55 -17.23 -33.34 -20.94
C VAL C 55 -18.70 -33.22 -21.32
N VAL C 56 -19.12 -32.01 -21.70
CA VAL C 56 -20.51 -31.80 -22.08
C VAL C 56 -20.84 -32.57 -23.36
N LEU C 57 -19.93 -32.54 -24.34
CA LEU C 57 -20.20 -33.23 -25.60
C LEU C 57 -20.32 -34.74 -25.39
N LYS C 58 -19.46 -35.31 -24.55
CA LYS C 58 -19.48 -36.75 -24.34
C LYS C 58 -20.52 -37.19 -23.32
N ILE C 59 -20.99 -36.28 -22.45
CA ILE C 59 -22.16 -36.57 -21.64
C ILE C 59 -23.42 -36.58 -22.50
N ASN C 60 -23.52 -35.64 -23.45
CA ASN C 60 -24.69 -35.57 -24.31
C ASN C 60 -24.82 -36.76 -25.24
N TRP C 61 -23.73 -37.50 -25.47
CA TRP C 61 -23.85 -38.72 -26.27
C TRP C 61 -24.64 -39.78 -25.51
N LEU C 62 -24.42 -39.88 -24.20
CA LEU C 62 -25.20 -40.81 -23.38
C LEU C 62 -26.59 -40.28 -23.10
N GLN C 63 -26.74 -38.95 -22.95
CA GLN C 63 -28.08 -38.37 -22.82
C GLN C 63 -28.94 -38.67 -24.04
N LYS C 64 -28.38 -38.52 -25.24
CA LYS C 64 -29.14 -38.82 -26.45
C LYS C 64 -29.51 -40.30 -26.50
N ALA C 65 -28.58 -41.18 -26.11
CA ALA C 65 -28.88 -42.60 -26.07
C ALA C 65 -29.95 -42.92 -25.04
N LEU C 66 -29.88 -42.29 -23.88
CA LEU C 66 -30.82 -42.55 -22.79
C LEU C 66 -32.10 -41.74 -22.88
N GLU C 67 -32.18 -40.77 -23.79
CA GLU C 67 -33.37 -39.92 -23.86
C GLU C 67 -34.63 -40.71 -24.22
N PRO C 68 -34.67 -41.53 -25.27
CA PRO C 68 -35.93 -42.22 -25.61
C PRO C 68 -36.29 -43.35 -24.65
N LEU C 69 -35.41 -43.73 -23.75
CA LEU C 69 -35.65 -44.91 -22.92
C LEU C 69 -36.76 -44.64 -21.89
N GLU C 70 -37.39 -45.72 -21.46
CA GLU C 70 -38.42 -45.69 -20.44
C GLU C 70 -38.24 -46.94 -19.58
N ARG C 71 -38.83 -46.90 -18.38
CA ARG C 71 -38.66 -48.01 -17.43
C ARG C 71 -39.00 -49.36 -18.04
N LYS C 72 -40.08 -49.44 -18.80
CA LYS C 72 -40.44 -50.68 -19.47
C LYS C 72 -39.61 -50.94 -20.72
N ASP C 73 -38.85 -49.94 -21.19
CA ASP C 73 -38.03 -50.07 -22.38
C ASP C 73 -36.64 -50.60 -22.04
N VAL C 74 -36.17 -50.36 -20.82
CA VAL C 74 -34.78 -50.64 -20.47
C VAL C 74 -34.46 -52.12 -20.63
N ALA C 75 -35.40 -53.00 -20.26
CA ALA C 75 -35.11 -54.42 -20.23
C ALA C 75 -34.70 -54.93 -21.61
N GLN C 76 -35.41 -54.52 -22.66
CA GLN C 76 -35.14 -55.00 -24.00
C GLN C 76 -34.19 -54.10 -24.78
N LYS C 77 -33.73 -53.00 -24.18
CA LYS C 77 -32.90 -52.04 -24.88
C LYS C 77 -31.45 -52.01 -24.37
N LYS C 78 -31.19 -52.68 -23.24
CA LYS C 78 -29.86 -52.68 -22.63
C LYS C 78 -28.78 -53.06 -23.64
N GLU C 79 -28.98 -54.16 -24.36
CA GLU C 79 -27.93 -54.68 -25.22
C GLU C 79 -27.61 -53.73 -26.37
N VAL C 80 -28.57 -52.91 -26.79
CA VAL C 80 -28.30 -51.93 -27.85
C VAL C 80 -27.31 -50.89 -27.37
N LEU C 81 -27.46 -50.43 -26.12
CA LEU C 81 -26.54 -49.42 -25.59
C LEU C 81 -25.13 -49.99 -25.45
N TYR C 82 -25.01 -51.25 -25.03
CA TYR C 82 -23.70 -51.87 -24.97
C TYR C 82 -23.07 -51.95 -26.36
N GLN C 83 -23.88 -52.26 -27.37
CA GLN C 83 -23.40 -52.15 -28.76
C GLN C 83 -23.08 -50.70 -29.10
N LEU C 84 -23.92 -49.76 -28.65
CA LEU C 84 -23.64 -48.35 -28.86
C LEU C 84 -22.38 -47.92 -28.10
N ALA C 85 -22.20 -48.43 -26.89
CA ALA C 85 -21.00 -48.10 -26.12
C ALA C 85 -19.75 -48.60 -26.82
N LYS C 86 -19.79 -49.81 -27.38
CA LYS C 86 -18.64 -50.35 -28.09
C LYS C 86 -18.48 -49.74 -29.48
N SER C 87 -19.51 -49.10 -30.02
CA SER C 87 -19.34 -48.34 -31.25
C SER C 87 -18.60 -47.03 -30.97
N LYS C 88 -18.92 -46.38 -29.85
CA LYS C 88 -18.24 -45.14 -29.47
C LYS C 88 -16.86 -45.43 -28.89
N SER C 89 -16.71 -46.54 -28.17
CA SER C 89 -15.44 -46.91 -27.55
C SER C 89 -14.83 -48.06 -28.36
N LYS C 90 -13.72 -47.78 -29.03
CA LYS C 90 -13.05 -48.75 -29.89
C LYS C 90 -11.99 -49.55 -29.15
N GLY C 91 -11.89 -49.41 -27.83
CA GLY C 91 -10.89 -50.12 -27.07
C GLY C 91 -10.26 -49.22 -26.02
N LYS C 92 -10.62 -47.94 -26.03
CA LYS C 92 -10.09 -46.99 -25.08
C LYS C 92 -10.54 -47.34 -23.66
N SER C 93 -9.73 -46.95 -22.69
CA SER C 93 -10.06 -47.12 -21.28
C SER C 93 -10.24 -45.76 -20.59
N LYS C 94 -10.62 -44.74 -21.35
CA LYS C 94 -10.78 -43.40 -20.80
C LYS C 94 -12.13 -42.78 -21.11
N GLY C 95 -12.68 -43.02 -22.29
CA GLY C 95 -13.88 -42.33 -22.70
C GLY C 95 -15.11 -42.77 -21.92
N ILE C 96 -16.19 -42.01 -22.10
CA ILE C 96 -17.45 -42.33 -21.43
C ILE C 96 -18.00 -43.67 -21.91
N GLY C 97 -17.70 -44.04 -23.15
CA GLY C 97 -18.12 -45.34 -23.65
C GLY C 97 -17.55 -46.47 -22.83
N PHE C 98 -16.30 -46.33 -22.38
CA PHE C 98 -15.71 -47.31 -21.49
C PHE C 98 -16.33 -47.23 -20.09
N LEU C 99 -16.72 -46.03 -19.66
CA LEU C 99 -17.43 -45.92 -18.39
C LEU C 99 -18.78 -46.62 -18.45
N TRP C 100 -19.50 -46.48 -19.57
CA TRP C 100 -20.82 -47.09 -19.67
C TRP C 100 -20.75 -48.61 -19.68
N MET C 101 -19.75 -49.18 -20.37
CA MET C 101 -19.64 -50.64 -20.39
C MET C 101 -19.21 -51.19 -19.03
N GLU C 102 -18.33 -50.48 -18.32
CA GLU C 102 -17.98 -50.91 -16.96
C GLU C 102 -19.18 -50.79 -16.01
N PHE C 103 -20.13 -49.92 -16.34
CA PHE C 103 -21.33 -49.81 -15.51
C PHE C 103 -22.15 -51.09 -15.57
N ASP C 104 -22.19 -51.74 -16.73
CA ASP C 104 -23.14 -52.82 -16.97
C ASP C 104 -22.92 -54.01 -16.03
N GLU C 105 -21.66 -54.34 -15.73
CA GLU C 105 -21.40 -55.49 -14.88
C GLU C 105 -21.96 -55.30 -13.47
N THR C 106 -22.17 -54.06 -13.03
CA THR C 106 -22.76 -53.81 -11.73
C THR C 106 -24.28 -53.94 -11.73
N LEU C 107 -24.88 -54.10 -12.90
CA LEU C 107 -26.33 -54.28 -13.01
C LEU C 107 -26.68 -55.75 -12.83
N VAL C 108 -27.46 -56.05 -11.79
CA VAL C 108 -27.96 -57.39 -11.54
C VAL C 108 -29.46 -57.40 -11.78
N GLU C 109 -30.00 -58.57 -12.11
CA GLU C 109 -31.39 -58.72 -12.49
C GLU C 109 -32.21 -59.16 -11.28
N VAL C 110 -33.34 -58.49 -11.06
CA VAL C 110 -34.26 -58.83 -9.99
C VAL C 110 -35.49 -59.50 -10.60
N ARG C 111 -36.25 -60.16 -9.74
CA ARG C 111 -37.45 -60.89 -10.14
C ARG C 111 -38.67 -60.19 -9.54
N LYS C 112 -39.49 -59.61 -10.40
CA LYS C 112 -40.74 -58.96 -10.00
C LYS C 112 -41.87 -59.69 -10.73
N GLY C 113 -42.55 -60.59 -10.01
CA GLY C 113 -43.57 -61.42 -10.61
C GLY C 113 -43.02 -62.26 -11.75
N ASP C 114 -43.42 -61.93 -12.98
CA ASP C 114 -42.87 -62.57 -14.17
C ASP C 114 -42.11 -61.61 -15.08
N GLN C 115 -42.19 -60.31 -14.84
CA GLN C 115 -41.54 -59.33 -15.70
C GLN C 115 -40.04 -59.31 -15.46
N ILE C 116 -39.32 -58.81 -16.46
CA ILE C 116 -37.86 -58.65 -16.40
C ILE C 116 -37.57 -57.17 -16.24
N GLU C 117 -36.96 -56.81 -15.10
CA GLU C 117 -36.61 -55.43 -14.82
C GLU C 117 -35.27 -55.42 -14.10
N ILE C 118 -34.35 -54.58 -14.57
CA ILE C 118 -32.96 -54.64 -14.15
C ILE C 118 -32.68 -53.57 -13.11
N ARG C 119 -31.83 -53.90 -12.14
CA ARG C 119 -31.41 -53.03 -11.05
C ARG C 119 -29.89 -52.83 -11.14
N ASN C 120 -29.33 -52.19 -10.11
CA ASN C 120 -27.89 -51.99 -10.01
C ASN C 120 -27.45 -52.23 -8.58
N THR C 121 -26.18 -52.59 -8.42
CA THR C 121 -25.59 -52.78 -7.10
C THR C 121 -24.94 -51.51 -6.58
N LEU C 122 -24.12 -50.86 -7.39
CA LEU C 122 -23.53 -49.58 -7.04
C LEU C 122 -24.40 -48.46 -7.61
N ASP C 123 -23.93 -47.22 -7.51
CA ASP C 123 -24.71 -46.06 -7.90
C ASP C 123 -24.11 -45.41 -9.15
N ALA C 124 -24.93 -44.61 -9.83
CA ALA C 124 -24.46 -43.90 -11.01
C ALA C 124 -23.34 -42.93 -10.69
N GLY C 125 -23.26 -42.45 -9.45
CA GLY C 125 -22.14 -41.60 -9.05
C GLY C 125 -20.82 -42.32 -9.00
N HIS C 126 -20.83 -43.65 -8.92
CA HIS C 126 -19.58 -44.40 -8.91
C HIS C 126 -18.89 -44.35 -10.27
N PHE C 127 -19.66 -44.28 -11.35
CA PHE C 127 -19.10 -44.26 -12.70
C PHE C 127 -19.25 -42.92 -13.40
N PHE C 128 -20.25 -42.12 -13.04
CA PHE C 128 -20.49 -40.80 -13.66
C PHE C 128 -20.42 -39.76 -12.55
N ASN C 129 -19.22 -39.29 -12.27
CA ASN C 129 -18.97 -38.25 -11.29
C ASN C 129 -17.86 -37.35 -11.81
N THR C 130 -17.50 -36.33 -11.01
CA THR C 130 -16.49 -35.38 -11.45
C THR C 130 -15.13 -36.05 -11.63
N TYR C 131 -14.79 -36.99 -10.75
CA TYR C 131 -13.48 -37.64 -10.83
C TYR C 131 -13.32 -38.42 -12.14
N THR C 132 -14.35 -39.16 -12.55
CA THR C 132 -14.25 -39.99 -13.73
C THR C 132 -14.62 -39.27 -15.02
N LEU C 133 -15.30 -38.14 -14.94
CA LEU C 133 -15.82 -37.45 -16.11
C LEU C 133 -15.14 -36.12 -16.38
N ALA C 134 -14.83 -35.35 -15.34
CA ALA C 134 -14.24 -34.03 -15.44
C ALA C 134 -13.07 -33.91 -14.48
N ASN C 135 -12.15 -34.88 -14.55
CA ASN C 135 -11.07 -35.01 -13.57
C ASN C 135 -10.34 -33.70 -13.36
N SER C 136 -9.74 -33.15 -14.42
CA SER C 136 -9.00 -31.89 -14.33
C SER C 136 -9.88 -30.69 -14.68
N VAL C 137 -11.06 -30.59 -14.07
CA VAL C 137 -11.92 -29.43 -14.29
C VAL C 137 -12.39 -28.89 -12.94
N THR C 138 -12.43 -29.75 -11.93
CA THR C 138 -13.07 -29.42 -10.67
C THR C 138 -12.10 -29.28 -9.50
N GLU C 139 -11.25 -30.30 -9.27
CA GLU C 139 -10.33 -30.29 -8.14
C GLU C 139 -8.92 -29.89 -8.57
N ASN C 140 -8.82 -28.96 -9.51
CA ASN C 140 -7.53 -28.55 -10.07
C ASN C 140 -7.00 -27.36 -9.28
N ARG C 141 -5.96 -27.59 -8.46
CA ARG C 141 -5.37 -26.50 -7.71
C ARG C 141 -4.70 -25.49 -8.64
N LEU C 142 -4.13 -25.96 -9.75
CA LEU C 142 -3.49 -25.05 -10.69
C LEU C 142 -4.48 -24.07 -11.30
N ILE C 143 -5.65 -24.56 -11.70
CA ILE C 143 -6.69 -23.67 -12.22
C ILE C 143 -7.16 -22.71 -11.14
N ALA C 144 -7.31 -23.20 -9.91
CA ALA C 144 -7.75 -22.36 -8.81
C ALA C 144 -6.73 -21.31 -8.40
N ALA C 145 -5.46 -21.48 -8.80
CA ALA C 145 -4.43 -20.51 -8.52
C ALA C 145 -4.25 -19.48 -9.62
N VAL C 146 -4.95 -19.64 -10.75
CA VAL C 146 -4.80 -18.68 -11.86
C VAL C 146 -5.17 -17.26 -11.46
N PRO C 147 -6.27 -17.01 -10.73
CA PRO C 147 -6.51 -15.61 -10.30
C PRO C 147 -5.38 -15.03 -9.49
N GLY C 148 -4.69 -15.84 -8.68
CA GLY C 148 -3.50 -15.38 -8.01
C GLY C 148 -2.37 -15.05 -8.97
N PHE C 149 -2.18 -15.89 -9.99
CA PHE C 149 -1.18 -15.62 -11.02
C PHE C 149 -1.45 -14.30 -11.72
N LEU C 150 -2.71 -14.05 -12.08
CA LEU C 150 -3.08 -12.81 -12.76
C LEU C 150 -2.82 -11.61 -11.88
N THR C 151 -3.19 -11.71 -10.59
CA THR C 151 -2.91 -10.64 -9.65
C THR C 151 -1.41 -10.40 -9.51
N ALA C 152 -0.63 -11.47 -9.40
CA ALA C 152 0.81 -11.33 -9.26
C ALA C 152 1.43 -10.70 -10.50
N LEU C 153 1.02 -11.15 -11.69
CA LEU C 153 1.62 -10.65 -12.92
C LEU C 153 1.34 -9.17 -13.11
N GLY C 154 0.13 -8.73 -12.78
CA GLY C 154 -0.19 -7.31 -12.90
C GLY C 154 0.62 -6.44 -11.97
N VAL C 155 0.86 -6.91 -10.75
CA VAL C 155 1.53 -6.05 -9.79
C VAL C 155 3.05 -6.09 -9.98
N ILE C 156 3.58 -7.18 -10.54
CA ILE C 156 4.99 -7.19 -10.95
C ILE C 156 5.24 -6.11 -12.00
N GLY C 157 4.33 -5.99 -12.97
CA GLY C 157 4.47 -4.95 -13.97
C GLY C 157 4.52 -3.56 -13.34
N THR C 158 3.72 -3.33 -12.31
CA THR C 158 3.71 -2.04 -11.65
C THR C 158 5.00 -1.82 -10.84
N PHE C 159 5.44 -2.84 -10.10
CA PHE C 159 6.69 -2.70 -9.34
C PHE C 159 7.88 -2.52 -10.28
N MET C 160 7.90 -3.24 -11.40
CA MET C 160 8.97 -3.07 -12.37
C MET C 160 8.94 -1.68 -12.98
N GLY C 161 7.74 -1.16 -13.29
CA GLY C 161 7.65 0.18 -13.83
C GLY C 161 8.12 1.25 -12.86
N LEU C 162 7.74 1.12 -11.58
CA LEU C 162 8.15 2.09 -10.58
C LEU C 162 9.64 2.01 -10.28
N GLN C 163 10.16 0.79 -10.13
CA GLN C 163 11.59 0.61 -9.86
C GLN C 163 12.44 1.12 -11.02
N LEU C 164 12.00 0.90 -12.25
CA LEU C 164 12.79 1.33 -13.40
C LEU C 164 12.73 2.84 -13.58
N GLY C 165 11.66 3.48 -13.12
CA GLY C 165 11.58 4.92 -13.17
C GLY C 165 12.46 5.61 -12.15
N LEU C 166 12.80 4.93 -11.06
CA LEU C 166 13.67 5.47 -10.03
C LEU C 166 15.12 5.05 -10.19
N ALA C 167 15.40 4.00 -10.97
CA ALA C 167 16.68 3.30 -10.88
C ALA C 167 17.85 4.22 -11.21
N ASP C 168 17.75 4.99 -12.29
CA ASP C 168 18.78 5.97 -12.64
C ASP C 168 18.19 7.36 -12.48
N LEU C 169 18.24 7.86 -11.25
CA LEU C 169 17.93 9.24 -10.92
C LEU C 169 19.14 9.80 -10.17
N LYS C 170 19.70 10.88 -10.69
CA LYS C 170 20.87 11.51 -10.06
C LYS C 170 20.36 12.51 -9.03
N LEU C 171 20.51 12.17 -7.75
CA LEU C 171 20.04 13.01 -6.66
C LEU C 171 21.14 13.17 -5.62
N GLY C 172 20.95 14.13 -4.74
CA GLY C 172 21.91 14.45 -3.69
C GLY C 172 22.31 15.91 -3.71
N ALA C 173 23.10 16.27 -2.70
CA ALA C 173 23.46 17.67 -2.50
C ALA C 173 24.23 18.25 -3.68
N GLY C 174 24.91 17.41 -4.45
CA GLY C 174 25.61 17.86 -5.64
C GLY C 174 24.74 18.06 -6.85
N VAL C 175 23.44 17.82 -6.74
CA VAL C 175 22.49 17.91 -7.83
C VAL C 175 21.65 19.17 -7.66
N ASP C 176 21.43 19.88 -8.76
CA ASP C 176 20.64 21.11 -8.72
C ASP C 176 19.19 20.80 -8.34
N VAL C 177 18.53 21.80 -7.76
CA VAL C 177 17.13 21.65 -7.39
C VAL C 177 16.27 21.38 -8.61
N THR C 178 16.51 22.12 -9.71
CA THR C 178 15.74 21.93 -10.92
C THR C 178 15.88 20.51 -11.46
N THR C 179 17.10 19.97 -11.43
CA THR C 179 17.29 18.58 -11.85
C THR C 179 16.54 17.63 -10.93
N MET C 180 16.56 17.88 -9.63
CA MET C 180 15.85 17.03 -8.68
C MET C 180 14.35 17.05 -8.94
N GLN C 181 13.77 18.23 -9.19
CA GLN C 181 12.34 18.31 -9.46
C GLN C 181 11.97 17.63 -10.76
N ASP C 182 12.82 17.69 -11.78
CA ASP C 182 12.55 16.97 -13.01
C ASP C 182 12.52 15.46 -12.75
N GLY C 183 13.47 14.96 -11.97
CA GLY C 183 13.50 13.53 -11.67
C GLY C 183 12.31 13.09 -10.85
N VAL C 184 11.93 13.88 -9.84
CA VAL C 184 10.79 13.53 -9.00
C VAL C 184 9.50 13.62 -9.81
N ALA C 185 9.34 14.66 -10.60
CA ALA C 185 8.13 14.81 -11.41
C ALA C 185 7.99 13.68 -12.42
N GLY C 186 9.10 13.27 -13.03
CA GLY C 186 9.04 12.17 -13.97
C GLY C 186 8.55 10.88 -13.33
N VAL C 187 8.96 10.62 -12.09
CA VAL C 187 8.50 9.43 -11.38
C VAL C 187 7.00 9.52 -11.12
N VAL C 188 6.53 10.67 -10.66
CA VAL C 188 5.10 10.83 -10.38
C VAL C 188 4.30 10.76 -11.67
N ASN C 189 4.77 11.42 -12.72
CA ASN C 189 4.05 11.40 -14.00
C ASN C 189 4.00 10.01 -14.61
N GLY C 190 4.99 9.18 -14.33
CA GLY C 190 5.01 7.82 -14.84
C GLY C 190 4.27 6.81 -14.02
N ALA C 191 3.68 7.21 -12.89
CA ALA C 191 2.99 6.24 -12.03
C ALA C 191 1.77 5.65 -12.72
N LYS C 192 1.01 6.47 -13.45
CA LYS C 192 -0.18 5.95 -14.13
C LYS C 192 0.20 4.91 -15.18
N ILE C 193 1.38 5.04 -15.79
CA ILE C 193 1.82 4.06 -16.78
C ILE C 193 2.09 2.71 -16.11
N ALA C 194 2.83 2.73 -14.99
CA ALA C 194 3.14 1.49 -14.29
C ALA C 194 1.90 0.88 -13.65
N PHE C 195 0.98 1.71 -13.16
CA PHE C 195 -0.18 1.21 -12.44
C PHE C 195 -1.19 0.50 -13.34
N LEU C 196 -1.11 0.70 -14.66
CA LEU C 196 -2.11 0.15 -15.55
C LEU C 196 -2.12 -1.38 -15.51
N THR C 197 -0.95 -2.00 -15.35
CA THR C 197 -0.89 -3.45 -15.32
C THR C 197 -1.58 -4.02 -14.08
N SER C 198 -1.57 -3.30 -12.97
CA SER C 198 -2.29 -3.77 -11.79
C SER C 198 -3.80 -3.71 -11.99
N VAL C 199 -4.28 -2.69 -12.71
CA VAL C 199 -5.71 -2.61 -13.02
C VAL C 199 -6.13 -3.83 -13.84
N TRP C 200 -5.35 -4.17 -14.86
CA TRP C 200 -5.67 -5.33 -15.69
C TRP C 200 -5.48 -6.62 -14.92
N GLY C 201 -4.43 -6.71 -14.11
CA GLY C 201 -4.21 -7.91 -13.33
C GLY C 201 -5.34 -8.22 -12.37
N VAL C 202 -5.85 -7.18 -11.69
CA VAL C 202 -6.96 -7.38 -10.77
C VAL C 202 -8.25 -7.69 -11.51
N ALA C 203 -8.54 -6.96 -12.59
CA ALA C 203 -9.78 -7.16 -13.32
C ALA C 203 -9.85 -8.56 -13.92
N LEU C 204 -8.75 -9.01 -14.53
CA LEU C 204 -8.74 -10.35 -15.11
C LEU C 204 -8.70 -11.43 -14.04
N SER C 205 -8.06 -11.15 -12.91
CA SER C 205 -8.08 -12.09 -11.78
C SER C 205 -9.50 -12.31 -11.29
N VAL C 206 -10.27 -11.24 -11.16
CA VAL C 206 -11.64 -11.36 -10.68
C VAL C 206 -12.52 -12.05 -11.72
N PHE C 207 -12.35 -11.67 -12.99
CA PHE C 207 -13.15 -12.27 -14.04
C PHE C 207 -12.90 -13.78 -14.14
N PHE C 208 -11.63 -14.18 -14.13
CA PHE C 208 -11.32 -15.60 -14.25
C PHE C 208 -11.83 -16.37 -13.04
N ASN C 209 -11.68 -15.81 -11.84
CA ASN C 209 -12.15 -16.48 -10.64
C ASN C 209 -13.65 -16.74 -10.72
N PHE C 210 -14.41 -15.77 -11.17
CA PHE C 210 -15.84 -15.94 -11.38
C PHE C 210 -16.12 -16.91 -12.53
N PHE C 211 -15.35 -16.82 -13.61
CA PHE C 211 -15.58 -17.70 -14.76
C PHE C 211 -15.30 -19.15 -14.42
N GLU C 212 -14.22 -19.43 -13.68
CA GLU C 212 -13.88 -20.82 -13.37
C GLU C 212 -14.94 -21.46 -12.48
N LYS C 213 -15.46 -20.70 -11.52
CA LYS C 213 -16.44 -21.25 -10.59
C LYS C 213 -17.82 -21.39 -11.22
N LEU C 214 -18.10 -20.67 -12.30
CA LEU C 214 -19.32 -20.94 -13.07
C LEU C 214 -19.20 -22.24 -13.85
N CYS C 215 -18.06 -22.46 -14.50
CA CYS C 215 -17.86 -23.69 -15.27
C CYS C 215 -17.93 -24.90 -14.37
N GLU C 216 -17.41 -24.79 -13.15
CA GLU C 216 -17.51 -25.90 -12.21
C GLU C 216 -18.96 -26.22 -11.87
N GLN C 217 -19.78 -25.19 -11.63
CA GLN C 217 -21.18 -25.43 -11.35
C GLN C 217 -21.91 -25.98 -12.57
N PHE C 218 -21.57 -25.48 -13.76
CA PHE C 218 -22.20 -25.99 -14.97
C PHE C 218 -21.83 -27.45 -15.21
N ILE C 219 -20.58 -27.82 -15.01
CA ILE C 219 -20.17 -29.21 -15.16
C ILE C 219 -20.83 -30.09 -14.11
N ARG C 220 -20.86 -29.63 -12.85
CA ARG C 220 -21.51 -30.40 -11.80
C ARG C 220 -23.00 -30.56 -12.07
N SER C 221 -23.63 -29.51 -12.61
CA SER C 221 -25.05 -29.61 -12.93
C SER C 221 -25.32 -30.64 -14.01
N LYS C 222 -24.38 -30.82 -14.94
CA LYS C 222 -24.53 -31.85 -15.96
C LYS C 222 -24.21 -33.24 -15.41
N ILE C 223 -23.33 -33.33 -14.41
CA ILE C 223 -23.09 -34.61 -13.76
C ILE C 223 -24.35 -35.10 -13.06
N ARG C 224 -24.99 -34.20 -12.30
CA ARG C 224 -26.21 -34.57 -11.58
C ARG C 224 -27.32 -34.96 -12.54
N GLU C 225 -27.46 -34.22 -13.64
CA GLU C 225 -28.48 -34.56 -14.64
C GLU C 225 -28.17 -35.89 -15.30
N LEU C 226 -26.90 -36.19 -15.54
CA LEU C 226 -26.52 -37.48 -16.12
C LEU C 226 -26.91 -38.63 -15.19
N GLU C 227 -26.57 -38.52 -13.91
CA GLU C 227 -26.91 -39.56 -12.97
C GLU C 227 -28.35 -39.48 -12.49
N ASP C 228 -29.07 -38.41 -12.82
CA ASP C 228 -30.51 -38.37 -12.59
C ASP C 228 -31.22 -39.36 -13.50
N LYS C 229 -30.88 -39.35 -14.79
CA LYS C 229 -31.54 -40.23 -15.74
C LYS C 229 -31.06 -41.67 -15.63
N VAL C 230 -29.77 -41.86 -15.31
CA VAL C 230 -29.23 -43.21 -15.18
C VAL C 230 -29.84 -43.92 -13.99
N ASP C 231 -29.94 -43.24 -12.85
CA ASP C 231 -30.59 -43.84 -11.69
C ASP C 231 -32.10 -43.99 -11.89
N PHE C 232 -32.71 -43.11 -12.70
CA PHE C 232 -34.12 -43.24 -13.00
C PHE C 232 -34.40 -44.53 -13.77
N LEU C 233 -33.65 -44.76 -14.85
CA LEU C 233 -33.86 -45.95 -15.67
C LEU C 233 -33.27 -47.21 -15.04
N PHE C 234 -32.30 -47.08 -14.14
CA PHE C 234 -31.64 -48.22 -13.52
C PHE C 234 -31.61 -48.00 -12.02
N PRO C 235 -32.75 -48.25 -11.33
CA PRO C 235 -32.85 -47.99 -9.89
C PRO C 235 -31.88 -48.80 -9.05
N ARG D 5 -19.39 20.25 7.96
CA ARG D 5 -19.89 19.95 6.63
C ARG D 5 -21.05 18.95 6.70
N GLN D 6 -22.24 19.41 6.30
CA GLN D 6 -23.42 18.55 6.35
C GLN D 6 -23.36 17.50 5.24
N ILE D 7 -23.75 16.28 5.58
CA ILE D 7 -23.77 15.17 4.62
C ILE D 7 -25.21 14.73 4.42
N GLU D 8 -25.47 14.15 3.26
CA GLU D 8 -26.73 13.48 2.98
C GLU D 8 -26.42 12.07 2.49
N LEU D 9 -27.00 11.06 3.15
CA LEU D 9 -26.77 9.69 2.75
C LEU D 9 -27.37 9.38 1.38
N SER D 10 -28.31 10.20 0.91
CA SER D 10 -28.90 10.00 -0.40
C SER D 10 -27.88 10.19 -1.52
N TRP D 11 -26.77 10.87 -1.24
CA TRP D 11 -25.70 11.00 -2.23
C TRP D 11 -25.01 9.68 -2.52
N LEU D 12 -25.21 8.66 -1.70
CA LEU D 12 -24.61 7.36 -1.94
C LEU D 12 -25.38 6.53 -2.96
N LEU D 13 -26.61 6.93 -3.31
CA LEU D 13 -27.39 6.23 -4.30
C LEU D 13 -27.07 6.77 -5.68
N PRO D 14 -26.64 5.93 -6.62
CA PRO D 14 -26.31 6.43 -7.96
C PRO D 14 -27.55 6.62 -8.82
N ASP D 15 -27.35 7.28 -9.96
CA ASP D 15 -28.42 7.51 -10.93
C ASP D 15 -28.36 6.39 -11.96
N PHE D 16 -29.36 5.52 -11.94
CA PHE D 16 -29.44 4.39 -12.85
C PHE D 16 -30.29 4.67 -14.08
N SER D 17 -30.71 5.90 -14.28
CA SER D 17 -31.58 6.23 -15.41
C SER D 17 -30.83 6.09 -16.73
N HIS D 18 -29.77 6.88 -16.91
CA HIS D 18 -29.01 6.88 -18.16
C HIS D 18 -27.80 5.95 -18.05
N LEU D 19 -28.08 4.68 -17.75
CA LEU D 19 -27.05 3.66 -17.77
C LEU D 19 -26.67 3.32 -19.20
N SER D 20 -25.40 2.96 -19.38
CA SER D 20 -24.91 2.55 -20.68
C SER D 20 -23.64 1.76 -20.48
N PHE D 21 -23.24 1.03 -21.53
CA PHE D 21 -22.00 0.27 -21.51
C PHE D 21 -20.82 1.07 -22.07
N HIS D 22 -21.03 2.33 -22.41
CA HIS D 22 -19.94 3.24 -22.81
C HIS D 22 -20.06 4.49 -21.95
N PRO D 23 -19.59 4.45 -20.71
CA PRO D 23 -19.67 5.63 -19.82
C PRO D 23 -18.66 6.69 -20.23
N GLN D 24 -19.13 7.90 -20.49
CA GLN D 24 -18.27 9.03 -20.79
C GLN D 24 -17.89 9.84 -19.56
N THR D 25 -18.51 9.60 -18.42
CA THR D 25 -18.27 10.38 -17.22
C THR D 25 -17.99 9.45 -16.06
N GLY D 26 -17.35 10.00 -15.02
CA GLY D 26 -17.08 9.22 -13.83
C GLY D 26 -18.35 8.76 -13.13
N THR D 27 -19.38 9.60 -13.15
CA THR D 27 -20.66 9.20 -12.55
C THR D 27 -21.28 8.03 -13.30
N ALA D 28 -21.24 8.08 -14.63
CA ALA D 28 -21.79 6.99 -15.43
C ALA D 28 -21.02 5.69 -15.19
N LEU D 29 -19.70 5.78 -15.04
CA LEU D 29 -18.91 4.57 -14.81
C LEU D 29 -19.19 3.97 -13.44
N SER D 30 -19.22 4.82 -12.41
CA SER D 30 -19.54 4.32 -11.07
C SER D 30 -20.95 3.77 -11.01
N SER D 31 -21.90 4.43 -11.69
CA SER D 31 -23.26 3.91 -11.78
C SER D 31 -23.28 2.54 -12.45
N LEU D 32 -22.43 2.35 -13.46
CA LEU D 32 -22.37 1.06 -14.16
C LEU D 32 -21.87 -0.04 -13.23
N PHE D 33 -20.81 0.24 -12.45
CA PHE D 33 -20.31 -0.74 -11.50
C PHE D 33 -21.34 -1.12 -10.46
N VAL D 34 -22.02 -0.13 -9.88
CA VAL D 34 -23.05 -0.43 -8.88
C VAL D 34 -24.17 -1.22 -9.51
N ALA D 35 -24.53 -0.91 -10.75
CA ALA D 35 -25.55 -1.69 -11.45
C ALA D 35 -25.09 -3.13 -11.65
N ILE D 36 -23.85 -3.34 -12.09
CA ILE D 36 -23.33 -4.69 -12.24
C ILE D 36 -23.25 -5.39 -10.89
N THR D 37 -22.76 -4.69 -9.88
CA THR D 37 -22.63 -5.30 -8.56
C THR D 37 -24.00 -5.64 -7.97
N LEU D 38 -24.97 -4.75 -8.15
CA LEU D 38 -26.34 -5.06 -7.74
C LEU D 38 -26.91 -6.21 -8.54
N THR D 39 -26.68 -6.23 -9.85
CA THR D 39 -27.18 -7.32 -10.68
C THR D 39 -26.60 -8.65 -10.24
N VAL D 40 -25.28 -8.69 -10.00
CA VAL D 40 -24.64 -9.92 -9.56
C VAL D 40 -25.24 -10.39 -8.23
N THR D 41 -25.54 -9.44 -7.34
CA THR D 41 -26.11 -9.80 -6.04
C THR D 41 -27.51 -10.41 -6.18
N LEU D 42 -28.35 -9.79 -7.01
CA LEU D 42 -29.73 -10.27 -7.13
C LEU D 42 -29.78 -11.66 -7.75
N LEU D 43 -29.02 -11.90 -8.83
CA LEU D 43 -28.99 -13.23 -9.42
C LEU D 43 -28.42 -14.26 -8.46
N PHE D 44 -27.39 -13.90 -7.70
CA PHE D 44 -26.85 -14.84 -6.73
C PHE D 44 -27.76 -15.00 -5.52
N ILE D 45 -28.57 -13.99 -5.22
CA ILE D 45 -29.61 -14.15 -4.21
C ILE D 45 -30.68 -15.13 -4.71
N ALA D 46 -31.09 -14.98 -5.98
CA ALA D 46 -32.06 -15.91 -6.55
C ALA D 46 -31.48 -17.31 -6.68
N TYR D 47 -30.22 -17.40 -7.13
CA TYR D 47 -29.56 -18.70 -7.21
C TYR D 47 -29.41 -19.34 -5.84
N LEU D 48 -29.22 -18.53 -4.80
CA LEU D 48 -29.20 -19.05 -3.44
C LEU D 48 -30.60 -19.44 -2.98
N LEU D 49 -31.59 -18.59 -3.24
CA LEU D 49 -32.96 -18.91 -2.84
C LEU D 49 -33.50 -20.12 -3.60
N TYR D 50 -33.22 -20.21 -4.89
CA TYR D 50 -33.73 -21.32 -5.68
C TYR D 50 -33.21 -22.65 -5.18
N LYS D 51 -31.93 -22.72 -4.84
CA LYS D 51 -31.34 -23.95 -4.34
C LYS D 51 -31.60 -24.16 -2.86
N SER D 52 -32.19 -23.19 -2.17
CA SER D 52 -32.57 -23.34 -0.77
C SER D 52 -34.02 -23.75 -0.58
N ILE D 53 -34.92 -23.32 -1.46
CA ILE D 53 -36.32 -23.75 -1.35
C ILE D 53 -36.44 -25.24 -1.63
N ASP D 54 -35.59 -25.79 -2.50
CA ASP D 54 -35.62 -27.23 -2.75
C ASP D 54 -35.28 -28.01 -1.48
N VAL D 55 -34.29 -27.54 -0.72
CA VAL D 55 -33.96 -28.18 0.55
C VAL D 55 -35.13 -28.07 1.51
N VAL D 56 -35.75 -26.89 1.58
CA VAL D 56 -36.90 -26.71 2.47
C VAL D 56 -38.06 -27.57 2.02
N LEU D 57 -38.28 -27.68 0.70
CA LEU D 57 -39.39 -28.49 0.20
C LEU D 57 -39.24 -29.95 0.59
N LYS D 58 -38.02 -30.48 0.53
CA LYS D 58 -37.80 -31.86 0.98
C LYS D 58 -38.18 -32.00 2.45
N ILE D 59 -37.73 -31.06 3.29
CA ILE D 59 -38.04 -31.13 4.71
C ILE D 59 -39.52 -30.85 4.96
N ASN D 60 -40.11 -29.93 4.19
CA ASN D 60 -41.51 -29.58 4.40
C ASN D 60 -42.43 -30.78 4.19
N TRP D 61 -42.13 -31.62 3.20
CA TRP D 61 -43.02 -32.74 2.88
C TRP D 61 -43.17 -33.68 4.06
N LEU D 62 -42.08 -34.00 4.74
CA LEU D 62 -42.17 -34.86 5.91
C LEU D 62 -42.89 -34.19 7.07
N GLN D 63 -43.13 -32.88 7.00
CA GLN D 63 -43.91 -32.17 8.00
C GLN D 63 -45.33 -31.85 7.54
N LYS D 64 -45.53 -31.57 6.25
CA LYS D 64 -46.85 -31.24 5.74
C LYS D 64 -47.62 -32.46 5.24
N ALA D 65 -47.02 -33.64 5.25
CA ALA D 65 -47.71 -34.87 4.90
C ALA D 65 -47.86 -35.81 6.10
N LEU D 66 -47.46 -35.36 7.29
CA LEU D 66 -47.59 -36.13 8.52
C LEU D 66 -48.41 -35.36 9.55
N GLU D 67 -49.39 -34.59 9.08
CA GLU D 67 -50.31 -33.88 9.96
C GLU D 67 -51.34 -34.80 10.63
N PRO D 68 -51.84 -35.87 10.00
CA PRO D 68 -52.75 -36.76 10.72
C PRO D 68 -52.06 -37.77 11.61
N LEU D 69 -50.80 -37.53 11.99
CA LEU D 69 -50.02 -38.47 12.78
C LEU D 69 -50.20 -38.21 14.27
N GLU D 70 -50.24 -39.29 15.05
CA GLU D 70 -50.24 -39.22 16.50
C GLU D 70 -49.31 -40.31 17.03
N ARG D 71 -49.28 -40.46 18.35
CA ARG D 71 -48.39 -41.43 18.98
C ARG D 71 -48.82 -42.87 18.67
N LYS D 72 -50.13 -43.10 18.58
CA LYS D 72 -50.68 -44.44 18.47
C LYS D 72 -50.63 -45.02 17.06
N ASP D 73 -49.80 -44.48 16.18
CA ASP D 73 -49.71 -44.96 14.80
C ASP D 73 -48.30 -45.45 14.49
N VAL D 74 -47.75 -46.25 15.41
CA VAL D 74 -46.34 -46.63 15.32
C VAL D 74 -46.07 -47.49 14.08
N ALA D 75 -46.99 -48.38 13.73
CA ALA D 75 -46.71 -49.40 12.71
C ALA D 75 -47.61 -49.30 11.49
N GLN D 76 -48.90 -49.03 11.65
CA GLN D 76 -49.80 -49.05 10.49
C GLN D 76 -49.50 -47.90 9.54
N LYS D 77 -48.75 -46.89 9.96
CA LYS D 77 -48.27 -45.90 9.01
C LYS D 77 -47.00 -46.32 8.30
N LYS D 78 -46.26 -47.28 8.85
CA LYS D 78 -44.97 -47.63 8.27
C LYS D 78 -45.10 -48.11 6.84
N GLU D 79 -46.11 -48.95 6.57
CA GLU D 79 -46.30 -49.44 5.20
C GLU D 79 -46.87 -48.36 4.30
N VAL D 80 -47.84 -47.58 4.79
CA VAL D 80 -48.47 -46.58 3.94
C VAL D 80 -47.50 -45.45 3.61
N LEU D 81 -46.49 -45.21 4.45
CA LEU D 81 -45.47 -44.22 4.11
C LEU D 81 -44.63 -44.69 2.93
N TYR D 82 -44.56 -46.00 2.69
CA TYR D 82 -43.65 -46.51 1.68
C TYR D 82 -44.09 -46.16 0.27
N GLN D 83 -45.40 -46.26 -0.02
CA GLN D 83 -45.84 -45.92 -1.38
C GLN D 83 -45.98 -44.43 -1.57
N LEU D 84 -46.21 -43.67 -0.48
CA LEU D 84 -46.19 -42.23 -0.61
C LEU D 84 -44.77 -41.66 -0.69
N ALA D 85 -43.77 -42.42 -0.24
CA ALA D 85 -42.40 -42.05 -0.55
C ALA D 85 -42.10 -42.26 -2.03
N LYS D 86 -42.74 -43.26 -2.64
CA LYS D 86 -42.59 -43.51 -4.07
C LYS D 86 -43.53 -42.68 -4.92
N SER D 87 -44.48 -41.97 -4.30
CA SER D 87 -45.42 -41.16 -5.09
C SER D 87 -44.72 -40.02 -5.81
N LYS D 88 -43.87 -39.27 -5.09
CA LYS D 88 -43.11 -38.22 -5.78
C LYS D 88 -41.90 -38.80 -6.49
N SER D 89 -41.18 -39.69 -5.83
CA SER D 89 -39.99 -40.32 -6.42
C SER D 89 -40.45 -41.36 -7.45
N LYS D 90 -41.02 -40.85 -8.54
CA LYS D 90 -41.52 -41.68 -9.63
C LYS D 90 -40.33 -42.23 -10.41
N GLY D 91 -39.67 -43.23 -9.83
CA GLY D 91 -38.53 -43.86 -10.44
C GLY D 91 -37.19 -43.26 -10.07
N LYS D 92 -37.17 -42.14 -9.36
CA LYS D 92 -35.90 -41.57 -8.92
C LYS D 92 -35.28 -42.44 -7.84
N SER D 93 -34.00 -42.81 -8.04
CA SER D 93 -33.24 -43.58 -7.08
C SER D 93 -32.44 -42.70 -6.15
N LYS D 94 -32.93 -41.48 -5.89
CA LYS D 94 -32.22 -40.50 -5.07
C LYS D 94 -33.25 -39.57 -4.44
N GLY D 95 -32.78 -38.46 -3.89
CA GLY D 95 -33.68 -37.50 -3.29
C GLY D 95 -34.08 -37.87 -1.87
N ILE D 96 -35.06 -37.13 -1.36
CA ILE D 96 -35.51 -37.31 0.01
C ILE D 96 -36.08 -38.70 0.24
N GLY D 97 -36.64 -39.32 -0.80
CA GLY D 97 -37.12 -40.69 -0.66
C GLY D 97 -35.99 -41.68 -0.43
N PHE D 98 -34.87 -41.52 -1.15
CA PHE D 98 -33.76 -42.44 -1.03
C PHE D 98 -33.20 -42.46 0.39
N LEU D 99 -33.24 -41.31 1.07
CA LEU D 99 -32.90 -41.28 2.49
C LEU D 99 -33.89 -42.10 3.30
N TRP D 100 -35.18 -41.98 2.98
CA TRP D 100 -36.20 -42.77 3.66
C TRP D 100 -36.10 -44.25 3.31
N MET D 101 -35.69 -44.58 2.08
CA MET D 101 -35.63 -45.97 1.65
C MET D 101 -34.60 -46.75 2.47
N GLU D 102 -33.39 -46.23 2.61
CA GLU D 102 -32.40 -46.90 3.44
C GLU D 102 -32.85 -46.96 4.89
N PHE D 103 -33.43 -45.86 5.39
CA PHE D 103 -33.89 -45.86 6.77
C PHE D 103 -35.05 -46.83 6.97
N ASP D 104 -35.90 -47.00 5.96
CA ASP D 104 -37.04 -47.92 6.10
C ASP D 104 -36.61 -49.37 5.98
N GLU D 105 -35.59 -49.66 5.17
CA GLU D 105 -35.19 -51.04 4.90
C GLU D 105 -34.23 -51.59 5.96
N THR D 106 -33.87 -50.79 6.97
CA THR D 106 -32.93 -51.25 7.98
C THR D 106 -33.61 -51.07 9.34
N LEU D 107 -34.84 -51.56 9.46
CA LEU D 107 -35.61 -51.46 10.69
C LEU D 107 -35.97 -52.86 11.16
N VAL D 108 -35.35 -53.28 12.27
CA VAL D 108 -35.63 -54.60 12.84
C VAL D 108 -37.03 -54.61 13.44
N GLU D 109 -37.63 -55.80 13.49
CA GLU D 109 -38.99 -55.97 13.98
C GLU D 109 -38.94 -56.53 15.39
N VAL D 110 -39.34 -55.73 16.36
CA VAL D 110 -39.19 -56.08 17.76
C VAL D 110 -40.53 -56.61 18.29
N ARG D 111 -40.47 -57.37 19.40
CA ARG D 111 -41.66 -58.00 19.97
C ARG D 111 -41.66 -57.79 21.49
N LYS D 112 -42.46 -56.83 21.96
CA LYS D 112 -42.75 -56.65 23.39
C LYS D 112 -44.26 -56.50 23.59
N GLY D 113 -44.86 -57.45 24.29
CA GLY D 113 -46.24 -57.33 24.70
C GLY D 113 -47.22 -57.51 23.55
N ASP D 114 -48.48 -57.15 23.81
CA ASP D 114 -49.51 -57.27 22.78
C ASP D 114 -49.35 -56.18 21.73
N GLN D 115 -48.97 -54.97 22.13
CA GLN D 115 -48.82 -53.86 21.21
C GLN D 115 -47.47 -53.95 20.51
N ILE D 116 -47.39 -53.34 19.32
CA ILE D 116 -46.32 -53.62 18.37
C ILE D 116 -45.43 -52.42 18.11
N GLU D 117 -45.20 -51.60 19.16
CA GLU D 117 -44.32 -50.44 19.05
C GLU D 117 -42.95 -50.85 18.51
N ILE D 118 -42.43 -50.06 17.57
CA ILE D 118 -41.23 -50.42 16.83
C ILE D 118 -40.05 -49.63 17.37
N ARG D 119 -38.88 -50.26 17.36
CA ARG D 119 -37.67 -49.67 17.90
C ARG D 119 -36.57 -49.67 16.83
N ASN D 120 -35.70 -48.68 16.90
CA ASN D 120 -34.60 -48.57 15.96
C ASN D 120 -33.37 -49.34 16.44
N THR D 121 -32.44 -49.56 15.50
CA THR D 121 -31.11 -50.06 15.83
C THR D 121 -30.02 -49.02 15.65
N LEU D 122 -30.30 -47.94 14.91
CA LEU D 122 -29.38 -46.82 14.78
C LEU D 122 -30.20 -45.55 14.65
N ASP D 123 -29.60 -44.43 15.04
CA ASP D 123 -30.30 -43.16 15.05
C ASP D 123 -30.41 -42.58 13.64
N ALA D 124 -31.54 -41.91 13.37
CA ALA D 124 -31.74 -41.22 12.11
C ALA D 124 -30.82 -40.01 11.95
N GLY D 125 -29.97 -39.73 12.94
CA GLY D 125 -29.13 -38.55 12.86
C GLY D 125 -28.19 -38.55 11.68
N HIS D 126 -27.51 -39.68 11.46
CA HIS D 126 -26.52 -39.74 10.40
C HIS D 126 -27.15 -39.90 9.02
N PHE D 127 -28.45 -40.16 8.94
CA PHE D 127 -29.08 -40.35 7.64
C PHE D 127 -29.81 -39.11 7.13
N PHE D 128 -30.37 -38.30 8.02
CA PHE D 128 -31.19 -37.16 7.62
C PHE D 128 -30.56 -35.82 8.03
N ASN D 129 -29.23 -35.77 8.10
CA ASN D 129 -28.54 -34.55 8.50
C ASN D 129 -27.94 -33.86 7.28
N THR D 130 -27.08 -32.87 7.54
CA THR D 130 -26.74 -31.85 6.54
C THR D 130 -26.11 -32.42 5.28
N TYR D 131 -25.14 -33.35 5.43
CA TYR D 131 -24.28 -33.65 4.29
C TYR D 131 -25.04 -34.32 3.14
N THR D 132 -26.33 -34.62 3.31
CA THR D 132 -27.14 -35.20 2.27
C THR D 132 -28.45 -34.46 2.00
N LEU D 133 -28.91 -33.62 2.93
CA LEU D 133 -30.06 -32.76 2.64
C LEU D 133 -29.62 -31.52 1.86
N ALA D 134 -28.77 -30.71 2.47
CA ALA D 134 -28.29 -29.48 1.85
C ALA D 134 -26.79 -29.60 1.64
N ASN D 135 -26.41 -30.21 0.51
CA ASN D 135 -25.05 -30.18 0.03
C ASN D 135 -24.85 -29.24 -1.14
N SER D 136 -25.94 -28.82 -1.79
CA SER D 136 -25.88 -27.91 -2.92
C SER D 136 -25.83 -26.44 -2.51
N VAL D 137 -26.00 -26.13 -1.22
CA VAL D 137 -25.95 -24.76 -0.75
C VAL D 137 -24.92 -24.60 0.36
N THR D 138 -24.59 -25.69 1.04
CA THR D 138 -23.68 -25.59 2.17
C THR D 138 -22.23 -25.71 1.72
N GLU D 139 -21.96 -26.56 0.74
CA GLU D 139 -20.62 -26.74 0.19
C GLU D 139 -20.53 -26.24 -1.25
N ASN D 140 -21.40 -25.32 -1.64
CA ASN D 140 -21.40 -24.79 -3.00
C ASN D 140 -20.27 -23.78 -3.14
N ARG D 141 -19.30 -24.09 -4.00
CA ARG D 141 -18.10 -23.28 -4.13
C ARG D 141 -18.39 -21.92 -4.75
N LEU D 142 -19.39 -21.85 -5.64
CA LEU D 142 -19.75 -20.57 -6.25
C LEU D 142 -20.41 -19.64 -5.25
N ILE D 143 -21.36 -20.15 -4.47
CA ILE D 143 -22.05 -19.33 -3.48
C ILE D 143 -21.08 -18.83 -2.42
N ALA D 144 -20.15 -19.69 -1.99
CA ALA D 144 -19.17 -19.29 -0.99
C ALA D 144 -18.28 -18.17 -1.50
N ALA D 145 -18.08 -18.07 -2.81
CA ALA D 145 -17.22 -17.06 -3.40
C ALA D 145 -17.93 -15.75 -3.72
N VAL D 146 -19.26 -15.72 -3.59
CA VAL D 146 -20.00 -14.51 -3.97
C VAL D 146 -19.60 -13.29 -3.15
N PRO D 147 -19.50 -13.35 -1.81
CA PRO D 147 -19.07 -12.15 -1.08
C PRO D 147 -17.68 -11.68 -1.47
N GLY D 148 -16.76 -12.60 -1.73
CA GLY D 148 -15.45 -12.21 -2.22
C GLY D 148 -15.50 -11.57 -3.59
N PHE D 149 -16.36 -12.09 -4.47
CA PHE D 149 -16.56 -11.48 -5.78
C PHE D 149 -17.14 -10.09 -5.66
N LEU D 150 -18.12 -9.90 -4.77
CA LEU D 150 -18.74 -8.59 -4.63
C LEU D 150 -17.75 -7.57 -4.08
N THR D 151 -16.94 -7.97 -3.10
CA THR D 151 -15.89 -7.10 -2.59
C THR D 151 -14.82 -6.84 -3.66
N ALA D 152 -14.44 -7.88 -4.40
CA ALA D 152 -13.43 -7.71 -5.43
C ALA D 152 -13.92 -6.82 -6.57
N LEU D 153 -15.23 -6.81 -6.83
CA LEU D 153 -15.77 -5.87 -7.81
C LEU D 153 -15.57 -4.43 -7.36
N GLY D 154 -15.79 -4.16 -6.08
CA GLY D 154 -15.52 -2.83 -5.56
C GLY D 154 -14.05 -2.46 -5.64
N VAL D 155 -13.17 -3.43 -5.44
CA VAL D 155 -11.73 -3.18 -5.53
C VAL D 155 -11.33 -2.83 -6.96
N ILE D 156 -11.96 -3.49 -7.94
CA ILE D 156 -11.73 -3.12 -9.34
C ILE D 156 -12.13 -1.67 -9.58
N GLY D 157 -13.28 -1.27 -9.03
CA GLY D 157 -13.69 0.12 -9.17
C GLY D 157 -12.72 1.08 -8.53
N THR D 158 -12.11 0.68 -7.41
CA THR D 158 -11.09 1.51 -6.78
C THR D 158 -9.87 1.64 -7.67
N PHE D 159 -9.37 0.53 -8.21
CA PHE D 159 -8.18 0.59 -9.06
C PHE D 159 -8.43 1.37 -10.33
N MET D 160 -9.59 1.17 -10.96
CA MET D 160 -9.93 1.96 -12.14
C MET D 160 -10.11 3.44 -11.77
N GLY D 161 -10.73 3.70 -10.61
CA GLY D 161 -10.86 5.07 -10.17
C GLY D 161 -9.53 5.74 -9.91
N LEU D 162 -8.62 5.03 -9.23
CA LEU D 162 -7.30 5.57 -8.99
C LEU D 162 -6.54 5.78 -10.29
N GLN D 163 -6.64 4.82 -11.21
CA GLN D 163 -5.94 4.95 -12.49
C GLN D 163 -6.50 6.10 -13.31
N LEU D 164 -7.82 6.30 -13.29
CA LEU D 164 -8.41 7.42 -13.99
C LEU D 164 -8.03 8.74 -13.34
N GLY D 165 -7.87 8.75 -12.02
CA GLY D 165 -7.43 9.96 -11.34
C GLY D 165 -6.00 10.34 -11.70
N LEU D 166 -5.10 9.36 -11.80
CA LEU D 166 -3.73 9.63 -12.20
C LEU D 166 -3.61 9.97 -13.68
N ALA D 167 -4.62 9.63 -14.48
CA ALA D 167 -4.51 9.78 -15.93
C ALA D 167 -4.33 11.23 -16.32
N ASP D 168 -5.04 12.15 -15.67
CA ASP D 168 -4.97 13.57 -15.98
C ASP D 168 -4.21 14.37 -14.92
N LEU D 169 -3.39 13.70 -14.11
CA LEU D 169 -2.55 14.38 -13.13
C LEU D 169 -1.17 14.60 -13.73
N LYS D 170 -0.84 15.86 -14.01
CA LYS D 170 0.45 16.23 -14.56
C LYS D 170 1.14 17.19 -13.60
N LEU D 171 2.38 16.88 -13.25
CA LEU D 171 3.17 17.68 -12.32
C LEU D 171 4.49 18.08 -12.96
N GLY D 172 5.23 18.90 -12.26
CA GLY D 172 6.57 19.28 -12.68
C GLY D 172 6.63 20.63 -13.33
N ALA D 173 7.79 20.89 -13.94
CA ALA D 173 8.04 22.16 -14.60
C ALA D 173 7.14 22.34 -15.81
N GLY D 174 6.76 23.60 -16.06
CA GLY D 174 5.90 23.92 -17.18
C GLY D 174 4.42 23.68 -16.95
N VAL D 175 4.03 23.21 -15.77
CA VAL D 175 2.63 22.96 -15.44
C VAL D 175 2.14 24.12 -14.59
N ASP D 176 1.14 24.84 -15.09
CA ASP D 176 0.60 25.97 -14.37
C ASP D 176 -0.45 25.51 -13.36
N VAL D 177 -1.02 26.47 -12.63
CA VAL D 177 -1.96 26.15 -11.57
C VAL D 177 -3.28 25.61 -12.15
N THR D 178 -3.73 26.19 -13.25
CA THR D 178 -5.00 25.76 -13.83
C THR D 178 -4.94 24.31 -14.31
N THR D 179 -3.82 23.92 -14.93
CA THR D 179 -3.66 22.52 -15.32
C THR D 179 -3.62 21.62 -14.10
N MET D 180 -2.90 22.04 -13.05
CA MET D 180 -2.86 21.27 -11.81
C MET D 180 -4.24 21.22 -11.15
N GLN D 181 -4.98 22.33 -11.23
CA GLN D 181 -6.32 22.36 -10.65
C GLN D 181 -7.25 21.43 -11.41
N ASP D 182 -7.09 21.33 -12.73
CA ASP D 182 -7.79 20.31 -13.49
C ASP D 182 -7.38 18.91 -13.08
N GLY D 183 -6.11 18.73 -12.70
CA GLY D 183 -5.67 17.45 -12.18
C GLY D 183 -6.33 17.09 -10.86
N VAL D 184 -6.58 18.09 -10.01
CA VAL D 184 -7.30 17.85 -8.77
C VAL D 184 -8.72 17.36 -9.06
N ALA D 185 -9.39 18.00 -10.03
CA ALA D 185 -10.75 17.59 -10.38
C ALA D 185 -10.77 16.16 -10.91
N GLY D 186 -9.77 15.79 -11.70
CA GLY D 186 -9.70 14.43 -12.21
C GLY D 186 -9.46 13.40 -11.12
N VAL D 187 -8.58 13.72 -10.16
CA VAL D 187 -8.34 12.82 -9.04
C VAL D 187 -9.60 12.67 -8.20
N VAL D 188 -10.29 13.77 -7.93
CA VAL D 188 -11.55 13.72 -7.19
C VAL D 188 -12.58 12.89 -7.95
N ASN D 189 -12.65 13.08 -9.28
CA ASN D 189 -13.57 12.30 -10.09
C ASN D 189 -13.26 10.82 -10.01
N GLY D 190 -11.98 10.46 -10.08
CA GLY D 190 -11.61 9.06 -9.92
C GLY D 190 -11.86 8.56 -8.51
N ALA D 191 -11.63 9.41 -7.51
CA ALA D 191 -11.86 9.02 -6.13
C ALA D 191 -13.32 8.72 -5.87
N LYS D 192 -14.23 9.49 -6.48
CA LYS D 192 -15.65 9.21 -6.32
C LYS D 192 -16.02 7.85 -6.88
N ILE D 193 -15.40 7.46 -8.00
CA ILE D 193 -15.58 6.11 -8.52
C ILE D 193 -15.06 5.09 -7.51
N ALA D 194 -13.86 5.33 -6.98
CA ALA D 194 -13.24 4.37 -6.07
C ALA D 194 -14.07 4.18 -4.81
N PHE D 195 -14.54 5.28 -4.22
CA PHE D 195 -15.22 5.17 -2.93
C PHE D 195 -16.63 4.62 -3.09
N LEU D 196 -17.35 5.05 -4.12
CA LEU D 196 -18.72 4.60 -4.32
C LEU D 196 -18.77 3.11 -4.66
N THR D 197 -17.83 2.64 -5.48
CA THR D 197 -17.82 1.22 -5.83
C THR D 197 -17.48 0.36 -4.63
N SER D 198 -16.62 0.85 -3.74
CA SER D 198 -16.31 0.10 -2.53
C SER D 198 -17.45 0.13 -1.53
N VAL D 199 -18.18 1.24 -1.43
CA VAL D 199 -19.34 1.29 -0.55
C VAL D 199 -20.34 0.21 -0.94
N TRP D 200 -20.70 0.16 -2.21
CA TRP D 200 -21.71 -0.79 -2.65
C TRP D 200 -21.14 -2.20 -2.77
N GLY D 201 -19.91 -2.33 -3.25
CA GLY D 201 -19.32 -3.64 -3.36
C GLY D 201 -19.21 -4.36 -2.03
N VAL D 202 -18.84 -3.62 -0.98
CA VAL D 202 -18.67 -4.25 0.32
C VAL D 202 -20.02 -4.39 1.03
N ALA D 203 -20.92 -3.42 0.87
CA ALA D 203 -22.23 -3.49 1.52
C ALA D 203 -23.05 -4.66 0.99
N LEU D 204 -23.08 -4.84 -0.32
CA LEU D 204 -23.77 -6.00 -0.88
C LEU D 204 -23.05 -7.29 -0.54
N SER D 205 -21.73 -7.26 -0.45
CA SER D 205 -20.98 -8.42 0.02
C SER D 205 -21.39 -8.79 1.44
N VAL D 206 -21.59 -7.78 2.30
CA VAL D 206 -22.08 -8.05 3.65
C VAL D 206 -23.49 -8.59 3.62
N PHE D 207 -24.37 -7.96 2.85
CA PHE D 207 -25.76 -8.35 2.84
C PHE D 207 -25.93 -9.77 2.34
N PHE D 208 -25.23 -10.14 1.26
CA PHE D 208 -25.29 -11.51 0.78
C PHE D 208 -24.66 -12.47 1.78
N ASN D 209 -23.52 -12.10 2.36
CA ASN D 209 -22.81 -13.00 3.25
C ASN D 209 -23.65 -13.30 4.49
N PHE D 210 -24.30 -12.28 5.04
CA PHE D 210 -25.19 -12.48 6.19
C PHE D 210 -26.47 -13.20 5.77
N PHE D 211 -27.03 -12.84 4.62
CA PHE D 211 -28.22 -13.53 4.12
C PHE D 211 -27.93 -15.00 3.84
N GLU D 212 -26.76 -15.28 3.25
CA GLU D 212 -26.42 -16.66 2.92
C GLU D 212 -26.34 -17.53 4.16
N LYS D 213 -25.76 -17.02 5.24
CA LYS D 213 -25.66 -17.77 6.48
C LYS D 213 -26.89 -17.66 7.35
N LEU D 214 -27.82 -16.75 7.05
CA LEU D 214 -29.14 -16.82 7.68
C LEU D 214 -29.97 -17.95 7.08
N CYS D 215 -29.87 -18.14 5.76
CA CYS D 215 -30.55 -19.26 5.13
C CYS D 215 -30.01 -20.59 5.65
N GLU D 216 -28.69 -20.67 5.86
CA GLU D 216 -28.10 -21.93 6.33
C GLU D 216 -28.64 -22.32 7.70
N GLN D 217 -28.58 -21.40 8.66
CA GLN D 217 -29.11 -21.72 10.00
C GLN D 217 -30.60 -21.99 9.96
N PHE D 218 -31.31 -21.34 9.04
CA PHE D 218 -32.72 -21.68 8.83
C PHE D 218 -32.86 -23.09 8.25
N ILE D 219 -31.90 -23.51 7.43
CA ILE D 219 -31.91 -24.87 6.92
C ILE D 219 -31.71 -25.87 8.06
N ARG D 220 -30.73 -25.61 8.94
CA ARG D 220 -30.56 -26.48 10.10
C ARG D 220 -31.78 -26.44 11.02
N SER D 221 -32.46 -25.29 11.09
CA SER D 221 -33.64 -25.19 11.93
C SER D 221 -34.73 -26.15 11.46
N LYS D 222 -34.85 -26.33 10.14
CA LYS D 222 -35.81 -27.31 9.64
C LYS D 222 -35.27 -28.73 9.76
N ILE D 223 -33.96 -28.91 9.59
CA ILE D 223 -33.39 -30.26 9.74
C ILE D 223 -33.51 -30.74 11.18
N ARG D 224 -33.21 -29.87 12.15
CA ARG D 224 -33.38 -30.27 13.54
C ARG D 224 -34.86 -30.48 13.87
N GLU D 225 -35.73 -29.60 13.38
CA GLU D 225 -37.16 -29.73 13.69
C GLU D 225 -37.74 -31.00 13.10
N LEU D 226 -37.23 -31.41 11.93
CA LEU D 226 -37.58 -32.72 11.40
C LEU D 226 -37.00 -33.83 12.28
N GLU D 227 -35.74 -33.69 12.70
CA GLU D 227 -35.10 -34.73 13.48
C GLU D 227 -35.73 -34.85 14.86
N ASP D 228 -36.03 -33.72 15.51
CA ASP D 228 -36.67 -33.77 16.82
C ASP D 228 -38.03 -34.44 16.75
N LYS D 229 -38.76 -34.23 15.66
CA LYS D 229 -40.05 -34.92 15.48
C LYS D 229 -39.86 -36.43 15.46
N VAL D 230 -38.86 -36.91 14.73
CA VAL D 230 -38.65 -38.34 14.59
C VAL D 230 -38.18 -38.96 15.89
N ASP D 231 -37.43 -38.21 16.70
CA ASP D 231 -36.76 -38.81 17.86
C ASP D 231 -37.78 -39.38 18.85
N PHE D 232 -38.75 -38.57 19.27
CA PHE D 232 -39.73 -39.10 20.22
C PHE D 232 -40.74 -40.01 19.55
N LEU D 233 -41.10 -39.72 18.30
CA LEU D 233 -41.99 -40.60 17.56
C LEU D 233 -41.36 -41.98 17.34
N PHE D 234 -40.08 -42.01 17.01
CA PHE D 234 -39.39 -43.24 16.60
C PHE D 234 -38.11 -43.37 17.42
N PRO D 235 -38.21 -43.86 18.67
CA PRO D 235 -37.08 -44.01 19.58
C PRO D 235 -35.97 -44.89 19.03
N GLU E 4 11.01 15.79 18.53
CA GLU E 4 9.97 14.79 18.27
C GLU E 4 8.59 15.43 18.45
N ARG E 5 7.75 15.33 17.41
CA ARG E 5 6.43 15.94 17.46
C ARG E 5 5.54 15.22 18.46
N GLN E 6 4.74 16.00 19.18
CA GLN E 6 3.69 15.42 20.01
C GLN E 6 2.53 14.98 19.14
N ILE E 7 1.86 13.91 19.57
CA ILE E 7 0.68 13.42 18.88
C ILE E 7 -0.48 13.41 19.85
N GLU E 8 -1.70 13.49 19.30
CA GLU E 8 -2.92 13.45 20.08
C GLU E 8 -3.75 12.26 19.62
N LEU E 9 -4.25 11.47 20.57
CA LEU E 9 -4.97 10.25 20.26
C LEU E 9 -6.36 10.20 20.89
N SER E 10 -6.83 11.30 21.48
CA SER E 10 -8.16 11.30 22.09
C SER E 10 -9.27 11.14 21.05
N TRP E 11 -9.00 11.45 19.78
CA TRP E 11 -9.97 11.28 18.71
C TRP E 11 -10.24 9.81 18.40
N LEU E 12 -9.44 8.88 18.90
CA LEU E 12 -9.72 7.46 18.73
C LEU E 12 -11.08 7.09 19.30
N LEU E 13 -11.45 7.70 20.42
CA LEU E 13 -12.75 7.44 21.05
C LEU E 13 -13.79 8.36 20.44
N PRO E 14 -14.83 7.83 19.80
CA PRO E 14 -15.90 8.69 19.29
C PRO E 14 -16.83 9.16 20.39
N ASP E 15 -17.56 10.22 20.09
CA ASP E 15 -18.60 10.72 20.98
C ASP E 15 -19.90 10.04 20.65
N PHE E 16 -20.43 9.27 21.60
CA PHE E 16 -21.63 8.46 21.41
C PHE E 16 -22.87 9.09 22.02
N SER E 17 -22.78 10.35 22.49
CA SER E 17 -23.92 10.95 23.16
C SER E 17 -25.05 11.29 22.18
N HIS E 18 -24.72 11.80 21.00
CA HIS E 18 -25.71 12.24 20.01
C HIS E 18 -25.94 11.19 18.94
N LEU E 19 -25.90 9.92 19.32
CA LEU E 19 -26.10 8.83 18.36
C LEU E 19 -27.51 8.89 17.78
N SER E 20 -27.59 8.73 16.46
CA SER E 20 -28.87 8.59 15.80
C SER E 20 -28.64 7.85 14.48
N PHE E 21 -29.72 7.30 13.95
CA PHE E 21 -29.67 6.57 12.70
C PHE E 21 -29.81 7.48 11.48
N HIS E 22 -29.81 8.79 11.69
CA HIS E 22 -29.83 9.77 10.59
C HIS E 22 -28.70 10.76 10.85
N PRO E 23 -27.46 10.35 10.61
CA PRO E 23 -26.33 11.25 10.88
C PRO E 23 -26.23 12.35 9.85
N GLN E 24 -26.02 13.58 10.33
CA GLN E 24 -25.95 14.76 9.48
C GLN E 24 -24.53 15.17 9.12
N THR E 25 -23.52 14.68 9.85
CA THR E 25 -22.13 15.02 9.60
C THR E 25 -21.31 13.75 9.48
N GLY E 26 -20.07 13.92 9.00
CA GLY E 26 -19.17 12.79 8.91
C GLY E 26 -18.76 12.26 10.26
N THR E 27 -18.63 13.14 11.26
CA THR E 27 -18.35 12.70 12.62
C THR E 27 -19.50 11.87 13.17
N ALA E 28 -20.74 12.33 12.95
CA ALA E 28 -21.90 11.56 13.39
C ALA E 28 -21.97 10.22 12.66
N LEU E 29 -21.65 10.21 11.37
CA LEU E 29 -21.67 8.97 10.61
C LEU E 29 -20.60 8.00 11.10
N SER E 30 -19.41 8.52 11.41
CA SER E 30 -18.35 7.68 11.96
C SER E 30 -18.71 7.11 13.32
N SER E 31 -19.31 7.94 14.19
CA SER E 31 -19.71 7.46 15.50
C SER E 31 -20.78 6.38 15.39
N LEU E 32 -21.71 6.54 14.46
CA LEU E 32 -22.77 5.55 14.30
C LEU E 32 -22.21 4.20 13.89
N PHE E 33 -21.24 4.18 12.95
CA PHE E 33 -20.70 2.91 12.49
C PHE E 33 -19.84 2.24 13.54
N VAL E 34 -19.09 3.02 14.33
CA VAL E 34 -18.34 2.43 15.43
C VAL E 34 -19.31 1.83 16.46
N ALA E 35 -20.39 2.55 16.74
CA ALA E 35 -21.40 2.01 17.65
C ALA E 35 -22.07 0.77 17.10
N ILE E 36 -22.39 0.78 15.79
CA ILE E 36 -22.98 -0.41 15.17
C ILE E 36 -22.02 -1.59 15.27
N THR E 37 -20.75 -1.37 14.93
CA THR E 37 -19.78 -2.46 14.98
C THR E 37 -19.58 -2.95 16.41
N LEU E 38 -19.58 -2.02 17.38
CA LEU E 38 -19.53 -2.43 18.78
C LEU E 38 -20.75 -3.24 19.18
N THR E 39 -21.94 -2.81 18.74
CA THR E 39 -23.16 -3.53 19.09
C THR E 39 -23.19 -4.92 18.45
N VAL E 40 -22.76 -5.02 17.18
CA VAL E 40 -22.69 -6.31 16.53
C VAL E 40 -21.69 -7.22 17.24
N THR E 41 -20.55 -6.65 17.64
CA THR E 41 -19.56 -7.43 18.38
C THR E 41 -20.12 -7.92 19.71
N LEU E 42 -20.81 -7.04 20.44
CA LEU E 42 -21.36 -7.44 21.73
C LEU E 42 -22.49 -8.46 21.57
N LEU E 43 -23.33 -8.29 20.54
CA LEU E 43 -24.41 -9.25 20.31
C LEU E 43 -23.86 -10.63 20.01
N PHE E 44 -22.80 -10.71 19.22
CA PHE E 44 -22.24 -12.02 18.86
C PHE E 44 -21.35 -12.57 19.96
N ILE E 45 -20.75 -11.72 20.79
CA ILE E 45 -20.05 -12.21 21.98
C ILE E 45 -21.04 -12.80 22.97
N ALA E 46 -22.14 -12.09 23.23
CA ALA E 46 -23.15 -12.61 24.15
C ALA E 46 -23.76 -13.90 23.61
N TYR E 47 -24.03 -13.95 22.31
CA TYR E 47 -24.55 -15.16 21.69
C TYR E 47 -23.56 -16.30 21.85
N LEU E 48 -22.28 -16.05 21.58
CA LEU E 48 -21.26 -17.08 21.70
C LEU E 48 -20.99 -17.43 23.16
N LEU E 49 -20.95 -16.43 24.03
CA LEU E 49 -20.59 -16.67 25.43
C LEU E 49 -21.70 -17.39 26.18
N TYR E 50 -22.95 -16.98 25.97
CA TYR E 50 -24.07 -17.66 26.61
C TYR E 50 -24.19 -19.09 26.15
N LYS E 51 -24.04 -19.32 24.85
CA LYS E 51 -24.26 -20.64 24.27
C LYS E 51 -23.03 -21.55 24.41
N SER E 52 -21.90 -21.02 24.88
CA SER E 52 -20.79 -21.86 25.27
C SER E 52 -20.86 -22.27 26.73
N ILE E 53 -21.37 -21.39 27.61
CA ILE E 53 -21.59 -21.77 29.00
C ILE E 53 -22.62 -22.89 29.06
N ASP E 54 -23.61 -22.87 28.16
CA ASP E 54 -24.53 -23.99 28.07
C ASP E 54 -23.79 -25.29 27.84
N VAL E 55 -22.80 -25.28 26.95
CA VAL E 55 -21.98 -26.45 26.72
C VAL E 55 -21.15 -26.79 27.95
N VAL E 56 -20.59 -25.76 28.60
CA VAL E 56 -19.75 -25.99 29.77
C VAL E 56 -20.58 -26.56 30.92
N LEU E 57 -21.80 -26.06 31.11
CA LEU E 57 -22.64 -26.56 32.20
C LEU E 57 -22.99 -28.03 32.01
N LYS E 58 -23.29 -28.45 30.78
CA LYS E 58 -23.55 -29.85 30.53
C LYS E 58 -22.35 -30.71 30.88
N ILE E 59 -21.15 -30.25 30.53
CA ILE E 59 -19.94 -31.00 30.87
C ILE E 59 -19.74 -31.03 32.38
N ASN E 60 -19.87 -29.87 33.04
CA ASN E 60 -19.62 -29.82 34.49
C ASN E 60 -20.62 -30.66 35.26
N TRP E 61 -21.87 -30.75 34.80
CA TRP E 61 -22.88 -31.51 35.51
C TRP E 61 -22.47 -32.97 35.65
N LEU E 62 -22.00 -33.58 34.57
CA LEU E 62 -21.65 -35.00 34.63
C LEU E 62 -20.30 -35.20 35.32
N GLN E 63 -19.37 -34.24 35.18
CA GLN E 63 -18.11 -34.33 35.91
C GLN E 63 -18.34 -34.35 37.41
N LYS E 64 -19.25 -33.51 37.89
CA LYS E 64 -19.61 -33.53 39.32
C LYS E 64 -20.31 -34.82 39.71
N ALA E 65 -20.83 -35.57 38.74
CA ALA E 65 -21.43 -36.87 39.02
C ALA E 65 -20.43 -38.02 38.98
N LEU E 66 -19.20 -37.76 38.55
CA LEU E 66 -18.16 -38.78 38.48
C LEU E 66 -16.88 -38.41 39.23
N GLU E 67 -16.82 -37.22 39.83
CA GLU E 67 -15.62 -36.83 40.57
C GLU E 67 -15.30 -37.74 41.75
N PRO E 68 -16.26 -38.05 42.68
CA PRO E 68 -15.92 -38.87 43.86
C PRO E 68 -16.02 -40.37 43.59
N LEU E 69 -15.32 -40.82 42.55
CA LEU E 69 -15.29 -42.23 42.18
C LEU E 69 -13.85 -42.64 41.97
N GLU E 70 -13.44 -43.74 42.60
CA GLU E 70 -12.11 -44.29 42.39
C GLU E 70 -12.17 -45.23 41.18
N ARG E 71 -11.11 -46.01 40.99
CA ARG E 71 -11.04 -46.90 39.83
C ARG E 71 -12.09 -47.99 39.91
N LYS E 72 -12.33 -48.54 41.10
CA LYS E 72 -13.11 -49.76 41.25
C LYS E 72 -14.59 -49.52 41.58
N ASP E 73 -14.94 -48.40 42.22
CA ASP E 73 -16.31 -48.17 42.67
C ASP E 73 -17.20 -47.71 41.51
N VAL E 74 -17.22 -48.54 40.46
CA VAL E 74 -17.99 -48.22 39.27
C VAL E 74 -19.14 -49.20 39.05
N ALA E 75 -19.06 -50.42 39.58
CA ALA E 75 -20.15 -51.37 39.42
C ALA E 75 -21.39 -50.92 40.17
N GLN E 76 -21.23 -50.45 41.40
CA GLN E 76 -22.37 -49.94 42.16
C GLN E 76 -22.85 -48.60 41.62
N LYS E 77 -21.98 -47.82 40.99
CA LYS E 77 -22.34 -46.55 40.39
C LYS E 77 -22.84 -46.72 38.96
N LYS E 78 -22.74 -47.94 38.40
CA LYS E 78 -23.15 -48.17 37.03
C LYS E 78 -24.62 -47.86 36.81
N GLU E 79 -25.44 -48.03 37.85
CA GLU E 79 -26.88 -47.82 37.74
C GLU E 79 -27.43 -46.75 38.66
N VAL E 80 -26.84 -46.52 39.83
CA VAL E 80 -27.32 -45.45 40.70
C VAL E 80 -27.10 -44.10 40.05
N LEU E 81 -26.08 -43.99 39.19
CA LEU E 81 -25.91 -42.79 38.38
C LEU E 81 -26.99 -42.69 37.31
N TYR E 82 -27.52 -43.83 36.84
CA TYR E 82 -28.49 -43.83 35.76
C TYR E 82 -29.80 -43.18 36.17
N GLN E 83 -30.29 -43.45 37.38
CA GLN E 83 -31.57 -42.90 37.80
C GLN E 83 -31.52 -41.38 37.90
N LEU E 84 -30.47 -40.84 38.51
CA LEU E 84 -30.35 -39.38 38.63
C LEU E 84 -30.11 -38.70 37.29
N ALA E 85 -29.66 -39.44 36.27
CA ALA E 85 -29.58 -38.87 34.93
C ALA E 85 -30.95 -38.54 34.38
N LYS E 86 -31.92 -39.45 34.60
CA LYS E 86 -33.27 -39.22 34.08
C LYS E 86 -33.95 -38.02 34.72
N SER E 87 -33.61 -37.73 35.98
CA SER E 87 -34.20 -36.58 36.66
C SER E 87 -33.87 -35.26 35.97
N LYS E 88 -32.77 -35.22 35.22
CA LYS E 88 -32.40 -34.05 34.44
C LYS E 88 -32.61 -34.22 32.95
N SER E 89 -32.53 -35.45 32.44
CA SER E 89 -32.62 -35.68 31.00
C SER E 89 -33.99 -35.38 30.42
N LYS E 90 -35.04 -35.32 31.24
CA LYS E 90 -36.39 -35.14 30.73
C LYS E 90 -36.53 -33.78 30.03
N GLY E 91 -37.12 -33.80 28.84
CA GLY E 91 -37.41 -32.59 28.11
C GLY E 91 -36.44 -32.26 26.99
N LYS E 92 -35.17 -32.63 27.18
CA LYS E 92 -34.14 -32.26 26.21
C LYS E 92 -34.27 -33.09 24.93
N SER E 93 -33.59 -32.63 23.88
CA SER E 93 -33.59 -33.32 22.60
C SER E 93 -32.41 -34.27 22.47
N LYS E 94 -31.19 -33.75 22.59
CA LYS E 94 -29.97 -34.54 22.58
C LYS E 94 -29.03 -34.02 23.66
N GLY E 95 -29.56 -33.81 24.85
CA GLY E 95 -28.80 -33.23 25.93
C GLY E 95 -27.77 -34.19 26.51
N ILE E 96 -27.11 -33.72 27.57
CA ILE E 96 -26.11 -34.56 28.23
C ILE E 96 -26.76 -35.77 28.88
N GLY E 97 -28.04 -35.67 29.23
CA GLY E 97 -28.73 -36.83 29.78
C GLY E 97 -28.90 -37.94 28.77
N PHE E 98 -29.51 -37.63 27.63
CA PHE E 98 -29.65 -38.62 26.57
C PHE E 98 -28.30 -39.04 26.00
N LEU E 99 -27.31 -38.16 26.07
CA LEU E 99 -25.98 -38.54 25.60
C LEU E 99 -25.37 -39.61 26.50
N TRP E 100 -25.66 -39.56 27.80
CA TRP E 100 -25.32 -40.67 28.68
C TRP E 100 -26.16 -41.90 28.38
N MET E 101 -27.43 -41.69 27.99
CA MET E 101 -28.34 -42.81 27.73
C MET E 101 -27.80 -43.69 26.61
N GLU E 102 -27.40 -43.07 25.49
CA GLU E 102 -26.93 -43.82 24.33
C GLU E 102 -25.59 -44.50 24.59
N PHE E 103 -24.85 -44.05 25.61
CA PHE E 103 -23.54 -44.63 25.91
C PHE E 103 -23.58 -45.63 27.06
N ASP E 104 -24.38 -45.35 28.10
CA ASP E 104 -24.46 -46.27 29.23
C ASP E 104 -24.97 -47.64 28.82
N GLU E 105 -25.81 -47.70 27.78
CA GLU E 105 -26.39 -48.96 27.36
C GLU E 105 -25.41 -49.85 26.61
N THR E 106 -24.43 -49.26 25.93
CA THR E 106 -23.55 -50.03 25.06
C THR E 106 -22.31 -50.57 25.75
N LEU E 107 -22.16 -50.36 27.06
CA LEU E 107 -21.11 -51.02 27.81
C LEU E 107 -21.46 -52.50 27.96
N VAL E 108 -20.55 -53.38 27.55
CA VAL E 108 -20.73 -54.81 27.72
C VAL E 108 -20.16 -55.22 29.07
N GLU E 109 -20.68 -56.33 29.60
CA GLU E 109 -20.33 -56.79 30.95
C GLU E 109 -19.47 -58.03 30.79
N VAL E 110 -18.17 -57.90 31.08
CA VAL E 110 -17.24 -58.99 30.92
C VAL E 110 -17.15 -59.79 32.22
N ARG E 111 -16.96 -61.10 32.10
CA ARG E 111 -16.98 -62.03 33.23
C ARG E 111 -15.65 -62.77 33.30
N LYS E 112 -14.67 -62.20 33.99
CA LYS E 112 -13.40 -62.89 34.25
C LYS E 112 -13.39 -63.48 35.66
N GLY E 113 -14.31 -64.40 35.91
CA GLY E 113 -14.41 -65.04 37.21
C GLY E 113 -14.79 -64.08 38.32
N ASP E 114 -13.85 -63.80 39.22
CA ASP E 114 -14.04 -62.82 40.28
C ASP E 114 -13.48 -61.46 39.85
N GLN E 115 -13.57 -61.15 38.56
CA GLN E 115 -13.11 -59.89 37.98
C GLN E 115 -14.22 -59.27 37.17
N ILE E 116 -15.42 -59.19 37.76
CA ILE E 116 -16.58 -58.64 37.09
C ILE E 116 -16.36 -57.15 36.84
N GLU E 117 -16.27 -56.76 35.57
CA GLU E 117 -15.94 -55.40 35.19
C GLU E 117 -16.80 -54.96 34.01
N ILE E 118 -16.48 -53.77 33.50
CA ILE E 118 -17.19 -53.13 32.40
C ILE E 118 -16.16 -52.61 31.40
N ARG E 119 -16.45 -52.79 30.10
CA ARG E 119 -15.50 -52.49 29.04
C ARG E 119 -16.25 -51.99 27.81
N ASN E 120 -15.66 -50.99 27.13
CA ASN E 120 -16.20 -50.50 25.89
C ASN E 120 -15.90 -51.45 24.73
N THR E 121 -16.79 -51.48 23.75
CA THR E 121 -16.59 -52.31 22.57
C THR E 121 -15.93 -51.57 21.41
N LEU E 122 -15.90 -50.24 21.45
CA LEU E 122 -15.15 -49.47 20.46
C LEU E 122 -14.83 -48.10 21.04
N ASP E 123 -14.09 -47.31 20.27
CA ASP E 123 -13.64 -46.01 20.75
C ASP E 123 -14.82 -45.07 20.99
N ALA E 124 -14.73 -44.31 22.08
CA ALA E 124 -15.78 -43.37 22.46
C ALA E 124 -15.61 -42.00 21.79
N GLY E 125 -14.87 -41.92 20.69
CA GLY E 125 -14.65 -40.66 20.01
C GLY E 125 -15.87 -40.10 19.32
N HIS E 126 -16.83 -40.96 18.96
CA HIS E 126 -18.06 -40.52 18.34
C HIS E 126 -19.24 -40.51 19.31
N PHE E 127 -19.01 -40.77 20.59
CA PHE E 127 -20.03 -40.68 21.63
C PHE E 127 -19.91 -39.43 22.49
N PHE E 128 -18.73 -39.15 23.01
CA PHE E 128 -18.46 -37.92 23.76
C PHE E 128 -17.38 -37.15 23.02
N ASN E 129 -17.76 -36.06 22.37
CA ASN E 129 -16.83 -35.28 21.57
C ASN E 129 -17.44 -33.89 21.34
N THR E 130 -16.78 -33.10 20.49
CA THR E 130 -17.27 -31.76 20.20
C THR E 130 -18.51 -31.77 19.33
N TYR E 131 -18.79 -32.87 18.64
CA TYR E 131 -19.99 -32.95 17.82
C TYR E 131 -21.24 -33.03 18.68
N THR E 132 -21.23 -33.89 19.70
CA THR E 132 -22.43 -34.14 20.50
C THR E 132 -22.64 -33.07 21.57
N LEU E 133 -21.59 -32.42 22.03
CA LEU E 133 -21.67 -31.42 23.08
C LEU E 133 -21.58 -29.99 22.55
N ALA E 134 -20.69 -29.74 21.60
CA ALA E 134 -20.41 -28.40 21.07
C ALA E 134 -20.95 -28.25 19.65
N ASN E 135 -22.16 -28.77 19.42
CA ASN E 135 -22.70 -28.89 18.07
C ASN E 135 -22.88 -27.55 17.37
N SER E 136 -22.91 -26.43 18.11
CA SER E 136 -23.26 -25.16 17.49
C SER E 136 -22.24 -24.05 17.77
N VAL E 137 -21.01 -24.39 18.17
CA VAL E 137 -19.97 -23.39 18.43
C VAL E 137 -18.72 -23.65 17.58
N THR E 138 -18.22 -24.88 17.57
CA THR E 138 -16.94 -25.15 16.94
C THR E 138 -17.04 -25.18 15.41
N GLU E 139 -18.12 -25.74 14.88
CA GLU E 139 -18.30 -25.85 13.45
C GLU E 139 -19.28 -24.81 12.90
N ASN E 140 -19.67 -23.84 13.72
CA ASN E 140 -20.64 -22.82 13.33
C ASN E 140 -19.93 -21.80 12.46
N ARG E 141 -20.33 -21.68 11.20
CA ARG E 141 -19.66 -20.77 10.29
C ARG E 141 -20.31 -19.39 10.25
N LEU E 142 -21.45 -19.19 10.91
CA LEU E 142 -21.94 -17.85 11.16
C LEU E 142 -21.05 -17.12 12.17
N ILE E 143 -20.66 -17.82 13.25
CA ILE E 143 -19.75 -17.24 14.22
C ILE E 143 -18.39 -17.00 13.58
N ALA E 144 -17.94 -17.91 12.73
CA ALA E 144 -16.69 -17.75 12.01
C ALA E 144 -16.72 -16.60 11.02
N ALA E 145 -17.91 -16.16 10.61
CA ALA E 145 -18.05 -15.06 9.68
C ALA E 145 -18.17 -13.70 10.35
N VAL E 146 -18.32 -13.67 11.68
CA VAL E 146 -18.47 -12.40 12.39
C VAL E 146 -17.28 -11.47 12.21
N PRO E 147 -16.02 -11.91 12.37
CA PRO E 147 -14.92 -10.96 12.16
C PRO E 147 -14.86 -10.38 10.76
N GLY E 148 -15.27 -11.15 9.75
CA GLY E 148 -15.43 -10.58 8.43
C GLY E 148 -16.52 -9.53 8.37
N PHE E 149 -17.62 -9.76 9.09
CA PHE E 149 -18.67 -8.75 9.20
C PHE E 149 -18.16 -7.48 9.85
N LEU E 150 -17.42 -7.62 10.96
CA LEU E 150 -16.97 -6.46 11.71
C LEU E 150 -15.99 -5.62 10.90
N THR E 151 -15.06 -6.27 10.21
CA THR E 151 -14.15 -5.54 9.33
C THR E 151 -14.92 -4.86 8.20
N ALA E 152 -15.87 -5.56 7.60
CA ALA E 152 -16.59 -5.01 6.46
C ALA E 152 -17.45 -3.81 6.86
N LEU E 153 -18.08 -3.86 8.03
CA LEU E 153 -18.84 -2.69 8.50
C LEU E 153 -17.92 -1.49 8.71
N GLY E 154 -16.72 -1.72 9.25
CA GLY E 154 -15.76 -0.64 9.35
C GLY E 154 -15.35 -0.10 7.98
N VAL E 155 -15.19 -1.00 7.00
CA VAL E 155 -14.85 -0.58 5.64
C VAL E 155 -15.98 0.23 5.02
N ILE E 156 -17.23 -0.22 5.18
CA ILE E 156 -18.37 0.53 4.65
C ILE E 156 -18.44 1.91 5.26
N GLY E 157 -18.26 1.99 6.58
CA GLY E 157 -18.30 3.29 7.24
C GLY E 157 -17.23 4.23 6.74
N THR E 158 -16.03 3.71 6.48
CA THR E 158 -14.93 4.55 6.03
C THR E 158 -15.17 5.07 4.61
N PHE E 159 -15.53 4.18 3.69
CA PHE E 159 -15.75 4.62 2.31
C PHE E 159 -16.99 5.50 2.19
N MET E 160 -18.00 5.27 3.02
CA MET E 160 -19.13 6.19 3.04
C MET E 160 -18.70 7.56 3.53
N GLY E 161 -17.90 7.61 4.58
CA GLY E 161 -17.38 8.89 5.05
C GLY E 161 -16.53 9.58 4.01
N LEU E 162 -15.69 8.83 3.30
CA LEU E 162 -14.87 9.41 2.24
C LEU E 162 -15.72 9.86 1.06
N GLN E 163 -16.72 9.07 0.67
CA GLN E 163 -17.58 9.43 -0.46
C GLN E 163 -18.41 10.67 -0.19
N LEU E 164 -19.03 10.76 1.00
CA LEU E 164 -19.80 11.95 1.31
C LEU E 164 -18.93 13.18 1.52
N GLY E 165 -17.67 12.99 1.93
CA GLY E 165 -16.75 14.13 1.96
C GLY E 165 -16.47 14.69 0.59
N LEU E 166 -16.40 13.83 -0.42
CA LEU E 166 -16.10 14.26 -1.78
C LEU E 166 -17.30 14.86 -2.48
N ALA E 167 -18.50 14.37 -2.19
CA ALA E 167 -19.70 14.90 -2.85
C ALA E 167 -19.97 16.34 -2.46
N ASP E 168 -19.45 16.81 -1.33
CA ASP E 168 -19.56 18.22 -0.96
C ASP E 168 -18.75 19.13 -1.87
N LEU E 169 -17.80 18.57 -2.62
CA LEU E 169 -16.84 19.39 -3.35
C LEU E 169 -17.46 19.96 -4.62
N LYS E 170 -17.59 21.28 -4.66
CA LYS E 170 -17.78 22.00 -5.92
C LYS E 170 -16.39 22.29 -6.48
N LEU E 171 -16.03 21.61 -7.56
CA LEU E 171 -14.65 21.60 -8.02
C LEU E 171 -14.59 21.65 -9.53
N GLY E 172 -13.46 22.14 -10.03
CA GLY E 172 -13.20 22.18 -11.45
C GLY E 172 -11.94 22.96 -11.73
N ALA E 173 -11.56 22.97 -13.00
CA ALA E 173 -10.45 23.83 -13.43
C ALA E 173 -10.86 25.29 -13.42
N GLY E 174 -12.14 25.58 -13.66
CA GLY E 174 -12.68 26.93 -13.66
C GLY E 174 -13.14 27.42 -12.30
N VAL E 175 -13.09 26.59 -11.27
CA VAL E 175 -13.44 27.00 -9.92
C VAL E 175 -12.27 27.76 -9.31
N ASP E 176 -12.57 28.74 -8.46
CA ASP E 176 -11.54 29.54 -7.83
C ASP E 176 -10.58 28.66 -7.04
N VAL E 177 -9.29 29.00 -7.11
CA VAL E 177 -8.27 28.17 -6.47
C VAL E 177 -8.43 28.17 -4.96
N THR E 178 -8.70 29.34 -4.36
CA THR E 178 -8.87 29.40 -2.92
C THR E 178 -10.06 28.57 -2.46
N THR E 179 -11.10 28.49 -3.30
CA THR E 179 -12.25 27.64 -2.98
C THR E 179 -11.84 26.18 -2.92
N MET E 180 -11.06 25.72 -3.91
CA MET E 180 -10.70 24.31 -3.96
C MET E 180 -9.62 23.96 -2.94
N GLN E 181 -8.77 24.92 -2.55
CA GLN E 181 -7.86 24.67 -1.43
C GLN E 181 -8.63 24.41 -0.14
N ASP E 182 -9.70 25.18 0.10
CA ASP E 182 -10.52 24.94 1.29
C ASP E 182 -11.30 23.63 1.16
N GLY E 183 -11.74 23.28 -0.04
CA GLY E 183 -12.44 22.02 -0.23
C GLY E 183 -11.56 20.81 0.02
N VAL E 184 -10.33 20.83 -0.51
CA VAL E 184 -9.41 19.72 -0.28
C VAL E 184 -9.04 19.64 1.20
N ALA E 185 -8.90 20.79 1.86
CA ALA E 185 -8.57 20.78 3.29
C ALA E 185 -9.67 20.10 4.10
N GLY E 186 -10.93 20.37 3.77
CA GLY E 186 -12.02 19.70 4.45
C GLY E 186 -12.05 18.21 4.18
N VAL E 187 -11.72 17.81 2.96
CA VAL E 187 -11.68 16.38 2.62
C VAL E 187 -10.60 15.67 3.43
N VAL E 188 -9.42 16.28 3.54
CA VAL E 188 -8.33 15.69 4.31
C VAL E 188 -8.70 15.61 5.79
N ASN E 189 -9.32 16.67 6.31
CA ASN E 189 -9.73 16.65 7.72
C ASN E 189 -10.79 15.58 7.97
N GLY E 190 -11.74 15.44 7.06
CA GLY E 190 -12.76 14.42 7.22
C GLY E 190 -12.27 13.01 6.99
N ALA E 191 -11.13 12.84 6.31
CA ALA E 191 -10.60 11.52 6.05
C ALA E 191 -10.10 10.85 7.31
N LYS E 192 -9.55 11.62 8.25
CA LYS E 192 -9.12 11.05 9.52
C LYS E 192 -10.30 10.49 10.30
N ILE E 193 -11.42 11.23 10.33
CA ILE E 193 -12.60 10.76 11.04
C ILE E 193 -13.23 9.57 10.30
N ALA E 194 -13.20 9.60 8.97
CA ALA E 194 -13.79 8.50 8.20
C ALA E 194 -13.07 7.18 8.47
N PHE E 195 -11.74 7.22 8.57
CA PHE E 195 -10.95 6.01 8.75
C PHE E 195 -11.00 5.48 10.18
N LEU E 196 -11.61 6.21 11.11
CA LEU E 196 -11.74 5.73 12.48
C LEU E 196 -12.59 4.45 12.54
N THR E 197 -13.64 4.37 11.73
CA THR E 197 -14.48 3.17 11.74
C THR E 197 -13.72 1.94 11.29
N SER E 198 -12.78 2.10 10.36
CA SER E 198 -11.97 0.96 9.94
C SER E 198 -11.03 0.51 11.05
N VAL E 199 -10.48 1.46 11.81
CA VAL E 199 -9.62 1.11 12.94
C VAL E 199 -10.41 0.31 13.97
N TRP E 200 -11.60 0.79 14.31
CA TRP E 200 -12.45 0.07 15.26
C TRP E 200 -12.94 -1.25 14.66
N GLY E 201 -13.28 -1.24 13.37
CA GLY E 201 -13.77 -2.46 12.74
C GLY E 201 -12.73 -3.56 12.72
N VAL E 202 -11.48 -3.21 12.41
CA VAL E 202 -10.41 -4.21 12.41
C VAL E 202 -10.08 -4.63 13.83
N ALA E 203 -10.04 -3.68 14.78
CA ALA E 203 -9.72 -4.01 16.16
C ALA E 203 -10.76 -4.95 16.77
N LEU E 204 -12.05 -4.66 16.57
CA LEU E 204 -13.09 -5.54 17.09
C LEU E 204 -13.15 -6.86 16.33
N SER E 205 -12.80 -6.86 15.05
CA SER E 205 -12.71 -8.10 14.30
C SER E 205 -11.63 -9.00 14.87
N VAL E 206 -10.46 -8.44 15.19
CA VAL E 206 -9.39 -9.23 15.79
C VAL E 206 -9.78 -9.72 17.16
N PHE E 207 -10.36 -8.83 17.97
CA PHE E 207 -10.73 -9.21 19.33
C PHE E 207 -11.76 -10.33 19.32
N PHE E 208 -12.78 -10.22 18.47
CA PHE E 208 -13.77 -11.29 18.39
C PHE E 208 -13.15 -12.57 17.84
N ASN E 209 -12.33 -12.45 16.80
CA ASN E 209 -11.65 -13.61 16.23
C ASN E 209 -10.85 -14.33 17.31
N PHE E 210 -10.08 -13.58 18.09
CA PHE E 210 -9.31 -14.19 19.18
C PHE E 210 -10.24 -14.78 20.23
N PHE E 211 -11.30 -14.08 20.59
CA PHE E 211 -12.18 -14.52 21.66
C PHE E 211 -12.89 -15.81 21.30
N GLU E 212 -13.42 -15.92 20.08
CA GLU E 212 -14.21 -17.10 19.74
C GLU E 212 -13.34 -18.33 19.53
N LYS E 213 -12.10 -18.14 19.08
CA LYS E 213 -11.18 -19.28 19.02
C LYS E 213 -10.62 -19.62 20.39
N LEU E 214 -10.57 -18.65 21.30
CA LEU E 214 -10.21 -18.96 22.68
C LEU E 214 -11.29 -19.76 23.38
N CYS E 215 -12.56 -19.42 23.16
CA CYS E 215 -13.65 -20.20 23.74
C CYS E 215 -13.69 -21.61 23.17
N GLU E 216 -13.40 -21.75 21.88
CA GLU E 216 -13.36 -23.08 21.27
C GLU E 216 -12.27 -23.94 21.90
N GLN E 217 -11.07 -23.39 22.05
CA GLN E 217 -9.99 -24.16 22.65
C GLN E 217 -10.27 -24.46 24.11
N PHE E 218 -11.07 -23.62 24.76
CA PHE E 218 -11.49 -23.89 26.13
C PHE E 218 -12.57 -24.97 26.17
N ILE E 219 -13.46 -24.99 25.18
CA ILE E 219 -14.50 -26.01 25.13
C ILE E 219 -13.88 -27.39 24.93
N ARG E 220 -12.97 -27.51 23.96
CA ARG E 220 -12.32 -28.79 23.72
C ARG E 220 -11.35 -29.17 24.82
N SER E 221 -10.92 -28.22 25.64
CA SER E 221 -10.10 -28.57 26.80
C SER E 221 -10.89 -29.44 27.78
N LYS E 222 -12.14 -29.07 28.04
CA LYS E 222 -12.97 -29.87 28.94
C LYS E 222 -13.51 -31.13 28.28
N ILE E 223 -13.80 -31.09 26.98
CA ILE E 223 -14.31 -32.29 26.31
C ILE E 223 -13.27 -33.40 26.34
N ARG E 224 -12.01 -33.06 26.05
CA ARG E 224 -10.93 -34.01 26.26
C ARG E 224 -10.74 -34.31 27.74
N GLU E 225 -10.87 -33.29 28.60
CA GLU E 225 -10.83 -33.52 30.05
C GLU E 225 -11.96 -34.44 30.48
N LEU E 226 -13.12 -34.33 29.85
CA LEU E 226 -14.22 -35.24 30.14
C LEU E 226 -13.90 -36.66 29.69
N GLU E 227 -13.28 -36.80 28.51
CA GLU E 227 -12.92 -38.12 28.02
C GLU E 227 -11.90 -38.81 28.92
N ASP E 228 -11.09 -38.02 29.64
CA ASP E 228 -10.15 -38.59 30.60
C ASP E 228 -10.88 -39.37 31.68
N LYS E 229 -11.96 -38.80 32.22
CA LYS E 229 -12.74 -39.52 33.22
C LYS E 229 -13.45 -40.73 32.61
N VAL E 230 -13.92 -40.61 31.36
CA VAL E 230 -14.63 -41.71 30.73
C VAL E 230 -13.70 -42.88 30.46
N ASP E 231 -12.50 -42.61 29.96
CA ASP E 231 -11.57 -43.69 29.64
C ASP E 231 -10.78 -44.19 30.84
N PHE E 232 -10.92 -43.55 32.01
CA PHE E 232 -10.27 -44.04 33.22
C PHE E 232 -11.24 -44.78 34.14
N LEU E 233 -12.54 -44.47 34.07
CA LEU E 233 -13.55 -45.15 34.86
C LEU E 233 -14.41 -46.10 34.06
N PHE E 234 -14.44 -45.95 32.73
CA PHE E 234 -15.23 -46.80 31.85
C PHE E 234 -14.30 -47.28 30.74
N PRO E 235 -13.51 -48.32 30.98
CA PRO E 235 -12.52 -48.84 30.02
C PRO E 235 -13.12 -49.23 28.69
N GLU F 4 9.03 8.13 -22.90
CA GLU F 4 10.20 8.64 -23.61
C GLU F 4 11.49 8.23 -22.93
N ARG F 5 11.51 8.23 -21.60
CA ARG F 5 12.69 7.84 -20.86
C ARG F 5 13.02 6.38 -21.13
N GLN F 6 14.30 6.12 -21.41
CA GLN F 6 14.76 4.77 -21.70
C GLN F 6 14.88 3.95 -20.42
N ILE F 7 14.52 2.67 -20.50
CA ILE F 7 14.62 1.75 -19.38
C ILE F 7 15.45 0.55 -19.82
N GLU F 8 16.16 -0.05 -18.87
CA GLU F 8 16.88 -1.29 -19.09
C GLU F 8 16.47 -2.29 -18.03
N LEU F 9 16.03 -3.47 -18.48
CA LEU F 9 15.57 -4.50 -17.55
C LEU F 9 16.69 -5.05 -16.69
N SER F 10 17.95 -4.82 -17.07
CA SER F 10 19.07 -5.26 -16.26
C SER F 10 19.21 -4.47 -14.98
N TRP F 11 18.58 -3.29 -14.89
CA TRP F 11 18.56 -2.53 -13.65
C TRP F 11 17.89 -3.29 -12.52
N LEU F 12 17.05 -4.28 -12.85
CA LEU F 12 16.33 -5.05 -11.84
C LEU F 12 17.19 -6.15 -11.23
N LEU F 13 18.30 -6.52 -11.85
CA LEU F 13 19.18 -7.53 -11.29
C LEU F 13 20.08 -6.91 -10.23
N PRO F 14 20.01 -7.35 -8.98
CA PRO F 14 20.91 -6.81 -7.95
C PRO F 14 22.33 -7.30 -8.14
N ASP F 15 23.26 -6.55 -7.56
CA ASP F 15 24.67 -6.93 -7.59
C ASP F 15 24.98 -7.76 -6.35
N PHE F 16 25.27 -9.04 -6.56
CA PHE F 16 25.58 -9.96 -5.48
C PHE F 16 27.07 -10.09 -5.21
N SER F 17 27.89 -9.28 -5.88
CA SER F 17 29.33 -9.35 -5.68
C SER F 17 29.73 -8.94 -4.27
N HIS F 18 29.06 -7.92 -3.71
CA HIS F 18 29.43 -7.36 -2.41
C HIS F 18 28.43 -7.73 -1.33
N LEU F 19 27.91 -8.95 -1.37
CA LEU F 19 26.93 -9.37 -0.38
C LEU F 19 27.53 -9.36 1.02
N SER F 20 26.80 -8.81 1.97
CA SER F 20 27.25 -8.71 3.35
C SER F 20 26.05 -8.81 4.26
N PHE F 21 26.23 -9.44 5.41
CA PHE F 21 25.14 -9.58 6.37
C PHE F 21 25.01 -8.37 7.28
N HIS F 22 25.81 -7.34 7.07
CA HIS F 22 25.64 -6.05 7.74
C HIS F 22 25.67 -4.97 6.67
N PRO F 23 24.58 -4.84 5.91
CA PRO F 23 24.57 -3.85 4.81
C PRO F 23 24.58 -2.43 5.33
N GLN F 24 25.30 -1.56 4.62
CA GLN F 24 25.42 -0.16 5.01
C GLN F 24 24.85 0.81 4.00
N THR F 25 24.60 0.38 2.77
CA THR F 25 24.00 1.22 1.74
C THR F 25 22.65 0.63 1.34
N GLY F 26 21.92 1.41 0.53
CA GLY F 26 20.63 0.95 0.06
C GLY F 26 20.72 -0.25 -0.87
N THR F 27 21.66 -0.21 -1.81
CA THR F 27 21.80 -1.34 -2.73
C THR F 27 22.33 -2.58 -2.02
N ALA F 28 23.20 -2.40 -1.03
CA ALA F 28 23.68 -3.54 -0.28
C ALA F 28 22.55 -4.23 0.47
N LEU F 29 21.61 -3.45 1.00
CA LEU F 29 20.48 -4.03 1.71
C LEU F 29 19.49 -4.67 0.73
N SER F 30 19.23 -4.01 -0.39
CA SER F 30 18.32 -4.59 -1.38
C SER F 30 18.91 -5.85 -2.01
N SER F 31 20.21 -5.85 -2.27
CA SER F 31 20.85 -7.05 -2.80
C SER F 31 20.80 -8.19 -1.79
N LEU F 32 21.05 -7.90 -0.52
CA LEU F 32 20.98 -8.93 0.51
C LEU F 32 19.55 -9.43 0.65
N PHE F 33 18.58 -8.52 0.56
CA PHE F 33 17.19 -8.92 0.74
C PHE F 33 16.73 -9.82 -0.41
N VAL F 34 17.14 -9.51 -1.63
CA VAL F 34 16.82 -10.35 -2.77
C VAL F 34 17.58 -11.67 -2.68
N ALA F 35 18.82 -11.64 -2.18
CA ALA F 35 19.58 -12.87 -1.99
C ALA F 35 18.90 -13.79 -0.99
N ILE F 36 18.38 -13.23 0.11
CA ILE F 36 17.64 -14.04 1.07
C ILE F 36 16.40 -14.64 0.41
N THR F 37 15.67 -13.82 -0.34
CA THR F 37 14.45 -14.30 -1.00
C THR F 37 14.76 -15.39 -2.03
N LEU F 38 15.84 -15.22 -2.81
CA LEU F 38 16.27 -16.30 -3.70
C LEU F 38 16.63 -17.56 -2.92
N THR F 39 17.38 -17.40 -1.83
CA THR F 39 17.79 -18.57 -1.04
C THR F 39 16.57 -19.29 -0.48
N VAL F 40 15.61 -18.56 0.05
CA VAL F 40 14.38 -19.17 0.53
C VAL F 40 13.66 -19.90 -0.59
N THR F 41 13.58 -19.27 -1.77
CA THR F 41 12.94 -19.92 -2.90
C THR F 41 13.67 -21.19 -3.29
N LEU F 42 15.01 -21.14 -3.37
CA LEU F 42 15.77 -22.31 -3.77
C LEU F 42 15.69 -23.43 -2.75
N LEU F 43 15.72 -23.09 -1.45
CA LEU F 43 15.63 -24.11 -0.41
C LEU F 43 14.28 -24.81 -0.46
N PHE F 44 13.20 -24.06 -0.72
CA PHE F 44 11.88 -24.67 -0.78
C PHE F 44 11.66 -25.45 -2.06
N ILE F 45 12.27 -25.03 -3.17
CA ILE F 45 12.27 -25.85 -4.37
C ILE F 45 13.00 -27.16 -4.13
N ALA F 46 14.13 -27.10 -3.42
CA ALA F 46 14.84 -28.33 -3.07
C ALA F 46 13.98 -29.20 -2.16
N TYR F 47 13.30 -28.59 -1.19
CA TYR F 47 12.39 -29.34 -0.33
C TYR F 47 11.24 -29.93 -1.16
N LEU F 48 10.70 -29.16 -2.09
CA LEU F 48 9.64 -29.67 -2.96
C LEU F 48 10.14 -30.80 -3.85
N LEU F 49 11.28 -30.60 -4.52
CA LEU F 49 11.79 -31.62 -5.41
C LEU F 49 12.27 -32.85 -4.66
N TYR F 50 12.77 -32.68 -3.44
CA TYR F 50 13.18 -33.84 -2.65
C TYR F 50 12.02 -34.78 -2.43
N LYS F 51 10.87 -34.24 -2.02
CA LYS F 51 9.69 -35.08 -1.78
C LYS F 51 9.01 -35.49 -3.07
N SER F 52 8.98 -34.60 -4.07
CA SER F 52 8.29 -34.92 -5.32
C SER F 52 8.96 -36.08 -6.06
N ILE F 53 10.31 -36.07 -6.11
CA ILE F 53 11.01 -37.17 -6.77
C ILE F 53 10.80 -38.48 -6.02
N ASP F 54 10.69 -38.41 -4.69
CA ASP F 54 10.41 -39.60 -3.91
C ASP F 54 9.07 -40.23 -4.33
N VAL F 55 8.08 -39.39 -4.62
CA VAL F 55 6.79 -39.89 -5.11
C VAL F 55 6.93 -40.47 -6.51
N VAL F 56 7.66 -39.78 -7.39
CA VAL F 56 7.74 -40.19 -8.79
C VAL F 56 8.44 -41.54 -8.92
N LEU F 57 9.48 -41.77 -8.12
CA LEU F 57 10.20 -43.04 -8.19
C LEU F 57 9.31 -44.20 -7.75
N LYS F 58 8.50 -44.01 -6.72
CA LYS F 58 7.61 -45.08 -6.28
C LYS F 58 6.63 -45.46 -7.38
N ILE F 59 6.03 -44.47 -8.04
CA ILE F 59 5.08 -44.74 -9.10
C ILE F 59 5.79 -45.33 -10.32
N ASN F 60 6.98 -44.81 -10.64
CA ASN F 60 7.67 -45.24 -11.86
C ASN F 60 8.02 -46.73 -11.80
N TRP F 61 8.51 -47.20 -10.65
CA TRP F 61 8.93 -48.59 -10.54
C TRP F 61 7.76 -49.55 -10.74
N LEU F 62 6.63 -49.27 -10.08
CA LEU F 62 5.50 -50.19 -10.19
C LEU F 62 4.87 -50.11 -11.58
N GLN F 63 4.92 -48.94 -12.22
CA GLN F 63 4.64 -48.89 -13.65
C GLN F 63 5.61 -49.75 -14.44
N LYS F 64 6.90 -49.72 -14.08
CA LYS F 64 7.90 -50.52 -14.77
C LYS F 64 7.66 -52.01 -14.56
N ALA F 65 6.88 -52.38 -13.55
CA ALA F 65 6.58 -53.77 -13.25
C ALA F 65 5.23 -54.24 -13.79
N LEU F 66 4.58 -53.46 -14.65
CA LEU F 66 3.26 -53.81 -15.14
C LEU F 66 3.08 -53.75 -16.66
N GLU F 67 4.00 -53.12 -17.41
CA GLU F 67 3.72 -52.96 -18.83
C GLU F 67 3.77 -54.27 -19.61
N PRO F 68 4.57 -55.29 -19.24
CA PRO F 68 4.48 -56.56 -19.98
C PRO F 68 3.21 -57.31 -19.68
N LEU F 69 2.46 -56.86 -18.69
CA LEU F 69 1.30 -57.61 -18.19
C LEU F 69 0.04 -57.20 -18.93
N GLU F 70 -0.64 -58.19 -19.50
CA GLU F 70 -1.92 -58.00 -20.17
C GLU F 70 -2.97 -58.80 -19.40
N ARG F 71 -4.25 -58.55 -19.71
CA ARG F 71 -5.34 -59.11 -18.92
C ARG F 71 -5.21 -60.61 -18.67
N LYS F 72 -4.89 -61.38 -19.70
CA LYS F 72 -4.86 -62.84 -19.57
C LYS F 72 -3.57 -63.36 -18.95
N ASP F 73 -2.57 -62.50 -18.74
CA ASP F 73 -1.30 -62.89 -18.14
C ASP F 73 -1.19 -62.49 -16.68
N VAL F 74 -2.28 -62.02 -16.07
CA VAL F 74 -2.23 -61.60 -14.67
C VAL F 74 -2.04 -62.81 -13.75
N ALA F 75 -2.75 -63.90 -14.03
CA ALA F 75 -2.69 -65.06 -13.14
C ALA F 75 -1.30 -65.67 -13.06
N GLN F 76 -0.64 -65.82 -14.21
CA GLN F 76 0.71 -66.39 -14.23
C GLN F 76 1.76 -65.44 -13.68
N LYS F 77 1.40 -64.18 -13.43
CA LYS F 77 2.33 -63.18 -12.94
C LYS F 77 1.89 -62.55 -11.63
N LYS F 78 0.76 -62.96 -11.07
CA LYS F 78 0.28 -62.38 -9.82
C LYS F 78 1.24 -62.65 -8.67
N GLU F 79 1.73 -63.89 -8.55
CA GLU F 79 2.51 -64.25 -7.39
C GLU F 79 3.94 -63.70 -7.48
N VAL F 80 4.53 -63.68 -8.67
CA VAL F 80 5.90 -63.21 -8.82
C VAL F 80 6.01 -61.73 -8.44
N LEU F 81 4.94 -60.96 -8.67
CA LEU F 81 4.95 -59.57 -8.25
C LEU F 81 5.04 -59.45 -6.75
N TYR F 82 4.34 -60.32 -6.01
CA TYR F 82 4.42 -60.31 -4.56
C TYR F 82 5.85 -60.54 -4.08
N GLN F 83 6.55 -61.49 -4.70
CA GLN F 83 7.97 -61.67 -4.40
C GLN F 83 8.78 -60.47 -4.89
N LEU F 84 8.44 -59.94 -6.07
CA LEU F 84 9.12 -58.75 -6.57
C LEU F 84 8.83 -57.54 -5.70
N ALA F 85 7.62 -57.45 -5.15
CA ALA F 85 7.32 -56.39 -4.20
C ALA F 85 8.15 -56.54 -2.94
N LYS F 86 8.32 -57.78 -2.44
CA LYS F 86 9.22 -58.03 -1.33
C LYS F 86 10.66 -57.65 -1.67
N SER F 87 11.02 -57.68 -2.96
CA SER F 87 12.42 -57.47 -3.34
C SER F 87 12.91 -56.08 -2.95
N LYS F 88 12.08 -55.06 -3.12
CA LYS F 88 12.47 -53.69 -2.80
C LYS F 88 11.98 -53.22 -1.44
N SER F 89 11.11 -54.00 -0.79
CA SER F 89 10.36 -53.54 0.38
C SER F 89 11.01 -53.96 1.69
N LYS F 90 12.34 -53.96 1.78
CA LYS F 90 13.00 -54.26 3.05
C LYS F 90 12.61 -53.16 4.03
N GLY F 91 11.68 -53.45 4.93
CA GLY F 91 11.05 -52.40 5.70
C GLY F 91 10.04 -51.67 4.84
N LYS F 92 10.25 -50.37 4.61
CA LYS F 92 9.37 -49.55 3.79
C LYS F 92 7.92 -49.70 4.24
N SER F 93 7.68 -49.20 5.46
CA SER F 93 6.39 -49.39 6.11
C SER F 93 5.23 -48.91 5.25
N LYS F 94 5.42 -47.87 4.45
CA LYS F 94 4.36 -47.35 3.60
C LYS F 94 4.90 -46.99 2.21
N GLY F 95 5.83 -47.80 1.71
CA GLY F 95 6.36 -47.60 0.38
C GLY F 95 5.46 -48.20 -0.69
N ILE F 96 5.92 -48.08 -1.94
CA ILE F 96 5.16 -48.63 -3.06
C ILE F 96 5.15 -50.16 -3.00
N GLY F 97 6.24 -50.77 -2.56
CA GLY F 97 6.26 -52.21 -2.39
C GLY F 97 5.23 -52.67 -1.36
N PHE F 98 5.08 -51.89 -0.28
CA PHE F 98 4.08 -52.21 0.73
C PHE F 98 2.67 -51.98 0.20
N LEU F 99 2.48 -50.95 -0.63
CA LEU F 99 1.15 -50.70 -1.18
C LEU F 99 0.69 -51.83 -2.08
N TRP F 100 1.61 -52.47 -2.80
CA TRP F 100 1.25 -53.66 -3.56
C TRP F 100 0.91 -54.82 -2.64
N MET F 101 1.46 -54.85 -1.43
CA MET F 101 1.18 -55.93 -0.51
C MET F 101 -0.31 -55.98 -0.18
N GLU F 102 -0.82 -54.95 0.49
CA GLU F 102 -2.21 -54.94 0.94
C GLU F 102 -3.17 -55.12 -0.23
N PHE F 103 -2.82 -54.64 -1.41
CA PHE F 103 -3.67 -54.85 -2.58
C PHE F 103 -3.77 -56.33 -2.93
N ASP F 104 -2.71 -57.09 -2.67
CA ASP F 104 -2.66 -58.48 -3.11
C ASP F 104 -3.68 -59.34 -2.38
N GLU F 105 -3.78 -59.20 -1.05
CA GLU F 105 -4.70 -60.05 -0.31
C GLU F 105 -6.16 -59.68 -0.53
N THR F 106 -6.44 -58.52 -1.12
CA THR F 106 -7.80 -58.11 -1.39
C THR F 106 -8.27 -58.52 -2.79
N LEU F 107 -7.41 -59.15 -3.58
CA LEU F 107 -7.78 -59.64 -4.91
C LEU F 107 -8.46 -60.99 -4.74
N VAL F 108 -9.79 -60.95 -4.61
CA VAL F 108 -10.56 -62.18 -4.48
C VAL F 108 -10.44 -63.00 -5.77
N GLU F 109 -10.49 -64.32 -5.61
CA GLU F 109 -10.33 -65.24 -6.72
C GLU F 109 -11.68 -65.86 -7.09
N VAL F 110 -12.02 -65.81 -8.37
CA VAL F 110 -13.21 -66.42 -8.92
C VAL F 110 -12.83 -67.28 -10.11
N ARG F 111 -13.69 -68.23 -10.43
CA ARG F 111 -13.45 -69.18 -11.51
C ARG F 111 -14.33 -68.79 -12.70
N LYS F 112 -13.71 -68.38 -13.79
CA LYS F 112 -14.42 -68.04 -15.02
C LYS F 112 -14.42 -69.22 -15.99
N GLY F 113 -15.06 -70.31 -15.55
CA GLY F 113 -15.14 -71.52 -16.34
C GLY F 113 -13.92 -72.40 -16.24
N ASP F 114 -12.85 -72.02 -16.93
CA ASP F 114 -11.60 -72.79 -16.89
C ASP F 114 -10.34 -71.95 -16.77
N GLN F 115 -10.41 -70.63 -16.92
CA GLN F 115 -9.23 -69.78 -16.91
C GLN F 115 -9.20 -68.96 -15.63
N ILE F 116 -8.05 -68.96 -14.95
CA ILE F 116 -7.90 -68.26 -13.68
C ILE F 116 -7.99 -66.76 -13.95
N GLU F 117 -8.97 -66.10 -13.33
CA GLU F 117 -9.17 -64.67 -13.46
C GLU F 117 -9.23 -64.04 -12.07
N ILE F 118 -8.64 -62.85 -11.95
CA ILE F 118 -8.47 -62.18 -10.68
C ILE F 118 -9.32 -60.90 -10.68
N ARG F 119 -10.16 -60.75 -9.67
CA ARG F 119 -10.96 -59.55 -9.47
C ARG F 119 -10.64 -58.96 -8.11
N ASN F 120 -10.97 -57.69 -7.95
CA ASN F 120 -10.82 -56.99 -6.68
C ASN F 120 -12.17 -56.54 -6.16
N THR F 121 -12.41 -56.78 -4.87
CA THR F 121 -13.70 -56.41 -4.28
C THR F 121 -13.83 -54.91 -4.10
N LEU F 122 -12.70 -54.20 -4.04
CA LEU F 122 -12.67 -52.75 -3.90
C LEU F 122 -12.19 -52.13 -5.21
N ASP F 123 -12.02 -50.82 -5.21
CA ASP F 123 -11.44 -50.10 -6.33
C ASP F 123 -9.99 -49.76 -6.03
N ALA F 124 -9.14 -49.87 -7.06
CA ALA F 124 -7.71 -49.67 -6.87
C ALA F 124 -7.36 -48.27 -6.39
N GLY F 125 -8.24 -47.29 -6.63
CA GLY F 125 -8.01 -45.96 -6.10
C GLY F 125 -8.01 -45.89 -4.59
N HIS F 126 -8.53 -46.92 -3.93
CA HIS F 126 -8.50 -46.97 -2.47
C HIS F 126 -7.10 -47.18 -1.92
N PHE F 127 -6.17 -47.69 -2.73
CA PHE F 127 -4.80 -47.96 -2.30
C PHE F 127 -3.75 -47.16 -3.04
N PHE F 128 -4.05 -46.66 -4.23
CA PHE F 128 -3.10 -45.91 -5.03
C PHE F 128 -3.70 -44.54 -5.33
N ASN F 129 -3.48 -43.60 -4.42
CA ASN F 129 -3.99 -42.24 -4.57
C ASN F 129 -2.95 -41.29 -3.97
N THR F 130 -3.33 -40.01 -3.86
CA THR F 130 -2.39 -39.02 -3.34
C THR F 130 -2.04 -39.30 -1.88
N TYR F 131 -3.01 -39.77 -1.10
CA TYR F 131 -2.76 -40.01 0.32
C TYR F 131 -1.72 -41.10 0.52
N THR F 132 -1.79 -42.18 -0.25
CA THR F 132 -0.87 -43.29 -0.08
C THR F 132 0.40 -43.16 -0.91
N LEU F 133 0.45 -42.20 -1.84
CA LEU F 133 1.60 -42.03 -2.72
C LEU F 133 2.29 -40.69 -2.58
N ALA F 134 1.53 -39.62 -2.40
CA ALA F 134 2.08 -38.26 -2.42
C ALA F 134 1.54 -37.42 -1.27
N ASN F 135 1.28 -38.05 -0.11
CA ASN F 135 0.75 -37.31 1.03
C ASN F 135 1.74 -36.26 1.53
N SER F 136 3.02 -36.39 1.20
CA SER F 136 4.03 -35.44 1.66
C SER F 136 4.07 -34.16 0.84
N VAL F 137 3.43 -34.12 -0.32
CA VAL F 137 3.47 -32.93 -1.17
C VAL F 137 2.08 -32.36 -1.41
N THR F 138 1.06 -33.22 -1.41
CA THR F 138 -0.28 -32.77 -1.77
C THR F 138 -0.90 -31.92 -0.68
N GLU F 139 -0.82 -32.36 0.57
CA GLU F 139 -1.42 -31.64 1.69
C GLU F 139 -0.38 -30.99 2.60
N ASN F 140 0.81 -30.74 2.08
CA ASN F 140 1.89 -30.15 2.87
C ASN F 140 1.58 -28.66 3.06
N ARG F 141 1.25 -28.28 4.30
CA ARG F 141 0.87 -26.89 4.56
C ARG F 141 2.07 -25.95 4.49
N LEU F 142 3.26 -26.44 4.82
CA LEU F 142 4.46 -25.63 4.68
C LEU F 142 4.70 -25.25 3.22
N ILE F 143 4.62 -26.23 2.32
CA ILE F 143 4.86 -25.98 0.90
C ILE F 143 3.79 -25.05 0.33
N ALA F 144 2.54 -25.25 0.73
CA ALA F 144 1.45 -24.39 0.24
C ALA F 144 1.57 -22.96 0.75
N ALA F 145 2.34 -22.74 1.81
CA ALA F 145 2.53 -21.40 2.35
C ALA F 145 3.74 -20.68 1.78
N VAL F 146 4.57 -21.36 0.98
CA VAL F 146 5.78 -20.72 0.45
C VAL F 146 5.46 -19.50 -0.41
N PRO F 147 4.49 -19.53 -1.33
CA PRO F 147 4.18 -18.29 -2.07
C PRO F 147 3.84 -17.12 -1.17
N GLY F 148 3.16 -17.39 -0.05
CA GLY F 148 2.88 -16.33 0.91
C GLY F 148 4.12 -15.82 1.62
N PHE F 149 5.06 -16.72 1.93
CA PHE F 149 6.32 -16.29 2.56
C PHE F 149 7.08 -15.33 1.66
N LEU F 150 7.23 -15.69 0.38
CA LEU F 150 8.04 -14.89 -0.54
C LEU F 150 7.38 -13.54 -0.83
N THR F 151 6.05 -13.52 -0.99
CA THR F 151 5.35 -12.26 -1.17
C THR F 151 5.50 -11.38 0.06
N ALA F 152 5.39 -11.96 1.25
CA ALA F 152 5.51 -11.18 2.47
C ALA F 152 6.94 -10.72 2.71
N LEU F 153 7.93 -11.50 2.26
CA LEU F 153 9.30 -11.01 2.25
C LEU F 153 9.41 -9.72 1.43
N GLY F 154 8.89 -9.73 0.21
CA GLY F 154 8.89 -8.52 -0.59
C GLY F 154 8.16 -7.37 0.07
N VAL F 155 7.06 -7.67 0.77
CA VAL F 155 6.34 -6.64 1.51
C VAL F 155 7.19 -6.10 2.66
N ILE F 156 7.92 -6.99 3.35
CA ILE F 156 8.81 -6.56 4.43
C ILE F 156 9.88 -5.62 3.89
N GLY F 157 10.43 -5.94 2.71
CA GLY F 157 11.42 -5.08 2.10
C GLY F 157 10.87 -3.70 1.76
N THR F 158 9.59 -3.61 1.41
CA THR F 158 8.99 -2.31 1.16
C THR F 158 8.94 -1.46 2.41
N PHE F 159 8.36 -1.98 3.50
CA PHE F 159 8.25 -1.18 4.71
C PHE F 159 9.61 -0.91 5.33
N MET F 160 10.53 -1.86 5.21
CA MET F 160 11.91 -1.61 5.62
C MET F 160 12.54 -0.51 4.78
N GLY F 161 12.40 -0.60 3.45
CA GLY F 161 12.99 0.40 2.58
C GLY F 161 12.38 1.78 2.76
N LEU F 162 11.04 1.84 2.82
CA LEU F 162 10.36 3.12 2.98
C LEU F 162 10.68 3.76 4.32
N GLN F 163 10.70 2.96 5.39
CA GLN F 163 11.03 3.50 6.71
C GLN F 163 12.44 4.06 6.75
N LEU F 164 13.40 3.35 6.15
CA LEU F 164 14.77 3.83 6.13
C LEU F 164 14.90 5.12 5.33
N GLY F 165 14.20 5.20 4.19
CA GLY F 165 14.23 6.42 3.41
C GLY F 165 13.62 7.60 4.14
N LEU F 166 12.47 7.39 4.77
CA LEU F 166 11.79 8.46 5.48
C LEU F 166 12.49 8.86 6.77
N ALA F 167 13.28 7.96 7.35
CA ALA F 167 13.96 8.28 8.61
C ALA F 167 15.05 9.32 8.41
N ASP F 168 15.62 9.40 7.22
CA ASP F 168 16.66 10.37 6.92
C ASP F 168 16.13 11.65 6.29
N LEU F 169 14.82 11.76 6.09
CA LEU F 169 14.22 12.95 5.49
C LEU F 169 13.96 13.95 6.61
N LYS F 170 14.84 14.94 6.73
CA LYS F 170 14.77 15.92 7.81
C LYS F 170 14.11 17.18 7.28
N LEU F 171 12.95 17.50 7.81
CA LEU F 171 12.23 18.74 7.56
C LEU F 171 12.21 19.54 8.86
N GLY F 172 11.50 20.65 8.86
CA GLY F 172 11.47 21.46 10.06
C GLY F 172 12.22 22.76 9.88
N ALA F 173 11.88 23.73 10.72
CA ALA F 173 12.46 25.06 10.61
C ALA F 173 13.96 25.01 10.78
N GLY F 174 14.69 25.67 9.88
CA GLY F 174 16.13 25.74 9.94
C GLY F 174 16.86 24.75 9.07
N VAL F 175 16.18 23.72 8.56
CA VAL F 175 16.83 22.74 7.70
C VAL F 175 17.09 23.37 6.34
N ASP F 176 18.33 23.28 5.87
CA ASP F 176 18.74 23.95 4.65
C ASP F 176 18.56 23.05 3.43
N VAL F 177 18.81 23.63 2.26
CA VAL F 177 18.56 22.94 0.99
C VAL F 177 19.45 21.71 0.87
N THR F 178 20.71 21.81 1.30
CA THR F 178 21.61 20.66 1.22
C THR F 178 21.08 19.50 2.06
N THR F 179 20.61 19.78 3.27
CA THR F 179 20.05 18.73 4.11
C THR F 179 18.76 18.18 3.52
N MET F 180 17.88 19.05 3.02
CA MET F 180 16.66 18.58 2.37
C MET F 180 16.99 17.78 1.12
N GLN F 181 17.97 18.23 0.34
CA GLN F 181 18.30 17.55 -0.89
C GLN F 181 18.86 16.16 -0.62
N ASP F 182 19.65 16.01 0.44
CA ASP F 182 20.14 14.70 0.85
C ASP F 182 19.03 13.83 1.39
N GLY F 183 18.04 14.43 2.06
CA GLY F 183 16.90 13.65 2.54
C GLY F 183 16.10 13.03 1.42
N VAL F 184 15.90 13.76 0.33
CA VAL F 184 15.20 13.22 -0.84
C VAL F 184 15.97 12.05 -1.43
N ALA F 185 17.29 12.18 -1.53
CA ALA F 185 18.10 11.09 -2.08
C ALA F 185 17.94 9.82 -1.24
N GLY F 186 17.93 9.97 0.09
CA GLY F 186 17.69 8.81 0.94
C GLY F 186 16.30 8.22 0.78
N VAL F 187 15.30 9.07 0.56
CA VAL F 187 13.94 8.58 0.36
C VAL F 187 13.84 7.81 -0.96
N VAL F 188 14.46 8.32 -2.02
CA VAL F 188 14.48 7.61 -3.30
C VAL F 188 15.23 6.30 -3.17
N ASN F 189 16.35 6.31 -2.43
CA ASN F 189 17.07 5.07 -2.17
C ASN F 189 16.19 4.09 -1.41
N GLY F 190 15.40 4.58 -0.45
CA GLY F 190 14.47 3.71 0.25
C GLY F 190 13.38 3.18 -0.67
N ALA F 191 12.87 4.02 -1.58
CA ALA F 191 11.89 3.56 -2.54
C ALA F 191 12.49 2.55 -3.52
N LYS F 192 13.77 2.71 -3.87
CA LYS F 192 14.43 1.72 -4.71
C LYS F 192 14.47 0.36 -4.03
N ILE F 193 14.80 0.33 -2.73
CA ILE F 193 14.76 -0.91 -1.97
C ILE F 193 13.35 -1.49 -1.98
N ALA F 194 12.35 -0.63 -1.76
CA ALA F 194 10.97 -1.10 -1.64
C ALA F 194 10.50 -1.80 -2.90
N PHE F 195 10.64 -1.13 -4.06
CA PHE F 195 10.10 -1.71 -5.28
C PHE F 195 10.94 -2.89 -5.76
N LEU F 196 12.26 -2.81 -5.62
CA LEU F 196 13.11 -3.89 -6.10
C LEU F 196 12.83 -5.19 -5.34
N THR F 197 12.66 -5.10 -4.02
CA THR F 197 12.35 -6.30 -3.24
C THR F 197 10.93 -6.81 -3.53
N SER F 198 10.01 -5.92 -3.90
CA SER F 198 8.69 -6.37 -4.31
C SER F 198 8.72 -7.08 -5.66
N VAL F 199 9.52 -6.57 -6.59
CA VAL F 199 9.66 -7.25 -7.89
C VAL F 199 10.10 -8.69 -7.68
N TRP F 200 11.15 -8.88 -6.91
CA TRP F 200 11.69 -10.22 -6.69
C TRP F 200 10.83 -11.03 -5.73
N GLY F 201 10.23 -10.37 -4.73
CA GLY F 201 9.37 -11.08 -3.81
C GLY F 201 8.17 -11.71 -4.51
N VAL F 202 7.54 -10.95 -5.40
CA VAL F 202 6.34 -11.45 -6.05
C VAL F 202 6.69 -12.37 -7.23
N ALA F 203 7.73 -12.03 -7.99
CA ALA F 203 8.12 -12.88 -9.11
C ALA F 203 8.56 -14.26 -8.65
N LEU F 204 9.34 -14.32 -7.58
CA LEU F 204 9.75 -15.61 -7.03
C LEU F 204 8.56 -16.33 -6.40
N SER F 205 7.64 -15.58 -5.79
CA SER F 205 6.44 -16.18 -5.24
C SER F 205 5.61 -16.84 -6.32
N VAL F 206 5.32 -16.11 -7.40
CA VAL F 206 4.45 -16.66 -8.45
C VAL F 206 5.18 -17.75 -9.21
N PHE F 207 6.52 -17.65 -9.32
CA PHE F 207 7.27 -18.73 -9.95
C PHE F 207 7.17 -20.01 -9.15
N PHE F 208 7.40 -19.94 -7.84
CA PHE F 208 7.23 -21.13 -7.01
C PHE F 208 5.77 -21.56 -6.98
N ASN F 209 4.85 -20.60 -6.89
CA ASN F 209 3.42 -20.89 -6.94
C ASN F 209 3.07 -21.72 -8.17
N PHE F 210 3.54 -21.29 -9.35
CA PHE F 210 3.24 -22.03 -10.58
C PHE F 210 4.02 -23.34 -10.63
N PHE F 211 5.29 -23.32 -10.25
CA PHE F 211 6.11 -24.52 -10.29
C PHE F 211 5.57 -25.59 -9.36
N GLU F 212 5.13 -25.21 -8.17
CA GLU F 212 4.64 -26.17 -7.20
C GLU F 212 3.39 -26.88 -7.70
N LYS F 213 2.42 -26.11 -8.22
CA LYS F 213 1.20 -26.71 -8.70
C LYS F 213 1.36 -27.41 -10.03
N LEU F 214 2.41 -27.08 -10.78
CA LEU F 214 2.74 -27.86 -11.97
C LEU F 214 3.27 -29.23 -11.58
N CYS F 215 4.04 -29.31 -10.49
CA CYS F 215 4.52 -30.59 -10.00
C CYS F 215 3.38 -31.46 -9.51
N GLU F 216 2.40 -30.87 -8.81
CA GLU F 216 1.28 -31.65 -8.31
C GLU F 216 0.44 -32.21 -9.46
N GLN F 217 0.17 -31.39 -10.48
CA GLN F 217 -0.58 -31.87 -11.64
C GLN F 217 0.17 -32.98 -12.35
N PHE F 218 1.49 -32.88 -12.43
CA PHE F 218 2.29 -33.94 -13.04
C PHE F 218 2.22 -35.22 -12.22
N ILE F 219 2.26 -35.11 -10.89
CA ILE F 219 2.20 -36.30 -10.05
C ILE F 219 0.82 -36.93 -10.11
N ARG F 220 -0.23 -36.12 -10.01
CA ARG F 220 -1.58 -36.65 -10.09
C ARG F 220 -1.85 -37.32 -11.43
N SER F 221 -1.22 -36.85 -12.50
CA SER F 221 -1.36 -37.51 -13.79
C SER F 221 -0.78 -38.92 -13.76
N LYS F 222 0.34 -39.09 -13.05
CA LYS F 222 0.94 -40.42 -12.94
C LYS F 222 0.15 -41.32 -11.99
N ILE F 223 -0.47 -40.75 -10.96
CA ILE F 223 -1.31 -41.55 -10.08
C ILE F 223 -2.53 -42.07 -10.84
N ARG F 224 -3.14 -41.22 -11.66
CA ARG F 224 -4.25 -41.68 -12.50
C ARG F 224 -3.79 -42.72 -13.51
N GLU F 225 -2.60 -42.54 -14.08
CA GLU F 225 -2.05 -43.55 -14.97
C GLU F 225 -1.78 -44.85 -14.22
N LEU F 226 -1.55 -44.76 -12.90
CA LEU F 226 -1.43 -45.96 -12.07
C LEU F 226 -2.79 -46.58 -11.79
N GLU F 227 -3.81 -45.76 -11.53
CA GLU F 227 -5.11 -46.30 -11.16
C GLU F 227 -5.75 -47.04 -12.34
N ASP F 228 -5.68 -46.46 -13.54
CA ASP F 228 -6.36 -47.06 -14.68
C ASP F 228 -5.67 -48.35 -15.13
N LYS F 229 -4.34 -48.39 -15.07
CA LYS F 229 -3.63 -49.59 -15.46
C LYS F 229 -3.91 -50.74 -14.50
N VAL F 230 -3.98 -50.44 -13.19
CA VAL F 230 -4.28 -51.49 -12.22
C VAL F 230 -5.73 -51.93 -12.34
N ASP F 231 -6.64 -50.97 -12.59
CA ASP F 231 -8.03 -51.32 -12.88
C ASP F 231 -8.13 -52.15 -14.15
N PHE F 232 -7.33 -51.81 -15.17
CA PHE F 232 -7.32 -52.59 -16.40
C PHE F 232 -6.86 -54.01 -16.13
N LEU F 233 -5.83 -54.18 -15.31
CA LEU F 233 -5.28 -55.51 -15.05
C LEU F 233 -6.11 -56.30 -14.03
N PHE F 234 -6.70 -55.62 -13.05
CA PHE F 234 -7.44 -56.27 -11.97
C PHE F 234 -8.83 -55.66 -11.88
N PRO F 235 -9.77 -56.11 -12.72
CA PRO F 235 -11.15 -55.62 -12.73
C PRO F 235 -11.86 -55.85 -11.41
N GLU G 4 27.50 6.04 -2.69
CA GLU G 4 26.13 5.91 -2.20
C GLU G 4 26.04 6.28 -0.73
N ARG G 5 24.90 6.84 -0.33
CA ARG G 5 24.69 7.21 1.06
C ARG G 5 24.71 5.97 1.95
N GLN G 6 25.16 6.15 3.18
CA GLN G 6 25.06 5.11 4.18
C GLN G 6 23.66 5.08 4.76
N ILE G 7 23.24 3.90 5.19
CA ILE G 7 21.97 3.71 5.87
C ILE G 7 22.25 3.18 7.27
N GLU G 8 21.26 3.36 8.16
CA GLU G 8 21.35 2.89 9.53
C GLU G 8 20.12 2.03 9.82
N LEU G 9 20.33 0.73 9.99
CA LEU G 9 19.21 -0.18 10.23
C LEU G 9 18.65 -0.07 11.64
N SER G 10 19.31 0.66 12.54
CA SER G 10 18.76 0.88 13.86
C SER G 10 17.50 1.73 13.84
N TRP G 11 17.21 2.41 12.72
CA TRP G 11 15.94 3.11 12.58
C TRP G 11 14.76 2.14 12.59
N LEU G 12 15.00 0.86 12.29
CA LEU G 12 13.97 -0.16 12.35
C LEU G 12 13.73 -0.69 13.75
N LEU G 13 14.62 -0.42 14.67
CA LEU G 13 14.47 -0.89 16.05
C LEU G 13 13.61 0.08 16.84
N PRO G 14 12.55 -0.40 17.49
CA PRO G 14 11.76 0.46 18.37
C PRO G 14 12.50 0.75 19.67
N ASP G 15 11.99 1.75 20.39
CA ASP G 15 12.55 2.17 21.67
C ASP G 15 11.60 1.67 22.76
N PHE G 16 11.99 0.59 23.43
CA PHE G 16 11.15 -0.04 24.44
C PHE G 16 11.39 0.49 25.84
N SER G 17 12.28 1.48 26.00
CA SER G 17 12.55 2.01 27.32
C SER G 17 11.35 2.76 27.90
N HIS G 18 10.68 3.57 27.09
CA HIS G 18 9.61 4.44 27.56
C HIS G 18 8.22 3.91 27.20
N LEU G 19 8.03 2.60 27.25
CA LEU G 19 6.73 2.04 26.90
C LEU G 19 5.65 2.49 27.86
N SER G 20 4.51 2.88 27.32
CA SER G 20 3.33 3.20 28.11
C SER G 20 2.11 3.09 27.21
N PHE G 21 0.96 2.93 27.82
CA PHE G 21 -0.30 2.91 27.09
C PHE G 21 -0.87 4.31 26.90
N HIS G 22 -0.08 5.35 27.17
CA HIS G 22 -0.45 6.73 26.86
C HIS G 22 0.71 7.36 26.12
N PRO G 23 0.89 7.00 24.85
CA PRO G 23 2.01 7.57 24.08
C PRO G 23 1.70 8.99 23.64
N GLN G 24 2.69 9.85 23.78
CA GLN G 24 2.56 11.24 23.38
C GLN G 24 3.33 11.60 22.12
N THR G 25 4.16 10.70 21.62
CA THR G 25 4.95 10.93 20.42
C THR G 25 4.78 9.76 19.46
N GLY G 26 5.18 10.00 18.22
CA GLY G 26 5.07 8.96 17.20
C GLY G 26 5.91 7.74 17.50
N THR G 27 7.13 7.95 17.99
CA THR G 27 8.00 6.82 18.29
C THR G 27 7.50 6.05 19.50
N ALA G 28 6.89 6.73 20.48
CA ALA G 28 6.26 6.01 21.59
C ALA G 28 5.12 5.14 21.09
N LEU G 29 4.31 5.65 20.17
CA LEU G 29 3.18 4.89 19.66
C LEU G 29 3.64 3.70 18.81
N SER G 30 4.63 3.92 17.94
CA SER G 30 5.12 2.82 17.11
C SER G 30 5.78 1.75 17.96
N SER G 31 6.49 2.15 19.02
CA SER G 31 7.10 1.15 19.89
C SER G 31 6.06 0.44 20.75
N LEU G 32 4.95 1.11 21.06
CA LEU G 32 3.83 0.43 21.72
C LEU G 32 3.22 -0.64 20.82
N PHE G 33 3.00 -0.31 19.55
CA PHE G 33 2.42 -1.30 18.63
C PHE G 33 3.37 -2.46 18.41
N VAL G 34 4.66 -2.19 18.28
CA VAL G 34 5.62 -3.26 18.06
C VAL G 34 5.75 -4.14 19.30
N ALA G 35 5.72 -3.52 20.49
CA ALA G 35 5.75 -4.28 21.73
C ALA G 35 4.54 -5.19 21.86
N ILE G 36 3.35 -4.66 21.53
CA ILE G 36 2.14 -5.49 21.58
C ILE G 36 2.25 -6.65 20.60
N THR G 37 2.68 -6.37 19.37
CA THR G 37 2.79 -7.41 18.36
C THR G 37 3.86 -8.43 18.76
N LEU G 38 4.98 -7.97 19.31
CA LEU G 38 5.99 -8.89 19.83
C LEU G 38 5.45 -9.71 20.99
N THR G 39 4.74 -9.07 21.92
CA THR G 39 4.19 -9.79 23.07
C THR G 39 3.17 -10.83 22.63
N VAL G 40 2.31 -10.48 21.68
CA VAL G 40 1.36 -11.44 21.13
C VAL G 40 2.11 -12.57 20.42
N THR G 41 3.15 -12.23 19.66
CA THR G 41 3.94 -13.26 18.99
C THR G 41 4.58 -14.19 20.01
N LEU G 42 5.23 -13.63 21.03
CA LEU G 42 5.93 -14.45 22.01
C LEU G 42 4.97 -15.34 22.78
N LEU G 43 3.80 -14.82 23.15
CA LEU G 43 2.83 -15.61 23.89
C LEU G 43 2.32 -16.79 23.08
N PHE G 44 2.03 -16.56 21.79
CA PHE G 44 1.53 -17.64 20.96
C PHE G 44 2.62 -18.62 20.55
N ILE G 45 3.88 -18.17 20.45
CA ILE G 45 4.98 -19.12 20.28
C ILE G 45 5.10 -20.01 21.51
N ALA G 46 5.01 -19.44 22.70
CA ALA G 46 5.08 -20.24 23.91
C ALA G 46 3.92 -21.23 23.97
N TYR G 47 2.72 -20.79 23.61
CA TYR G 47 1.57 -21.69 23.61
C TYR G 47 1.71 -22.77 22.56
N LEU G 48 2.18 -22.42 21.35
CA LEU G 48 2.43 -23.41 20.32
C LEU G 48 3.53 -24.37 20.73
N LEU G 49 4.61 -23.85 21.32
CA LEU G 49 5.71 -24.69 21.75
C LEU G 49 5.33 -25.55 22.95
N TYR G 50 4.44 -25.04 23.81
CA TYR G 50 4.02 -25.83 24.97
C TYR G 50 3.31 -27.11 24.54
N LYS G 51 2.43 -27.01 23.55
CA LYS G 51 1.76 -28.20 23.05
C LYS G 51 2.58 -28.97 22.02
N SER G 52 3.53 -28.31 21.37
CA SER G 52 4.41 -29.02 20.44
C SER G 52 5.40 -29.89 21.19
N ILE G 53 6.03 -29.34 22.23
CA ILE G 53 6.97 -30.13 23.03
C ILE G 53 6.26 -31.26 23.75
N ASP G 54 5.00 -31.05 24.12
CA ASP G 54 4.22 -32.11 24.74
C ASP G 54 4.14 -33.32 23.82
N VAL G 55 3.83 -33.09 22.54
CA VAL G 55 3.76 -34.17 21.58
C VAL G 55 5.13 -34.81 21.37
N VAL G 56 6.17 -33.98 21.25
CA VAL G 56 7.50 -34.50 20.94
C VAL G 56 8.04 -35.35 22.08
N LEU G 57 7.92 -34.87 23.32
CA LEU G 57 8.36 -35.68 24.46
C LEU G 57 7.53 -36.95 24.59
N LYS G 58 6.24 -36.85 24.25
CA LYS G 58 5.37 -38.02 24.31
C LYS G 58 5.79 -39.07 23.29
N ILE G 59 6.22 -38.64 22.11
CA ILE G 59 6.75 -39.57 21.11
C ILE G 59 8.15 -40.05 21.49
N ASN G 60 8.99 -39.14 21.99
CA ASN G 60 10.41 -39.45 22.18
C ASN G 60 10.61 -40.59 23.18
N TRP G 61 9.67 -40.76 24.11
CA TRP G 61 9.82 -41.82 25.11
C TRP G 61 9.79 -43.20 24.47
N LEU G 62 8.93 -43.39 23.46
CA LEU G 62 8.93 -44.65 22.73
C LEU G 62 10.23 -44.88 21.97
N GLN G 63 10.78 -43.84 21.37
CA GLN G 63 12.03 -43.99 20.60
C GLN G 63 13.15 -44.49 21.49
N LYS G 64 13.26 -43.96 22.71
CA LYS G 64 14.24 -44.48 23.65
C LYS G 64 13.87 -45.89 24.10
N ALA G 65 12.58 -46.20 24.18
CA ALA G 65 12.14 -47.53 24.60
C ALA G 65 12.28 -48.57 23.49
N LEU G 66 12.40 -48.16 22.23
CA LEU G 66 12.54 -49.08 21.11
C LEU G 66 13.93 -49.02 20.50
N GLU G 67 14.86 -48.26 21.07
CA GLU G 67 16.17 -48.11 20.45
C GLU G 67 16.97 -49.41 20.49
N PRO G 68 17.21 -50.06 21.69
CA PRO G 68 18.01 -51.28 21.73
C PRO G 68 17.18 -52.54 21.51
N LEU G 69 16.35 -52.53 20.48
CA LEU G 69 15.53 -53.69 20.10
C LEU G 69 15.77 -54.03 18.64
N GLU G 70 15.87 -55.32 18.37
CA GLU G 70 16.11 -55.84 17.03
C GLU G 70 15.01 -56.82 16.64
N ARG G 71 15.21 -57.48 15.50
CA ARG G 71 14.20 -58.40 14.99
C ARG G 71 14.12 -59.67 15.83
N LYS G 72 15.24 -60.11 16.39
CA LYS G 72 15.29 -61.41 17.06
C LYS G 72 14.84 -61.38 18.51
N ASP G 73 14.84 -60.22 19.16
CA ASP G 73 14.59 -60.14 20.60
C ASP G 73 13.16 -59.71 20.94
N VAL G 74 12.31 -59.48 19.95
CA VAL G 74 10.96 -58.97 20.22
C VAL G 74 10.15 -60.00 20.99
N ALA G 75 10.54 -61.27 20.91
CA ALA G 75 9.76 -62.35 21.53
C ALA G 75 9.61 -62.13 23.03
N GLN G 76 10.69 -61.73 23.70
CA GLN G 76 10.69 -61.56 25.14
C GLN G 76 10.67 -60.10 25.59
N LYS G 77 10.55 -59.17 24.65
CA LYS G 77 10.35 -57.76 24.98
C LYS G 77 8.88 -57.36 25.05
N LYS G 78 7.96 -58.31 24.88
CA LYS G 78 6.53 -57.99 24.89
C LYS G 78 6.11 -57.41 26.23
N GLU G 79 6.54 -58.03 27.34
CA GLU G 79 6.14 -57.60 28.67
C GLU G 79 7.20 -56.77 29.38
N VAL G 80 8.46 -56.84 28.96
CA VAL G 80 9.47 -55.96 29.53
C VAL G 80 9.15 -54.51 29.19
N LEU G 81 8.63 -54.27 27.99
CA LEU G 81 8.17 -52.94 27.62
C LEU G 81 6.81 -52.63 28.23
N TYR G 82 6.09 -53.64 28.70
CA TYR G 82 4.74 -53.43 29.23
C TYR G 82 4.78 -52.62 30.52
N GLN G 83 5.72 -52.91 31.42
CA GLN G 83 5.79 -52.17 32.67
C GLN G 83 6.35 -50.77 32.49
N LEU G 84 7.22 -50.58 31.49
CA LEU G 84 7.68 -49.23 31.16
C LEU G 84 6.52 -48.36 30.68
N ALA G 85 5.62 -48.95 29.90
CA ALA G 85 4.43 -48.21 29.48
C ALA G 85 3.44 -48.06 30.62
N LYS G 86 3.30 -49.09 31.46
CA LYS G 86 2.35 -49.04 32.55
C LYS G 86 2.72 -47.98 33.57
N SER G 87 4.00 -47.88 33.91
CA SER G 87 4.44 -46.93 34.93
C SER G 87 4.19 -45.50 34.51
N LYS G 88 4.25 -45.21 33.22
CA LYS G 88 4.08 -43.87 32.70
C LYS G 88 2.63 -43.55 32.32
N SER G 89 1.73 -44.53 32.42
CA SER G 89 0.34 -44.37 32.03
C SER G 89 -0.59 -44.28 33.23
N LYS G 90 -0.15 -43.60 34.29
CA LYS G 90 -0.94 -43.44 35.52
C LYS G 90 -2.07 -42.45 35.27
N GLY G 91 -3.27 -42.97 35.07
CA GLY G 91 -4.47 -42.16 34.93
C GLY G 91 -4.62 -41.47 33.60
N LYS G 92 -3.50 -41.15 32.96
CA LYS G 92 -3.51 -40.50 31.66
C LYS G 92 -4.30 -41.32 30.65
N SER G 93 -5.17 -40.64 29.91
CA SER G 93 -6.27 -41.31 29.21
C SER G 93 -5.87 -41.81 27.83
N LYS G 94 -5.45 -40.90 26.97
CA LYS G 94 -5.13 -41.22 25.58
C LYS G 94 -3.78 -40.61 25.21
N GLY G 95 -2.81 -40.79 26.09
CA GLY G 95 -1.44 -40.40 25.79
C GLY G 95 -0.66 -41.55 25.22
N ILE G 96 0.67 -41.44 25.31
CA ILE G 96 1.53 -42.47 24.72
C ILE G 96 1.45 -43.75 25.53
N GLY G 97 1.23 -43.64 26.84
CA GLY G 97 1.18 -44.83 27.69
C GLY G 97 0.01 -45.72 27.37
N PHE G 98 -1.17 -45.14 27.18
CA PHE G 98 -2.36 -45.95 26.92
C PHE G 98 -2.38 -46.49 25.50
N LEU G 99 -1.71 -45.81 24.56
CA LEU G 99 -1.66 -46.31 23.19
C LEU G 99 -0.93 -47.64 23.09
N TRP G 100 0.14 -47.82 23.86
CA TRP G 100 0.77 -49.13 23.94
C TRP G 100 -0.15 -50.15 24.62
N MET G 101 -0.96 -49.70 25.58
CA MET G 101 -1.96 -50.58 26.17
C MET G 101 -2.97 -51.04 25.13
N GLU G 102 -3.42 -50.11 24.28
CA GLU G 102 -4.34 -50.44 23.21
C GLU G 102 -3.65 -51.21 22.09
N PHE G 103 -2.34 -50.99 21.93
CA PHE G 103 -1.60 -51.66 20.86
C PHE G 103 -1.32 -53.12 21.19
N ASP G 104 -1.11 -53.42 22.47
CA ASP G 104 -0.70 -54.76 22.87
C ASP G 104 -1.77 -55.80 22.56
N GLU G 105 -3.04 -55.45 22.77
CA GLU G 105 -4.11 -56.44 22.63
C GLU G 105 -4.27 -56.87 21.17
N THR G 106 -3.78 -56.06 20.23
CA THR G 106 -3.92 -56.35 18.80
C THR G 106 -2.69 -57.04 18.23
N LEU G 107 -1.94 -57.79 19.05
CA LEU G 107 -0.76 -58.51 18.62
C LEU G 107 -1.02 -60.01 18.65
N VAL G 108 -0.74 -60.67 17.53
CA VAL G 108 -1.08 -62.08 17.36
C VAL G 108 0.18 -62.88 17.05
N GLU G 109 0.19 -64.11 17.55
CA GLU G 109 1.34 -65.02 17.42
C GLU G 109 1.21 -65.85 16.15
N VAL G 110 2.35 -66.12 15.52
CA VAL G 110 2.39 -66.84 14.25
C VAL G 110 2.36 -68.34 14.51
N ARG G 111 1.66 -69.07 13.64
CA ARG G 111 1.37 -70.49 13.85
C ARG G 111 2.58 -71.41 13.74
N LYS G 112 3.81 -70.87 13.60
CA LYS G 112 4.96 -71.76 13.42
C LYS G 112 5.20 -72.62 14.66
N GLY G 113 4.69 -72.21 15.82
CA GLY G 113 4.82 -73.00 17.03
C GLY G 113 6.15 -72.83 17.72
N ASP G 114 7.22 -73.35 17.11
CA ASP G 114 8.57 -73.13 17.63
C ASP G 114 9.04 -71.72 17.28
N GLN G 115 9.73 -71.09 18.23
CA GLN G 115 10.19 -69.71 18.12
C GLN G 115 9.00 -68.75 18.18
N ILE G 116 9.16 -67.62 18.85
CA ILE G 116 8.06 -66.69 19.08
C ILE G 116 8.23 -65.48 18.16
N GLU G 117 7.25 -65.28 17.28
CA GLU G 117 7.21 -64.12 16.39
C GLU G 117 5.84 -63.48 16.51
N ILE G 118 5.80 -62.15 16.44
CA ILE G 118 4.59 -61.39 16.72
C ILE G 118 4.24 -60.54 15.49
N ARG G 119 2.94 -60.41 15.23
CA ARG G 119 2.39 -59.66 14.11
C ARG G 119 1.27 -58.74 14.60
N ASN G 120 0.63 -58.07 13.65
CA ASN G 120 -0.51 -57.20 13.92
C ASN G 120 -1.70 -57.62 13.08
N THR G 121 -2.89 -57.31 13.58
CA THR G 121 -4.13 -57.50 12.84
C THR G 121 -4.56 -56.23 12.10
N LEU G 122 -3.81 -55.14 12.24
CA LEU G 122 -4.16 -53.89 11.57
C LEU G 122 -2.90 -53.03 11.51
N ASP G 123 -2.87 -52.13 10.54
CA ASP G 123 -1.70 -51.28 10.34
C ASP G 123 -1.54 -50.29 11.49
N ALA G 124 -0.29 -49.87 11.72
CA ALA G 124 0.03 -48.98 12.83
C ALA G 124 -0.46 -47.56 12.62
N GLY G 125 -0.96 -47.22 11.42
CA GLY G 125 -1.50 -45.90 11.20
C GLY G 125 -2.68 -45.59 12.10
N HIS G 126 -3.54 -46.59 12.32
CA HIS G 126 -4.70 -46.42 13.19
C HIS G 126 -4.30 -46.25 14.65
N PHE G 127 -3.05 -46.51 15.01
CA PHE G 127 -2.59 -46.44 16.39
C PHE G 127 -1.72 -45.22 16.67
N PHE G 128 -0.89 -44.81 15.70
CA PHE G 128 0.06 -43.73 15.90
C PHE G 128 -0.02 -42.79 14.70
N ASN G 129 -0.74 -41.68 14.86
CA ASN G 129 -0.88 -40.70 13.80
C ASN G 129 -1.15 -39.33 14.41
N THR G 130 -1.30 -38.32 13.54
CA THR G 130 -1.52 -36.96 14.02
C THR G 130 -2.82 -36.85 14.81
N TYR G 131 -3.88 -37.50 14.33
CA TYR G 131 -5.17 -37.44 15.02
C TYR G 131 -5.08 -38.00 16.42
N THR G 132 -4.11 -38.87 16.68
CA THR G 132 -3.99 -39.50 17.98
C THR G 132 -2.89 -38.88 18.83
N LEU G 133 -1.74 -38.58 18.23
CA LEU G 133 -0.59 -38.07 18.97
C LEU G 133 -0.54 -36.55 19.02
N ALA G 134 -0.98 -35.86 17.97
CA ALA G 134 -0.79 -34.42 17.87
C ALA G 134 -2.04 -33.71 17.34
N ASN G 135 -3.22 -34.24 17.65
CA ASN G 135 -4.45 -33.58 17.21
C ASN G 135 -4.66 -32.24 17.88
N SER G 136 -3.92 -31.94 18.94
CA SER G 136 -4.05 -30.68 19.62
C SER G 136 -3.37 -29.53 18.88
N VAL G 137 -2.33 -29.80 18.10
CA VAL G 137 -1.61 -28.75 17.39
C VAL G 137 -1.93 -28.72 15.90
N THR G 138 -2.23 -29.86 15.28
CA THR G 138 -2.42 -29.87 13.83
C THR G 138 -3.67 -29.10 13.42
N GLU G 139 -4.80 -29.35 14.07
CA GLU G 139 -6.06 -28.71 13.74
C GLU G 139 -6.33 -27.46 14.56
N ASN G 140 -5.42 -27.07 15.45
CA ASN G 140 -5.65 -25.94 16.35
C ASN G 140 -5.96 -24.68 15.55
N ARG G 141 -7.20 -24.22 15.65
CA ARG G 141 -7.66 -23.16 14.76
C ARG G 141 -7.32 -21.78 15.34
N LEU G 142 -7.14 -21.70 16.65
CA LEU G 142 -6.57 -20.49 17.26
C LEU G 142 -5.13 -20.26 16.80
N ILE G 143 -4.33 -21.32 16.74
CA ILE G 143 -2.96 -21.20 16.26
C ILE G 143 -2.93 -20.75 14.81
N ALA G 144 -3.82 -21.32 13.98
CA ALA G 144 -3.84 -20.97 12.57
C ALA G 144 -4.29 -19.53 12.33
N ALA G 145 -4.91 -18.90 13.32
CA ALA G 145 -5.35 -17.51 13.20
C ALA G 145 -4.34 -16.50 13.72
N VAL G 146 -3.24 -16.95 14.32
CA VAL G 146 -2.28 -16.02 14.90
C VAL G 146 -1.66 -15.11 13.86
N PRO G 147 -1.19 -15.60 12.70
CA PRO G 147 -0.67 -14.65 11.69
C PRO G 147 -1.68 -13.60 11.27
N GLY G 148 -2.97 -13.95 11.23
CA GLY G 148 -3.99 -12.96 10.97
C GLY G 148 -4.10 -11.94 12.09
N PHE G 149 -3.93 -12.39 13.33
CA PHE G 149 -3.90 -11.46 14.45
C PHE G 149 -2.78 -10.44 14.30
N LEU G 150 -1.56 -10.93 14.02
CA LEU G 150 -0.41 -10.03 13.96
C LEU G 150 -0.50 -9.13 12.75
N THR G 151 -0.98 -9.66 11.62
CA THR G 151 -1.18 -8.83 10.43
C THR G 151 -2.09 -7.65 10.72
N ALA G 152 -3.25 -7.92 11.32
CA ALA G 152 -4.22 -6.87 11.55
C ALA G 152 -3.77 -5.90 12.64
N LEU G 153 -2.95 -6.33 13.59
CA LEU G 153 -2.35 -5.40 14.54
C LEU G 153 -1.46 -4.40 13.84
N GLY G 154 -0.64 -4.87 12.89
CA GLY G 154 0.17 -3.96 12.10
C GLY G 154 -0.66 -3.05 11.21
N VAL G 155 -1.78 -3.57 10.71
CA VAL G 155 -2.68 -2.75 9.88
C VAL G 155 -3.32 -1.65 10.70
N ILE G 156 -3.70 -1.93 11.95
CA ILE G 156 -4.22 -0.88 12.82
C ILE G 156 -3.16 0.20 13.05
N GLY G 157 -1.93 -0.23 13.31
CA GLY G 157 -0.85 0.75 13.46
C GLY G 157 -0.59 1.52 12.18
N THR G 158 -0.73 0.87 11.04
CA THR G 158 -0.55 1.56 9.76
C THR G 158 -1.62 2.61 9.55
N PHE G 159 -2.89 2.24 9.76
CA PHE G 159 -3.97 3.21 9.59
C PHE G 159 -3.86 4.34 10.60
N MET G 160 -3.56 4.02 11.85
CA MET G 160 -3.44 5.06 12.88
C MET G 160 -2.30 6.02 12.55
N GLY G 161 -1.16 5.49 12.14
CA GLY G 161 -0.04 6.35 11.80
C GLY G 161 -0.34 7.26 10.62
N LEU G 162 -0.93 6.69 9.56
CA LEU G 162 -1.21 7.49 8.37
C LEU G 162 -2.25 8.57 8.64
N GLN G 163 -3.23 8.26 9.48
CA GLN G 163 -4.23 9.28 9.81
C GLN G 163 -3.75 10.24 10.90
N LEU G 164 -2.69 9.91 11.62
CA LEU G 164 -1.95 10.94 12.36
C LEU G 164 -1.25 11.90 11.41
N GLY G 165 -0.68 11.38 10.32
CA GLY G 165 -0.11 12.25 9.31
C GLY G 165 -1.16 13.10 8.63
N LEU G 166 -2.36 12.56 8.42
CA LEU G 166 -3.44 13.33 7.85
C LEU G 166 -3.83 14.49 8.75
N ALA G 167 -3.84 14.27 10.07
CA ALA G 167 -4.21 15.33 10.99
C ALA G 167 -3.20 16.48 10.98
N ASP G 168 -1.93 16.18 10.73
CA ASP G 168 -0.90 17.20 10.78
C ASP G 168 -0.91 18.12 9.58
N LEU G 169 -1.55 17.72 8.48
CA LEU G 169 -1.57 18.52 7.26
C LEU G 169 -2.22 19.87 7.51
N LYS G 170 -1.58 20.91 7.01
CA LYS G 170 -2.09 22.28 7.08
C LYS G 170 -2.33 22.72 5.64
N LEU G 171 -3.58 22.72 5.21
CA LEU G 171 -3.98 23.04 3.85
C LEU G 171 -4.86 24.28 3.87
N GLY G 172 -5.35 24.64 2.69
CA GLY G 172 -6.16 25.83 2.52
C GLY G 172 -5.35 27.01 2.02
N ALA G 173 -6.06 28.00 1.50
CA ALA G 173 -5.41 29.20 1.00
C ALA G 173 -4.88 30.04 2.16
N GLY G 174 -3.87 30.86 1.85
CA GLY G 174 -3.28 31.73 2.84
C GLY G 174 -2.54 31.02 3.96
N VAL G 175 -1.74 30.00 3.62
CA VAL G 175 -0.94 29.26 4.59
C VAL G 175 0.52 29.45 4.21
N ASP G 176 1.34 29.83 5.18
CA ASP G 176 2.73 30.11 4.90
C ASP G 176 3.50 28.82 4.62
N VAL G 177 4.69 28.99 4.05
CA VAL G 177 5.51 27.84 3.66
C VAL G 177 5.95 27.06 4.90
N THR G 178 6.33 27.75 5.97
CA THR G 178 6.79 27.08 7.17
C THR G 178 5.70 26.20 7.77
N THR G 179 4.46 26.69 7.78
CA THR G 179 3.36 25.90 8.30
C THR G 179 3.07 24.69 7.41
N MET G 180 3.08 24.89 6.09
CA MET G 180 2.90 23.76 5.18
C MET G 180 4.07 22.79 5.27
N GLN G 181 5.28 23.32 5.48
CA GLN G 181 6.43 22.46 5.70
C GLN G 181 6.24 21.60 6.95
N ASP G 182 5.72 22.20 8.03
CA ASP G 182 5.47 21.44 9.25
C ASP G 182 4.40 20.38 9.03
N GLY G 183 3.38 20.70 8.23
CA GLY G 183 2.38 19.70 7.90
C GLY G 183 2.96 18.53 7.13
N VAL G 184 3.89 18.79 6.23
CA VAL G 184 4.54 17.70 5.50
C VAL G 184 5.43 16.89 6.43
N ALA G 185 6.11 17.55 7.35
CA ALA G 185 6.89 16.84 8.35
C ALA G 185 6.00 15.95 9.22
N GLY G 186 4.79 16.42 9.52
CA GLY G 186 3.85 15.57 10.24
C GLY G 186 3.42 14.36 9.44
N VAL G 187 3.22 14.54 8.13
CA VAL G 187 2.90 13.41 7.25
C VAL G 187 4.03 12.41 7.24
N VAL G 188 5.27 12.90 7.12
CA VAL G 188 6.42 12.01 7.19
C VAL G 188 6.46 11.31 8.54
N ASN G 189 6.17 12.05 9.62
CA ASN G 189 6.16 11.46 10.95
C ASN G 189 5.11 10.37 11.07
N GLY G 190 3.91 10.61 10.54
CA GLY G 190 2.87 9.59 10.58
C GLY G 190 3.22 8.37 9.74
N ALA G 191 3.79 8.61 8.55
CA ALA G 191 4.18 7.50 7.70
C ALA G 191 5.26 6.64 8.34
N LYS G 192 6.16 7.23 9.11
CA LYS G 192 7.18 6.44 9.81
C LYS G 192 6.55 5.53 10.86
N ILE G 193 5.53 6.01 11.57
CA ILE G 193 4.78 5.14 12.47
C ILE G 193 4.14 3.99 11.69
N ALA G 194 3.50 4.32 10.56
CA ALA G 194 2.78 3.31 9.81
C ALA G 194 3.71 2.23 9.29
N PHE G 195 4.87 2.62 8.74
CA PHE G 195 5.77 1.64 8.17
C PHE G 195 6.55 0.86 9.22
N LEU G 196 6.86 1.50 10.36
CA LEU G 196 7.54 0.79 11.43
C LEU G 196 6.66 -0.31 12.01
N THR G 197 5.38 0.00 12.25
CA THR G 197 4.48 -1.03 12.76
C THR G 197 4.19 -2.09 11.71
N SER G 198 4.13 -1.70 10.43
CA SER G 198 3.87 -2.65 9.37
C SER G 198 5.01 -3.65 9.21
N VAL G 199 6.26 -3.17 9.23
CA VAL G 199 7.38 -4.06 8.97
C VAL G 199 7.49 -5.10 10.08
N TRP G 200 7.20 -4.70 11.32
CA TRP G 200 7.21 -5.66 12.42
C TRP G 200 5.98 -6.55 12.41
N GLY G 201 4.82 -5.99 12.07
CA GLY G 201 3.62 -6.80 12.00
C GLY G 201 3.73 -7.89 10.95
N VAL G 202 4.20 -7.54 9.76
CA VAL G 202 4.35 -8.53 8.70
C VAL G 202 5.45 -9.51 9.04
N ALA G 203 6.61 -9.02 9.46
CA ALA G 203 7.75 -9.91 9.73
C ALA G 203 7.42 -10.90 10.82
N LEU G 204 6.76 -10.45 11.89
CA LEU G 204 6.39 -11.36 12.97
C LEU G 204 5.32 -12.34 12.52
N SER G 205 4.37 -11.86 11.70
CA SER G 205 3.33 -12.73 11.16
C SER G 205 3.93 -13.83 10.29
N VAL G 206 4.87 -13.48 9.42
CA VAL G 206 5.51 -14.49 8.57
C VAL G 206 6.33 -15.44 9.43
N PHE G 207 7.06 -14.91 10.41
CA PHE G 207 7.87 -15.76 11.27
C PHE G 207 7.00 -16.80 11.97
N PHE G 208 5.91 -16.37 12.60
CA PHE G 208 5.02 -17.32 13.25
C PHE G 208 4.40 -18.28 12.24
N ASN G 209 3.97 -17.77 11.09
CA ASN G 209 3.37 -18.62 10.07
C ASN G 209 4.34 -19.70 9.62
N PHE G 210 5.60 -19.35 9.41
CA PHE G 210 6.59 -20.35 9.01
C PHE G 210 6.95 -21.27 10.16
N PHE G 211 7.16 -20.70 11.34
CA PHE G 211 7.53 -21.51 12.50
C PHE G 211 6.44 -22.50 12.87
N GLU G 212 5.18 -22.07 12.80
CA GLU G 212 4.06 -22.96 13.10
C GLU G 212 4.02 -24.13 12.12
N LYS G 213 4.17 -23.86 10.84
CA LYS G 213 4.15 -24.91 9.83
C LYS G 213 5.43 -25.72 9.80
N LEU G 214 6.52 -25.18 10.33
CA LEU G 214 7.73 -25.97 10.52
C LEU G 214 7.56 -26.96 11.66
N CYS G 215 6.89 -26.54 12.74
CA CYS G 215 6.61 -27.45 13.86
C CYS G 215 5.70 -28.58 13.42
N GLU G 216 4.72 -28.29 12.57
CA GLU G 216 3.82 -29.33 12.08
C GLU G 216 4.58 -30.40 11.31
N GLN G 217 5.50 -29.99 10.43
CA GLN G 217 6.26 -30.95 9.65
C GLN G 217 7.25 -31.71 10.52
N PHE G 218 7.82 -31.05 11.52
CA PHE G 218 8.73 -31.75 12.43
C PHE G 218 7.99 -32.83 13.23
N ILE G 219 6.79 -32.51 13.71
CA ILE G 219 6.00 -33.50 14.43
C ILE G 219 5.60 -34.64 13.51
N ARG G 220 5.18 -34.33 12.29
CA ARG G 220 4.85 -35.37 11.33
C ARG G 220 6.05 -36.24 11.00
N SER G 221 7.25 -35.66 10.96
CA SER G 221 8.44 -36.48 10.74
C SER G 221 8.69 -37.41 11.93
N LYS G 222 8.36 -36.97 13.14
CA LYS G 222 8.53 -37.83 14.31
C LYS G 222 7.47 -38.91 14.38
N ILE G 223 6.24 -38.60 13.94
CA ILE G 223 5.18 -39.61 13.91
C ILE G 223 5.49 -40.69 12.90
N ARG G 224 6.02 -40.32 11.73
CA ARG G 224 6.41 -41.34 10.76
C ARG G 224 7.54 -42.21 11.28
N GLU G 225 8.39 -41.66 12.14
CA GLU G 225 9.44 -42.47 12.76
C GLU G 225 8.86 -43.56 13.65
N LEU G 226 7.81 -43.25 14.40
CA LEU G 226 7.10 -44.30 15.14
C LEU G 226 6.46 -45.29 14.17
N GLU G 227 5.77 -44.79 13.16
CA GLU G 227 5.12 -45.66 12.18
C GLU G 227 6.13 -46.61 11.55
N ASP G 228 7.32 -46.10 11.21
CA ASP G 228 8.33 -46.94 10.60
C ASP G 228 8.91 -47.93 11.60
N LYS G 229 9.26 -47.47 12.80
CA LYS G 229 9.94 -48.34 13.76
C LYS G 229 9.00 -49.38 14.34
N VAL G 230 7.78 -48.97 14.71
CA VAL G 230 6.83 -49.91 15.30
C VAL G 230 6.44 -50.99 14.30
N ASP G 231 6.15 -50.60 13.05
CA ASP G 231 5.75 -51.60 12.06
C ASP G 231 6.92 -52.47 11.63
N PHE G 232 8.14 -51.93 11.65
CA PHE G 232 9.31 -52.75 11.35
C PHE G 232 9.49 -53.85 12.38
N LEU G 233 9.33 -53.52 13.67
CA LEU G 233 9.47 -54.51 14.71
C LEU G 233 8.22 -55.40 14.83
N PHE G 234 7.05 -54.88 14.46
CA PHE G 234 5.80 -55.61 14.57
C PHE G 234 5.08 -55.58 13.23
N PRO G 235 5.42 -56.51 12.31
CA PRO G 235 4.76 -56.61 11.00
C PRO G 235 3.26 -56.89 11.12
NA NA H . -14.11 0.85 -5.12
NA NA I . 9.41 -4.59 -1.38
#